data_5F37
#
_entry.id   5F37
#
_cell.length_a   57.330
_cell.length_b   102.430
_cell.length_c   142.460
_cell.angle_alpha   90.00
_cell.angle_beta   99.83
_cell.angle_gamma   90.00
#
_symmetry.space_group_name_H-M   'P 1 21 1'
#
loop_
_entity.id
_entity.type
_entity.pdbx_description
1 polymer 'Lysine-specific demethylase 4A'
2 non-polymer 'ZINC ION'
3 non-polymer 3H-pyrido[3,4-d]pyrimidin-4-one
4 non-polymer 1,2-ETHANEDIOL
5 non-polymer 'DIMETHYL SULFOXIDE'
6 water water
#
_entity_poly.entity_id   1
_entity_poly.type   'polypeptide(L)'
_entity_poly.pdbx_seq_one_letter_code
;SMASESETLNPSARIMTFYPTMEEFRNFSRYIAYIESQGAHRAGLAKVVPPKEWKPRASYDDIDDLVIPAPIQQLVTGQS
GLFTQYNIQKKAMTVREFRKIANSDKYCTPRYSEFEELERKYWKNLTFNPPIYGADVNGTLYEKHVDEWNIGRLRTILDL
VEKESGITIEGVNTPYLYFGMWKTSFAWHTEDMDLYSINYLHFGEPKSWYSVPPEHGKRLERLAKGFFPGSAQSCEAFLR
HKMTLISPLMLKKYGIPFDKVTQEAGEFMITFPYGYHAGFNHGFNCAESTNFATRRWIEYGKQAVLCSCRKDMVKISMDV
FVRKFQPERYKLWKAGKDNTVIDHTLPTPEAAEFLKESEL
;
_entity_poly.pdbx_strand_id   A,B,C,D
#
# COMPACT_ATOMS: atom_id res chain seq x y z
N SER A 6 -21.51 -8.03 28.85
CA SER A 6 -21.54 -9.34 28.16
C SER A 6 -22.86 -10.09 28.40
N GLU A 7 -23.44 -9.98 29.63
CA GLU A 7 -24.72 -10.62 29.98
C GLU A 7 -25.94 -9.94 29.31
N THR A 8 -25.77 -8.68 28.85
CA THR A 8 -26.79 -7.89 28.17
C THR A 8 -27.00 -8.31 26.71
N LEU A 9 -25.92 -8.78 26.02
CA LEU A 9 -25.97 -9.22 24.62
C LEU A 9 -26.48 -10.64 24.52
N ASN A 10 -27.41 -10.88 23.59
CA ASN A 10 -28.03 -12.19 23.38
C ASN A 10 -28.46 -12.85 24.74
N PRO A 11 -29.30 -12.16 25.58
CA PRO A 11 -29.65 -12.69 26.91
C PRO A 11 -30.36 -14.05 26.93
N SER A 12 -31.06 -14.42 25.85
CA SER A 12 -31.69 -15.73 25.77
C SER A 12 -30.78 -16.77 25.12
N ALA A 13 -29.54 -16.37 24.76
CA ALA A 13 -28.51 -17.22 24.15
C ALA A 13 -29.06 -18.01 22.94
N ARG A 14 -29.79 -17.28 22.05
CA ARG A 14 -30.41 -17.77 20.82
C ARG A 14 -29.36 -17.84 19.74
N ILE A 15 -29.54 -18.76 18.77
CA ILE A 15 -28.62 -18.89 17.63
C ILE A 15 -28.73 -17.64 16.73
N MET A 16 -27.59 -17.01 16.46
CA MET A 16 -27.54 -15.80 15.63
C MET A 16 -27.04 -16.09 14.21
N THR A 17 -27.53 -15.30 13.22
CA THR A 17 -27.15 -15.41 11.82
C THR A 17 -26.44 -14.15 11.36
N PHE A 18 -25.33 -14.30 10.60
CA PHE A 18 -24.51 -13.19 10.11
C PHE A 18 -24.36 -13.21 8.61
N TYR A 19 -24.36 -12.02 8.00
CA TYR A 19 -24.28 -11.81 6.55
C TYR A 19 -23.08 -10.91 6.20
N PRO A 20 -21.81 -11.39 6.34
CA PRO A 20 -20.66 -10.52 6.03
C PRO A 20 -20.57 -10.12 4.55
N THR A 21 -20.01 -8.94 4.31
CA THR A 21 -19.74 -8.42 2.96
C THR A 21 -18.42 -9.09 2.53
N MET A 22 -18.02 -8.93 1.26
CA MET A 22 -16.78 -9.50 0.74
C MET A 22 -15.53 -9.00 1.51
N GLU A 23 -15.51 -7.69 1.88
CA GLU A 23 -14.43 -7.07 2.64
C GLU A 23 -14.33 -7.67 4.06
N GLU A 24 -15.49 -7.82 4.75
CA GLU A 24 -15.57 -8.42 6.11
C GLU A 24 -15.19 -9.91 6.11
N PHE A 25 -15.45 -10.61 4.97
CA PHE A 25 -15.22 -12.05 4.75
C PHE A 25 -13.76 -12.43 4.53
N ARG A 26 -12.91 -11.45 4.20
CA ARG A 26 -11.49 -11.69 3.95
C ARG A 26 -10.66 -12.04 5.21
N ASN A 27 -10.99 -11.48 6.41
CA ASN A 27 -10.28 -11.81 7.66
C ASN A 27 -11.14 -12.69 8.56
N PHE A 28 -10.83 -14.00 8.54
CA PHE A 28 -11.55 -15.03 9.27
C PHE A 28 -11.59 -14.79 10.78
N SER A 29 -10.40 -14.75 11.42
CA SER A 29 -10.23 -14.56 12.87
C SER A 29 -10.90 -13.28 13.38
N ARG A 30 -10.80 -12.18 12.62
CA ARG A 30 -11.38 -10.88 12.94
C ARG A 30 -12.91 -10.96 12.92
N TYR A 31 -13.46 -11.72 11.95
CA TYR A 31 -14.91 -11.86 11.85
C TYR A 31 -15.49 -12.71 12.98
N ILE A 32 -14.73 -13.71 13.47
CA ILE A 32 -15.13 -14.52 14.61
C ILE A 32 -15.14 -13.61 15.87
N ALA A 33 -14.14 -12.72 16.00
CA ALA A 33 -14.05 -11.75 17.09
C ALA A 33 -15.28 -10.81 17.06
N TYR A 34 -15.68 -10.36 15.85
CA TYR A 34 -16.85 -9.52 15.64
C TYR A 34 -18.16 -10.19 16.08
N ILE A 35 -18.39 -11.48 15.68
CA ILE A 35 -19.64 -12.17 16.02
C ILE A 35 -19.75 -12.39 17.53
N GLU A 36 -18.60 -12.59 18.22
CA GLU A 36 -18.54 -12.75 19.67
C GLU A 36 -18.86 -11.43 20.36
N SER A 37 -18.44 -10.29 19.78
CA SER A 37 -18.77 -8.94 20.29
C SER A 37 -20.29 -8.68 20.23
N GLN A 38 -21.01 -9.46 19.38
CA GLN A 38 -22.45 -9.42 19.21
C GLN A 38 -23.20 -10.41 20.16
N GLY A 39 -22.44 -11.24 20.87
CA GLY A 39 -22.98 -12.24 21.79
C GLY A 39 -23.33 -13.56 21.14
N ALA A 40 -22.79 -13.82 19.91
CA ALA A 40 -23.09 -15.05 19.15
C ALA A 40 -22.71 -16.34 19.88
N HIS A 41 -21.53 -16.30 20.53
CA HIS A 41 -20.93 -17.42 21.25
C HIS A 41 -21.83 -17.97 22.37
N ARG A 42 -22.70 -17.11 22.99
CA ARG A 42 -23.62 -17.49 24.08
C ARG A 42 -24.51 -18.69 23.74
N ALA A 43 -24.93 -18.80 22.47
CA ALA A 43 -25.75 -19.90 21.98
C ALA A 43 -24.95 -21.19 21.83
N GLY A 44 -23.65 -21.04 21.53
CA GLY A 44 -22.75 -22.16 21.30
C GLY A 44 -22.69 -22.56 19.84
N LEU A 45 -23.59 -21.99 19.03
CA LEU A 45 -23.73 -22.22 17.60
C LEU A 45 -24.19 -20.94 16.92
N ALA A 46 -23.58 -20.61 15.75
CA ALA A 46 -23.93 -19.43 14.94
C ALA A 46 -23.90 -19.79 13.49
N LYS A 47 -24.77 -19.13 12.68
CA LYS A 47 -24.80 -19.32 11.23
C LYS A 47 -24.16 -18.13 10.55
N VAL A 48 -23.33 -18.41 9.54
CA VAL A 48 -22.67 -17.39 8.72
C VAL A 48 -23.01 -17.64 7.24
N VAL A 49 -23.73 -16.68 6.63
CA VAL A 49 -24.12 -16.71 5.21
C VAL A 49 -23.04 -15.92 4.44
N PRO A 50 -22.21 -16.60 3.62
CA PRO A 50 -21.15 -15.89 2.88
C PRO A 50 -21.65 -14.93 1.80
N PRO A 51 -20.79 -13.95 1.38
CA PRO A 51 -21.16 -13.03 0.29
C PRO A 51 -21.49 -13.78 -1.01
N LYS A 52 -22.50 -13.30 -1.78
CA LYS A 52 -23.00 -13.89 -3.03
C LYS A 52 -21.91 -14.20 -4.07
N GLU A 53 -20.88 -13.36 -4.12
CA GLU A 53 -19.77 -13.48 -5.05
C GLU A 53 -18.79 -14.59 -4.68
N TRP A 54 -18.82 -15.08 -3.44
CA TRP A 54 -17.93 -16.14 -2.98
C TRP A 54 -18.44 -17.53 -3.36
N LYS A 55 -17.55 -18.36 -3.89
CA LYS A 55 -17.84 -19.75 -4.26
C LYS A 55 -16.59 -20.59 -3.97
N PRO A 56 -16.62 -21.70 -3.18
CA PRO A 56 -15.37 -22.46 -2.93
C PRO A 56 -14.97 -23.46 -4.05
N ARG A 57 -15.85 -23.71 -5.05
CA ARG A 57 -15.62 -24.65 -6.15
C ARG A 57 -16.55 -24.32 -7.32
N ALA A 58 -16.07 -24.47 -8.58
CA ALA A 58 -16.87 -24.19 -9.78
C ALA A 58 -18.10 -25.11 -9.91
N SER A 59 -17.92 -26.43 -9.69
CA SER A 59 -18.99 -27.44 -9.72
C SER A 59 -18.59 -28.69 -8.92
N TYR A 60 -19.57 -29.51 -8.57
CA TYR A 60 -19.36 -30.74 -7.82
C TYR A 60 -19.67 -32.00 -8.67
N ASP A 61 -19.74 -31.86 -9.99
CA ASP A 61 -20.05 -32.91 -10.97
C ASP A 61 -18.84 -33.82 -11.32
N ASP A 62 -17.69 -33.61 -10.66
CA ASP A 62 -16.45 -34.34 -10.91
C ASP A 62 -15.95 -35.11 -9.65
N ILE A 63 -16.84 -35.42 -8.69
CA ILE A 63 -16.41 -36.11 -7.47
C ILE A 63 -17.03 -37.53 -7.30
N ASP A 64 -17.68 -38.07 -8.34
CA ASP A 64 -18.34 -39.38 -8.28
C ASP A 64 -17.41 -40.54 -7.96
N ASP A 65 -16.13 -40.44 -8.36
CA ASP A 65 -15.13 -41.49 -8.10
C ASP A 65 -14.35 -41.28 -6.80
N LEU A 66 -14.72 -40.26 -6.00
CA LEU A 66 -14.13 -40.02 -4.68
C LEU A 66 -14.55 -41.18 -3.77
N VAL A 67 -13.59 -41.77 -3.09
CA VAL A 67 -13.83 -42.90 -2.21
C VAL A 67 -14.05 -42.54 -0.74
N ILE A 68 -15.09 -43.10 -0.17
CA ILE A 68 -15.41 -42.94 1.24
C ILE A 68 -14.81 -44.25 1.74
N PRO A 69 -13.66 -44.17 2.42
CA PRO A 69 -12.97 -45.41 2.85
C PRO A 69 -13.67 -46.26 3.89
N ALA A 70 -14.39 -45.63 4.83
CA ALA A 70 -15.04 -46.34 5.91
C ALA A 70 -16.45 -45.82 6.18
N PRO A 71 -17.45 -46.09 5.32
CA PRO A 71 -18.81 -45.60 5.60
C PRO A 71 -19.41 -46.27 6.83
N ILE A 72 -20.28 -45.56 7.55
CA ILE A 72 -20.84 -46.12 8.78
C ILE A 72 -22.33 -46.29 8.69
N GLN A 73 -22.77 -47.51 9.03
CA GLN A 73 -24.20 -47.79 9.14
C GLN A 73 -24.56 -47.35 10.57
N GLN A 74 -25.53 -46.45 10.68
CA GLN A 74 -25.89 -45.81 11.96
C GLN A 74 -27.06 -46.48 12.67
N LEU A 75 -26.72 -47.49 13.50
CA LEU A 75 -27.69 -48.25 14.27
C LEU A 75 -27.99 -47.58 15.57
N VAL A 76 -29.27 -47.39 15.84
CA VAL A 76 -29.70 -46.69 17.02
C VAL A 76 -30.57 -47.62 17.82
N THR A 77 -30.28 -47.68 19.13
CA THR A 77 -31.02 -48.48 20.12
C THR A 77 -31.54 -47.54 21.22
N GLY A 78 -32.75 -47.80 21.67
CA GLY A 78 -33.32 -46.99 22.74
C GLY A 78 -34.80 -46.74 22.60
N GLN A 79 -35.31 -45.86 23.47
CA GLN A 79 -36.72 -45.48 23.49
C GLN A 79 -36.93 -44.22 24.32
N SER A 80 -38.14 -43.63 24.19
CA SER A 80 -38.60 -42.47 24.97
C SER A 80 -37.61 -41.29 24.95
N GLY A 81 -37.09 -40.94 23.76
CA GLY A 81 -36.18 -39.81 23.56
C GLY A 81 -34.74 -39.98 24.01
N LEU A 82 -34.33 -41.20 24.36
CA LEU A 82 -32.98 -41.53 24.81
C LEU A 82 -32.44 -42.69 24.01
N PHE A 83 -31.33 -42.46 23.31
CA PHE A 83 -30.77 -43.46 22.43
C PHE A 83 -29.26 -43.57 22.49
N THR A 84 -28.76 -44.74 22.08
CA THR A 84 -27.32 -45.00 21.90
C THR A 84 -27.13 -45.35 20.45
N GLN A 85 -26.16 -44.68 19.81
CA GLN A 85 -25.81 -44.89 18.41
C GLN A 85 -24.57 -45.74 18.26
N TYR A 86 -24.72 -46.82 17.53
CA TYR A 86 -23.65 -47.73 17.21
C TYR A 86 -23.34 -47.54 15.74
N ASN A 87 -22.15 -46.99 15.46
CA ASN A 87 -21.69 -46.68 14.12
C ASN A 87 -20.86 -47.82 13.55
N ILE A 88 -21.48 -48.66 12.69
CA ILE A 88 -20.89 -49.88 12.11
C ILE A 88 -20.13 -49.59 10.83
N GLN A 89 -18.84 -49.91 10.82
CA GLN A 89 -18.01 -49.75 9.63
C GLN A 89 -18.35 -50.77 8.54
N LYS A 90 -18.56 -50.27 7.33
CA LYS A 90 -18.89 -51.04 6.13
C LYS A 90 -17.68 -50.93 5.19
N LYS A 91 -17.66 -51.73 4.10
CA LYS A 91 -16.58 -51.63 3.11
C LYS A 91 -16.66 -50.29 2.35
N ALA A 92 -15.50 -49.81 1.86
CA ALA A 92 -15.34 -48.59 1.11
C ALA A 92 -16.27 -48.53 -0.10
N MET A 93 -16.79 -47.34 -0.37
CA MET A 93 -17.66 -47.09 -1.53
C MET A 93 -17.36 -45.73 -2.14
N THR A 94 -17.78 -45.53 -3.39
CA THR A 94 -17.59 -44.23 -4.06
C THR A 94 -18.77 -43.30 -3.73
N VAL A 95 -18.62 -42.00 -4.03
CA VAL A 95 -19.68 -41.00 -3.85
C VAL A 95 -20.88 -41.36 -4.75
N ARG A 96 -20.62 -41.86 -5.98
N ARG A 96 -20.64 -41.85 -5.99
CA ARG A 96 -21.61 -42.31 -6.96
CA ARG A 96 -21.71 -42.26 -6.91
C ARG A 96 -22.48 -43.44 -6.36
C ARG A 96 -22.53 -43.43 -6.31
N GLU A 97 -21.84 -44.44 -5.73
CA GLU A 97 -22.50 -45.60 -5.09
C GLU A 97 -23.33 -45.15 -3.91
N PHE A 98 -22.76 -44.23 -3.10
CA PHE A 98 -23.41 -43.66 -1.93
C PHE A 98 -24.67 -42.85 -2.32
N ARG A 99 -24.57 -41.95 -3.34
CA ARG A 99 -25.68 -41.13 -3.84
C ARG A 99 -26.86 -42.01 -4.33
N LYS A 100 -26.56 -43.15 -4.98
CA LYS A 100 -27.55 -44.11 -5.46
C LYS A 100 -28.36 -44.71 -4.31
N ILE A 101 -27.69 -45.07 -3.19
CA ILE A 101 -28.35 -45.61 -1.98
C ILE A 101 -29.19 -44.49 -1.34
N ALA A 102 -28.61 -43.29 -1.18
CA ALA A 102 -29.25 -42.11 -0.63
C ALA A 102 -30.61 -41.84 -1.28
N ASN A 103 -30.63 -41.84 -2.63
CA ASN A 103 -31.79 -41.51 -3.44
C ASN A 103 -32.71 -42.70 -3.73
N SER A 104 -32.38 -43.92 -3.23
CA SER A 104 -33.22 -45.11 -3.42
C SER A 104 -34.52 -45.00 -2.58
N ASP A 105 -35.59 -45.71 -2.98
CA ASP A 105 -36.90 -45.72 -2.30
C ASP A 105 -36.81 -46.10 -0.81
N LYS A 106 -35.85 -46.98 -0.45
CA LYS A 106 -35.60 -47.44 0.91
C LYS A 106 -35.00 -46.35 1.80
N TYR A 107 -34.08 -45.53 1.26
CA TYR A 107 -33.36 -44.54 2.07
C TYR A 107 -33.66 -43.08 1.80
N CYS A 108 -34.42 -42.76 0.74
CA CYS A 108 -34.72 -41.36 0.40
C CYS A 108 -35.54 -40.63 1.46
N THR A 109 -35.47 -39.29 1.45
CA THR A 109 -36.19 -38.40 2.35
C THR A 109 -37.71 -38.60 2.22
N PRO A 110 -38.45 -38.78 3.34
CA PRO A 110 -39.92 -38.91 3.22
C PRO A 110 -40.57 -37.60 2.77
N ARG A 111 -41.79 -37.68 2.20
CA ARG A 111 -42.53 -36.48 1.75
C ARG A 111 -42.99 -35.69 2.98
N TYR A 112 -42.71 -34.38 3.00
CA TYR A 112 -43.07 -33.53 4.14
C TYR A 112 -43.40 -32.11 3.72
N SER A 113 -44.19 -31.40 4.56
CA SER A 113 -44.63 -30.02 4.35
C SER A 113 -43.63 -29.00 4.92
N GLU A 114 -43.38 -29.05 6.25
CA GLU A 114 -42.45 -28.15 6.96
C GLU A 114 -41.38 -28.97 7.71
N PHE A 115 -40.27 -28.31 8.13
N PHE A 115 -40.27 -28.31 8.13
CA PHE A 115 -39.16 -28.95 8.87
CA PHE A 115 -39.15 -28.95 8.83
C PHE A 115 -39.68 -29.73 10.08
C PHE A 115 -39.55 -29.62 10.17
N GLU A 116 -40.67 -29.17 10.80
CA GLU A 116 -41.25 -29.75 12.01
C GLU A 116 -41.80 -31.16 11.77
N GLU A 117 -42.33 -31.41 10.54
CA GLU A 117 -42.84 -32.69 10.11
C GLU A 117 -41.69 -33.70 9.95
N LEU A 118 -40.59 -33.29 9.28
CA LEU A 118 -39.40 -34.12 9.07
C LEU A 118 -38.67 -34.41 10.39
N GLU A 119 -38.66 -33.42 11.30
CA GLU A 119 -38.06 -33.54 12.63
C GLU A 119 -38.84 -34.59 13.44
N ARG A 120 -40.20 -34.53 13.42
CA ARG A 120 -41.07 -35.50 14.13
C ARG A 120 -40.84 -36.90 13.57
N LYS A 121 -40.67 -36.99 12.25
CA LYS A 121 -40.37 -38.20 11.49
C LYS A 121 -39.03 -38.81 11.89
N TYR A 122 -38.00 -37.96 12.11
CA TYR A 122 -36.67 -38.42 12.49
C TYR A 122 -36.67 -39.02 13.90
N TRP A 123 -37.35 -38.38 14.85
CA TRP A 123 -37.40 -38.85 16.24
C TRP A 123 -38.35 -40.05 16.44
N LYS A 124 -39.26 -40.26 15.50
CA LYS A 124 -40.19 -41.41 15.52
C LYS A 124 -39.54 -42.65 14.88
N ASN A 125 -38.68 -42.45 13.88
CA ASN A 125 -38.11 -43.53 13.08
C ASN A 125 -36.59 -43.72 13.13
N LEU A 126 -35.86 -43.01 13.98
CA LEU A 126 -34.40 -43.09 14.00
C LEU A 126 -33.84 -44.50 14.35
N THR A 127 -34.63 -45.38 15.06
CA THR A 127 -34.16 -46.74 15.38
C THR A 127 -34.44 -47.73 14.27
N PHE A 128 -35.25 -47.36 13.23
CA PHE A 128 -35.61 -48.25 12.10
C PHE A 128 -34.84 -47.91 10.84
N ASN A 129 -34.70 -48.89 9.92
CA ASN A 129 -33.99 -48.75 8.64
C ASN A 129 -32.69 -47.92 8.78
N PRO A 130 -31.65 -48.45 9.50
CA PRO A 130 -30.41 -47.68 9.69
C PRO A 130 -29.76 -47.15 8.40
N PRO A 131 -29.48 -45.83 8.35
CA PRO A 131 -28.85 -45.28 7.14
C PRO A 131 -27.32 -45.42 7.12
N ILE A 132 -26.69 -45.10 5.99
CA ILE A 132 -25.23 -45.10 5.84
C ILE A 132 -24.74 -43.65 5.81
N TYR A 133 -23.76 -43.32 6.65
CA TYR A 133 -23.16 -41.99 6.75
C TYR A 133 -21.71 -42.10 6.21
N GLY A 134 -21.43 -41.35 5.14
CA GLY A 134 -20.10 -41.27 4.54
C GLY A 134 -19.31 -40.22 5.30
N ALA A 135 -19.14 -40.47 6.61
CA ALA A 135 -18.56 -39.57 7.60
C ALA A 135 -17.09 -39.69 7.83
N ASP A 136 -16.45 -38.58 8.25
CA ASP A 136 -15.03 -38.50 8.62
C ASP A 136 -14.07 -38.88 7.49
N VAL A 137 -14.39 -38.46 6.27
CA VAL A 137 -13.58 -38.68 5.06
C VAL A 137 -12.50 -37.60 5.04
N ASN A 138 -11.21 -37.97 5.04
CA ASN A 138 -10.11 -37.00 4.95
C ASN A 138 -10.11 -36.36 3.58
N GLY A 139 -10.26 -35.04 3.55
CA GLY A 139 -10.28 -34.35 2.28
C GLY A 139 -10.98 -33.02 2.29
N THR A 140 -10.84 -32.32 1.17
CA THR A 140 -11.41 -31.00 0.95
C THR A 140 -12.07 -30.90 -0.42
N LEU A 141 -13.08 -30.02 -0.54
CA LEU A 141 -13.76 -29.76 -1.80
C LEU A 141 -13.47 -28.34 -2.27
N TYR A 142 -12.60 -27.59 -1.56
CA TYR A 142 -12.23 -26.22 -1.93
C TYR A 142 -11.20 -26.27 -3.03
N GLU A 143 -11.33 -25.37 -4.02
CA GLU A 143 -10.37 -25.20 -5.09
C GLU A 143 -9.12 -24.54 -4.46
N LYS A 144 -7.92 -24.91 -4.95
CA LYS A 144 -6.61 -24.45 -4.45
C LYS A 144 -6.49 -22.93 -4.20
N HIS A 145 -7.06 -22.11 -5.10
CA HIS A 145 -6.99 -20.65 -5.10
C HIS A 145 -7.90 -19.91 -4.11
N VAL A 146 -8.87 -20.61 -3.47
CA VAL A 146 -9.81 -19.95 -2.54
C VAL A 146 -9.10 -19.58 -1.21
N ASP A 147 -8.98 -18.27 -0.95
CA ASP A 147 -8.27 -17.74 0.21
C ASP A 147 -9.16 -17.37 1.40
N GLU A 148 -10.45 -17.11 1.14
CA GLU A 148 -11.42 -16.70 2.16
C GLU A 148 -12.18 -17.90 2.70
N TRP A 149 -12.17 -18.05 4.04
CA TRP A 149 -12.82 -19.11 4.81
C TRP A 149 -12.53 -20.53 4.27
N ASN A 150 -11.26 -20.76 3.83
CA ASN A 150 -10.77 -22.04 3.35
C ASN A 150 -10.54 -22.91 4.59
N ILE A 151 -11.39 -23.93 4.74
CA ILE A 151 -11.37 -24.82 5.88
C ILE A 151 -10.03 -25.54 5.97
N GLY A 152 -9.42 -25.79 4.82
CA GLY A 152 -8.12 -26.42 4.74
C GLY A 152 -7.02 -25.61 5.40
N ARG A 153 -7.09 -24.28 5.29
CA ARG A 153 -6.11 -23.36 5.87
C ARG A 153 -6.70 -22.10 6.54
N LEU A 154 -7.30 -22.24 7.72
CA LEU A 154 -7.91 -21.12 8.45
C LEU A 154 -6.97 -20.02 9.02
N ARG A 155 -5.75 -20.41 9.29
CA ARG A 155 -4.69 -19.55 9.84
C ARG A 155 -5.03 -18.99 11.26
N THR A 156 -5.56 -19.85 12.15
CA THR A 156 -5.88 -19.48 13.53
C THR A 156 -4.68 -19.87 14.42
N ILE A 157 -4.73 -19.57 15.75
CA ILE A 157 -3.65 -19.89 16.68
C ILE A 157 -3.51 -21.42 16.88
N LEU A 158 -4.49 -22.22 16.43
CA LEU A 158 -4.42 -23.68 16.51
C LEU A 158 -3.24 -24.23 15.67
N ASP A 159 -2.79 -23.43 14.68
CA ASP A 159 -1.67 -23.69 13.79
C ASP A 159 -0.34 -23.92 14.52
N LEU A 160 -0.20 -23.52 15.80
CA LEU A 160 1.02 -23.72 16.61
C LEU A 160 1.34 -25.22 16.81
N VAL A 161 0.28 -26.06 16.88
CA VAL A 161 0.38 -27.52 17.01
C VAL A 161 1.21 -28.11 15.82
N GLU A 162 0.85 -27.76 14.56
CA GLU A 162 1.58 -28.21 13.37
C GLU A 162 2.93 -27.43 13.16
N LYS A 163 2.96 -26.10 13.38
CA LYS A 163 4.13 -25.26 13.24
C LYS A 163 5.29 -25.62 14.19
N GLU A 164 4.98 -25.90 15.48
CA GLU A 164 5.97 -26.25 16.49
C GLU A 164 6.33 -27.74 16.54
N SER A 165 5.33 -28.65 16.41
CA SER A 165 5.59 -30.09 16.50
C SER A 165 5.60 -30.84 15.14
N GLY A 166 4.90 -30.31 14.16
CA GLY A 166 4.79 -30.94 12.85
C GLY A 166 3.74 -32.03 12.80
N ILE A 167 2.94 -32.19 13.88
CA ILE A 167 1.91 -33.22 14.01
C ILE A 167 0.53 -32.74 13.58
N THR A 168 -0.10 -33.56 12.73
CA THR A 168 -1.43 -33.37 12.20
C THR A 168 -2.45 -34.35 12.84
N ILE A 169 -3.56 -33.81 13.41
CA ILE A 169 -4.67 -34.62 13.96
C ILE A 169 -5.84 -34.52 12.95
N GLU A 170 -6.19 -35.67 12.30
CA GLU A 170 -7.27 -35.79 11.32
C GLU A 170 -8.58 -35.13 11.79
N GLY A 171 -9.16 -34.28 10.94
CA GLY A 171 -10.38 -33.53 11.24
C GLY A 171 -10.21 -32.40 12.24
N VAL A 172 -9.15 -32.41 13.07
CA VAL A 172 -8.92 -31.36 14.07
C VAL A 172 -8.12 -30.19 13.45
N ASN A 173 -6.96 -30.46 12.85
CA ASN A 173 -6.20 -29.41 12.13
C ASN A 173 -6.11 -29.74 10.62
N THR A 174 -6.95 -30.69 10.16
CA THR A 174 -7.09 -31.10 8.76
C THR A 174 -8.61 -31.17 8.47
N PRO A 175 -9.10 -31.01 7.22
CA PRO A 175 -10.56 -31.08 7.02
C PRO A 175 -11.12 -32.51 6.85
N TYR A 176 -12.38 -32.66 7.29
CA TYR A 176 -13.17 -33.87 7.14
C TYR A 176 -14.37 -33.57 6.21
N LEU A 177 -14.76 -34.56 5.41
CA LEU A 177 -15.91 -34.52 4.52
C LEU A 177 -16.99 -35.46 5.06
N TYR A 178 -18.26 -35.01 5.03
CA TYR A 178 -19.40 -35.80 5.49
C TYR A 178 -20.45 -35.89 4.38
N PHE A 179 -20.61 -37.08 3.83
CA PHE A 179 -21.61 -37.35 2.81
C PHE A 179 -22.79 -37.93 3.54
N GLY A 180 -23.86 -37.17 3.56
CA GLY A 180 -25.05 -37.55 4.29
C GLY A 180 -26.14 -38.08 3.41
N MET A 181 -27.09 -38.71 4.07
CA MET A 181 -28.32 -39.21 3.47
C MET A 181 -29.40 -38.96 4.54
N TRP A 182 -30.68 -39.14 4.18
CA TRP A 182 -31.76 -38.95 5.15
C TRP A 182 -31.53 -39.77 6.44
N LYS A 183 -31.78 -39.17 7.61
CA LYS A 183 -31.72 -39.82 8.93
C LYS A 183 -30.29 -40.05 9.47
N THR A 184 -29.25 -39.66 8.74
CA THR A 184 -27.89 -39.76 9.28
C THR A 184 -27.72 -38.68 10.32
N SER A 185 -26.93 -38.92 11.34
CA SER A 185 -26.81 -37.92 12.37
C SER A 185 -25.56 -37.89 13.22
N PHE A 186 -25.43 -36.84 14.00
CA PHE A 186 -24.34 -36.67 14.93
C PHE A 186 -24.88 -36.54 16.35
N ALA A 187 -24.31 -37.31 17.26
CA ALA A 187 -24.67 -37.32 18.65
C ALA A 187 -24.18 -36.10 19.39
N TRP A 188 -24.78 -35.80 20.53
CA TRP A 188 -24.42 -34.65 21.34
C TRP A 188 -22.95 -34.70 21.73
N HIS A 189 -22.26 -33.60 21.52
CA HIS A 189 -20.84 -33.51 21.83
C HIS A 189 -20.32 -32.09 21.80
N THR A 190 -19.12 -31.91 22.32
CA THR A 190 -18.39 -30.66 22.30
C THR A 190 -17.16 -31.06 21.47
N GLU A 191 -16.38 -30.12 20.99
CA GLU A 191 -15.26 -30.49 20.14
C GLU A 191 -14.12 -31.08 20.95
N ASP A 192 -13.14 -31.73 20.28
CA ASP A 192 -11.96 -32.25 20.97
C ASP A 192 -11.25 -31.05 21.59
N MET A 193 -10.88 -31.16 22.89
CA MET A 193 -10.22 -30.10 23.68
C MET A 193 -11.13 -28.88 23.90
N ASP A 194 -12.46 -29.04 23.65
CA ASP A 194 -13.49 -27.99 23.70
C ASP A 194 -13.14 -26.82 22.76
N LEU A 195 -12.64 -27.17 21.57
CA LEU A 195 -12.26 -26.22 20.53
C LEU A 195 -13.50 -25.66 19.81
N TYR A 196 -13.27 -24.69 18.91
CA TYR A 196 -14.29 -24.17 18.04
C TYR A 196 -14.35 -25.15 16.85
N SER A 197 -15.37 -25.02 16.01
CA SER A 197 -15.45 -25.78 14.77
C SER A 197 -16.16 -24.93 13.74
N ILE A 198 -15.86 -25.23 12.46
CA ILE A 198 -16.44 -24.61 11.29
C ILE A 198 -17.01 -25.77 10.43
N ASN A 199 -18.22 -25.60 9.90
CA ASN A 199 -18.90 -26.58 9.05
C ASN A 199 -19.52 -25.83 7.90
N TYR A 200 -19.10 -26.19 6.68
CA TYR A 200 -19.64 -25.60 5.46
C TYR A 200 -20.44 -26.67 4.72
N LEU A 201 -21.73 -26.39 4.39
CA LEU A 201 -22.55 -27.34 3.66
C LEU A 201 -22.34 -27.05 2.15
N HIS A 202 -21.49 -27.85 1.48
CA HIS A 202 -21.13 -27.71 0.07
C HIS A 202 -22.32 -27.76 -0.89
N PHE A 203 -23.18 -28.76 -0.74
CA PHE A 203 -24.35 -28.97 -1.60
C PHE A 203 -25.35 -29.91 -0.95
N GLY A 204 -26.52 -30.00 -1.57
CA GLY A 204 -27.55 -30.96 -1.20
C GLY A 204 -28.60 -30.49 -0.24
N GLU A 205 -29.26 -31.47 0.38
CA GLU A 205 -30.33 -31.30 1.33
C GLU A 205 -29.85 -30.69 2.65
N PRO A 206 -30.74 -30.03 3.42
CA PRO A 206 -30.29 -29.39 4.65
C PRO A 206 -29.78 -30.33 5.76
N LYS A 207 -29.17 -29.69 6.78
CA LYS A 207 -28.63 -30.33 7.96
C LYS A 207 -29.20 -29.56 9.14
N SER A 208 -29.99 -30.24 9.98
CA SER A 208 -30.59 -29.60 11.16
C SER A 208 -29.70 -29.80 12.37
N TRP A 209 -29.58 -28.75 13.19
CA TRP A 209 -28.74 -28.73 14.38
C TRP A 209 -29.56 -28.38 15.62
N TYR A 210 -29.09 -28.89 16.77
CA TYR A 210 -29.57 -28.56 18.09
C TYR A 210 -28.34 -28.10 18.84
N SER A 211 -28.49 -27.14 19.74
CA SER A 211 -27.36 -26.64 20.53
C SER A 211 -27.80 -26.33 21.93
N VAL A 212 -26.89 -26.49 22.89
CA VAL A 212 -27.12 -26.15 24.28
C VAL A 212 -26.11 -25.02 24.56
N PRO A 213 -26.56 -23.85 25.09
CA PRO A 213 -25.58 -22.79 25.39
C PRO A 213 -24.46 -23.29 26.31
N PRO A 214 -23.17 -22.95 26.04
CA PRO A 214 -22.08 -23.37 26.95
C PRO A 214 -22.32 -23.10 28.44
N GLU A 215 -23.08 -22.04 28.80
CA GLU A 215 -23.41 -21.69 30.20
C GLU A 215 -24.41 -22.68 30.84
N HIS A 216 -25.04 -23.57 30.04
CA HIS A 216 -25.95 -24.62 30.50
C HIS A 216 -25.41 -26.03 30.19
N GLY A 217 -24.17 -26.11 29.67
CA GLY A 217 -23.50 -27.34 29.29
C GLY A 217 -23.42 -28.41 30.37
N LYS A 218 -23.21 -27.98 31.63
CA LYS A 218 -23.10 -28.86 32.80
C LYS A 218 -24.44 -29.51 33.15
N ARG A 219 -25.57 -28.82 32.83
CA ARG A 219 -26.93 -29.34 33.03
C ARG A 219 -27.16 -30.52 32.08
N LEU A 220 -26.65 -30.44 30.83
CA LEU A 220 -26.78 -31.53 29.86
C LEU A 220 -25.96 -32.74 30.33
N GLU A 221 -24.73 -32.48 30.83
CA GLU A 221 -23.82 -33.49 31.37
C GLU A 221 -24.42 -34.25 32.56
N ARG A 222 -25.08 -33.53 33.50
CA ARG A 222 -25.74 -34.11 34.69
C ARG A 222 -26.91 -34.99 34.29
N LEU A 223 -27.66 -34.58 33.25
CA LEU A 223 -28.78 -35.34 32.71
C LEU A 223 -28.31 -36.67 32.12
N ALA A 224 -27.26 -36.61 31.26
CA ALA A 224 -26.62 -37.74 30.59
C ALA A 224 -26.09 -38.76 31.60
N LYS A 225 -25.40 -38.28 32.67
CA LYS A 225 -24.83 -39.11 33.74
C LYS A 225 -25.90 -39.86 34.52
N GLY A 226 -27.05 -39.21 34.75
CA GLY A 226 -28.18 -39.81 35.45
C GLY A 226 -28.81 -40.96 34.69
N PHE A 227 -28.91 -40.79 33.36
CA PHE A 227 -29.49 -41.76 32.42
C PHE A 227 -28.58 -42.92 32.11
N PHE A 228 -27.27 -42.67 32.04
CA PHE A 228 -26.25 -43.68 31.74
C PHE A 228 -25.23 -43.76 32.88
N PRO A 229 -25.63 -44.31 34.07
CA PRO A 229 -24.69 -44.35 35.20
C PRO A 229 -23.49 -45.27 34.99
N GLY A 230 -23.69 -46.33 34.22
CA GLY A 230 -22.66 -47.31 33.88
C GLY A 230 -21.58 -46.70 33.00
N SER A 231 -22.01 -45.91 32.00
CA SER A 231 -21.14 -45.16 31.09
C SER A 231 -20.36 -44.07 31.87
N ALA A 232 -21.02 -43.40 32.83
CA ALA A 232 -20.48 -42.34 33.68
C ALA A 232 -19.42 -42.92 34.62
N GLN A 233 -19.63 -44.18 35.07
CA GLN A 233 -18.69 -44.90 35.93
C GLN A 233 -17.44 -45.33 35.18
N SER A 234 -17.58 -45.68 33.88
CA SER A 234 -16.51 -46.16 32.99
C SER A 234 -15.64 -45.05 32.36
N CYS A 235 -16.18 -43.84 32.20
CA CYS A 235 -15.47 -42.73 31.57
C CYS A 235 -15.84 -41.38 32.17
N GLU A 236 -14.83 -40.49 32.31
CA GLU A 236 -15.01 -39.13 32.83
C GLU A 236 -15.77 -38.21 31.87
N ALA A 237 -15.73 -38.49 30.56
CA ALA A 237 -16.42 -37.69 29.54
C ALA A 237 -16.94 -38.60 28.43
N PHE A 238 -17.90 -39.49 28.76
CA PHE A 238 -18.50 -40.47 27.84
C PHE A 238 -19.26 -39.82 26.67
N LEU A 239 -19.64 -38.54 26.77
CA LEU A 239 -20.31 -37.86 25.65
C LEU A 239 -19.35 -37.68 24.47
N ARG A 240 -18.01 -37.71 24.74
CA ARG A 240 -16.95 -37.61 23.72
C ARG A 240 -16.91 -38.83 22.80
N HIS A 241 -17.60 -39.93 23.18
CA HIS A 241 -17.70 -41.17 22.39
C HIS A 241 -18.63 -40.95 21.19
N LYS A 242 -19.42 -39.85 21.20
CA LYS A 242 -20.36 -39.46 20.14
C LYS A 242 -21.40 -40.56 19.86
N MET A 243 -21.96 -41.14 20.94
CA MET A 243 -22.95 -42.21 20.85
C MET A 243 -24.29 -41.85 21.49
N THR A 244 -24.39 -40.73 22.20
CA THR A 244 -25.59 -40.38 22.95
C THR A 244 -26.52 -39.45 22.24
N LEU A 245 -27.73 -39.94 21.96
CA LEU A 245 -28.80 -39.18 21.33
C LEU A 245 -29.87 -38.87 22.38
N ILE A 246 -30.22 -37.58 22.51
CA ILE A 246 -31.24 -37.08 23.45
C ILE A 246 -32.16 -36.15 22.65
N SER A 247 -33.46 -36.48 22.58
CA SER A 247 -34.44 -35.70 21.80
C SER A 247 -34.75 -34.32 22.37
N PRO A 248 -35.14 -33.31 21.52
CA PRO A 248 -35.54 -32.00 22.06
C PRO A 248 -36.68 -32.07 23.09
N LEU A 249 -37.61 -33.05 22.97
CA LEU A 249 -38.71 -33.25 23.92
C LEU A 249 -38.19 -33.68 25.30
N MET A 250 -37.15 -34.53 25.33
CA MET A 250 -36.46 -34.97 26.58
C MET A 250 -35.82 -33.75 27.28
N LEU A 251 -35.11 -32.91 26.50
CA LEU A 251 -34.44 -31.71 26.99
C LEU A 251 -35.45 -30.71 27.57
N LYS A 252 -36.60 -30.55 26.89
CA LYS A 252 -37.69 -29.66 27.28
C LYS A 252 -38.29 -30.12 28.63
N LYS A 253 -38.54 -31.42 28.73
CA LYS A 253 -39.08 -32.10 29.91
C LYS A 253 -38.17 -31.92 31.15
N TYR A 254 -36.85 -31.91 30.94
CA TYR A 254 -35.86 -31.80 32.01
C TYR A 254 -35.30 -30.40 32.19
N GLY A 255 -35.93 -29.44 31.53
CA GLY A 255 -35.57 -28.03 31.63
C GLY A 255 -34.20 -27.65 31.12
N ILE A 256 -33.67 -28.37 30.12
CA ILE A 256 -32.37 -28.04 29.53
C ILE A 256 -32.60 -27.00 28.44
N PRO A 257 -32.06 -25.75 28.56
CA PRO A 257 -32.26 -24.77 27.47
C PRO A 257 -31.49 -25.19 26.22
N PHE A 258 -32.14 -25.07 25.06
CA PHE A 258 -31.55 -25.43 23.79
C PHE A 258 -32.17 -24.61 22.69
N ASP A 259 -31.48 -24.55 21.55
CA ASP A 259 -32.03 -23.91 20.37
C ASP A 259 -31.86 -24.84 19.17
N LYS A 260 -32.56 -24.57 18.08
CA LYS A 260 -32.45 -25.39 16.88
C LYS A 260 -32.38 -24.49 15.64
N VAL A 261 -31.62 -24.93 14.65
CA VAL A 261 -31.40 -24.21 13.38
C VAL A 261 -31.21 -25.20 12.23
N THR A 262 -31.64 -24.83 11.04
CA THR A 262 -31.44 -25.61 9.83
C THR A 262 -30.40 -24.92 8.95
N GLN A 263 -29.34 -25.63 8.61
CA GLN A 263 -28.28 -25.14 7.74
C GLN A 263 -28.60 -25.58 6.29
N GLU A 264 -28.61 -24.62 5.34
CA GLU A 264 -28.87 -24.94 3.95
C GLU A 264 -27.57 -24.89 3.14
N ALA A 265 -27.56 -25.52 1.95
CA ALA A 265 -26.38 -25.56 1.07
C ALA A 265 -25.85 -24.15 0.85
N GLY A 266 -24.54 -24.00 0.98
CA GLY A 266 -23.88 -22.72 0.80
C GLY A 266 -23.72 -21.89 2.06
N GLU A 267 -24.07 -22.46 3.24
CA GLU A 267 -23.97 -21.76 4.54
C GLU A 267 -22.96 -22.41 5.48
N PHE A 268 -22.29 -21.56 6.32
CA PHE A 268 -21.37 -22.00 7.38
C PHE A 268 -22.08 -22.04 8.73
N MET A 269 -21.66 -22.98 9.60
CA MET A 269 -22.08 -23.10 10.99
C MET A 269 -20.80 -23.05 11.81
N ILE A 270 -20.78 -22.21 12.85
CA ILE A 270 -19.65 -22.09 13.76
C ILE A 270 -20.08 -22.64 15.11
N THR A 271 -19.28 -23.54 15.69
CA THR A 271 -19.51 -23.99 17.05
C THR A 271 -18.46 -23.33 17.90
N PHE A 272 -18.86 -22.96 19.11
CA PHE A 272 -18.01 -22.26 20.06
C PHE A 272 -17.49 -23.18 21.15
N PRO A 273 -16.37 -22.83 21.85
CA PRO A 273 -15.86 -23.72 22.91
C PRO A 273 -16.92 -24.08 23.93
N TYR A 274 -17.01 -25.40 24.24
CA TYR A 274 -17.95 -25.99 25.19
C TYR A 274 -19.44 -25.86 24.77
N GLY A 275 -19.66 -25.72 23.45
CA GLY A 275 -20.99 -25.66 22.88
C GLY A 275 -21.43 -27.02 22.44
N TYR A 276 -22.30 -27.69 23.23
CA TYR A 276 -22.84 -29.01 22.89
C TYR A 276 -23.78 -28.91 21.71
N HIS A 277 -23.66 -29.83 20.75
CA HIS A 277 -24.51 -29.84 19.56
C HIS A 277 -24.73 -31.26 19.08
N ALA A 278 -25.87 -31.47 18.42
CA ALA A 278 -26.34 -32.72 17.83
C ALA A 278 -27.15 -32.32 16.60
N GLY A 279 -27.48 -33.28 15.76
CA GLY A 279 -28.25 -32.96 14.57
C GLY A 279 -28.41 -34.09 13.58
N PHE A 280 -29.08 -33.80 12.46
CA PHE A 280 -29.34 -34.80 11.43
C PHE A 280 -29.43 -34.21 10.03
N ASN A 281 -29.20 -35.05 9.03
CA ASN A 281 -29.26 -34.68 7.62
C ASN A 281 -30.63 -34.95 7.04
N HIS A 282 -31.14 -34.01 6.23
CA HIS A 282 -32.46 -34.13 5.59
C HIS A 282 -32.45 -35.10 4.41
N GLY A 283 -31.29 -35.25 3.78
CA GLY A 283 -31.12 -36.14 2.65
C GLY A 283 -29.70 -36.05 2.13
N PHE A 284 -29.50 -36.45 0.86
CA PHE A 284 -28.18 -36.42 0.24
C PHE A 284 -27.53 -35.03 0.26
N ASN A 285 -26.38 -34.95 0.95
CA ASN A 285 -25.62 -33.71 1.07
C ASN A 285 -24.16 -34.02 1.30
N CYS A 286 -23.36 -32.95 1.38
CA CYS A 286 -21.94 -32.96 1.64
C CYS A 286 -21.56 -31.69 2.38
N ALA A 287 -20.91 -31.86 3.54
CA ALA A 287 -20.41 -30.85 4.46
C ALA A 287 -18.90 -31.05 4.73
N GLU A 288 -18.17 -29.95 4.87
CA GLU A 288 -16.73 -29.93 5.16
C GLU A 288 -16.57 -29.29 6.54
N SER A 289 -15.70 -29.85 7.39
CA SER A 289 -15.53 -29.42 8.76
C SER A 289 -14.09 -29.44 9.21
N THR A 290 -13.80 -28.67 10.28
CA THR A 290 -12.50 -28.60 10.99
C THR A 290 -12.64 -27.79 12.29
N ASN A 291 -11.66 -27.96 13.16
CA ASN A 291 -11.64 -27.23 14.39
C ASN A 291 -10.70 -26.06 14.20
N PHE A 292 -10.82 -25.05 15.07
CA PHE A 292 -9.96 -23.86 15.10
C PHE A 292 -9.95 -23.29 16.52
N ALA A 293 -9.16 -22.25 16.75
CA ALA A 293 -9.03 -21.64 18.08
C ALA A 293 -8.91 -20.12 17.99
N THR A 294 -9.23 -19.41 19.09
CA THR A 294 -9.05 -17.98 19.32
C THR A 294 -8.31 -17.93 20.67
N ARG A 295 -7.91 -16.72 21.14
CA ARG A 295 -7.23 -16.59 22.43
C ARG A 295 -8.10 -17.08 23.59
N ARG A 296 -9.45 -16.91 23.48
CA ARG A 296 -10.46 -17.31 24.46
C ARG A 296 -10.48 -18.83 24.72
N TRP A 297 -10.17 -19.66 23.69
CA TRP A 297 -10.15 -21.11 23.82
C TRP A 297 -9.05 -21.64 24.78
N ILE A 298 -7.91 -20.95 24.90
CA ILE A 298 -6.79 -21.43 25.72
C ILE A 298 -7.29 -21.91 27.10
N GLU A 299 -8.10 -21.10 27.80
CA GLU A 299 -8.66 -21.46 29.11
C GLU A 299 -9.58 -22.69 29.06
N TYR A 300 -10.36 -22.85 27.98
CA TYR A 300 -11.22 -24.02 27.75
C TYR A 300 -10.38 -25.31 27.56
N GLY A 301 -9.29 -25.22 26.79
CA GLY A 301 -8.37 -26.32 26.54
C GLY A 301 -7.66 -26.77 27.80
N LYS A 302 -7.32 -25.79 28.68
CA LYS A 302 -6.66 -26.01 29.97
C LYS A 302 -7.61 -26.72 30.95
N GLN A 303 -8.91 -26.41 30.85
CA GLN A 303 -9.96 -26.95 31.73
C GLN A 303 -10.75 -28.15 31.16
N ALA A 304 -10.57 -28.51 29.86
CA ALA A 304 -11.30 -29.60 29.20
C ALA A 304 -11.14 -30.96 29.90
N VAL A 305 -12.28 -31.63 30.15
CA VAL A 305 -12.32 -32.98 30.75
C VAL A 305 -12.36 -33.96 29.56
N LEU A 306 -11.30 -34.77 29.44
CA LEU A 306 -11.17 -35.70 28.32
C LEU A 306 -11.65 -37.13 28.62
N CYS A 307 -11.85 -37.91 27.53
CA CYS A 307 -12.23 -39.33 27.63
C CYS A 307 -11.12 -40.05 28.38
N SER A 308 -11.50 -40.72 29.47
CA SER A 308 -10.58 -41.45 30.34
C SER A 308 -10.51 -42.97 30.07
N CYS A 309 -11.33 -43.50 29.14
CA CYS A 309 -11.35 -44.93 28.84
C CYS A 309 -10.61 -45.29 27.54
N ARG A 310 -10.05 -44.24 26.88
CA ARG A 310 -9.25 -44.26 25.66
C ARG A 310 -10.05 -44.68 24.43
N LYS A 311 -11.37 -44.40 24.43
CA LYS A 311 -12.26 -44.62 23.27
C LYS A 311 -12.07 -43.42 22.32
N ASP A 312 -11.71 -42.25 22.90
CA ASP A 312 -11.37 -41.00 22.22
C ASP A 312 -9.94 -40.60 22.67
N MET A 313 -9.03 -40.55 21.70
CA MET A 313 -7.59 -40.31 21.91
C MET A 313 -7.06 -38.88 21.66
N VAL A 314 -7.90 -37.88 21.27
CA VAL A 314 -7.34 -36.54 20.98
C VAL A 314 -7.00 -35.73 22.25
N LYS A 315 -5.70 -35.44 22.39
CA LYS A 315 -5.14 -34.65 23.47
C LYS A 315 -4.07 -33.73 22.92
N ILE A 316 -4.27 -32.42 23.08
CA ILE A 316 -3.33 -31.39 22.64
C ILE A 316 -2.59 -30.87 23.87
N SER A 317 -1.25 -30.71 23.79
CA SER A 317 -0.49 -30.12 24.90
C SER A 317 -0.81 -28.62 24.97
N MET A 318 -1.24 -28.16 26.16
CA MET A 318 -1.60 -26.77 26.43
C MET A 318 -0.41 -25.88 26.75
N ASP A 319 0.75 -26.49 27.03
CA ASP A 319 2.01 -25.84 27.37
C ASP A 319 2.44 -24.71 26.42
N VAL A 320 2.52 -24.99 25.10
CA VAL A 320 2.90 -24.04 24.05
C VAL A 320 1.99 -22.81 24.03
N PHE A 321 0.66 -23.01 24.17
CA PHE A 321 -0.35 -21.95 24.20
C PHE A 321 -0.26 -21.10 25.46
N VAL A 322 -0.03 -21.75 26.63
CA VAL A 322 0.10 -21.07 27.92
C VAL A 322 1.39 -20.24 27.92
N ARG A 323 2.54 -20.86 27.60
CA ARG A 323 3.83 -20.16 27.53
C ARG A 323 3.78 -18.91 26.60
N LYS A 324 3.17 -19.05 25.40
CA LYS A 324 3.05 -18.02 24.35
C LYS A 324 2.01 -16.93 24.60
N PHE A 325 0.83 -17.27 25.15
CA PHE A 325 -0.27 -16.30 25.32
C PHE A 325 -0.61 -15.92 26.78
N GLN A 326 -0.21 -16.76 27.75
CA GLN A 326 -0.44 -16.53 29.18
C GLN A 326 0.89 -16.80 29.92
N PRO A 327 1.99 -16.03 29.67
CA PRO A 327 3.25 -16.33 30.38
C PRO A 327 3.20 -16.03 31.87
N GLU A 328 2.40 -15.00 32.25
CA GLU A 328 2.20 -14.57 33.65
C GLU A 328 1.48 -15.64 34.50
N ARG A 329 0.80 -16.61 33.83
CA ARG A 329 0.07 -17.69 34.48
C ARG A 329 0.77 -19.05 34.36
N TYR A 330 1.86 -19.15 33.55
CA TYR A 330 2.59 -20.39 33.28
C TYR A 330 3.05 -21.16 34.53
N LYS A 331 3.77 -20.49 35.47
CA LYS A 331 4.26 -21.13 36.69
C LYS A 331 3.11 -21.57 37.59
N LEU A 332 2.11 -20.69 37.82
CA LEU A 332 0.90 -20.96 38.62
C LEU A 332 0.12 -22.15 38.06
N TRP A 333 0.02 -22.27 36.72
CA TRP A 333 -0.68 -23.35 36.02
C TRP A 333 0.07 -24.69 36.10
N LYS A 334 1.40 -24.66 35.90
CA LYS A 334 2.25 -25.85 35.97
C LYS A 334 2.25 -26.46 37.40
N ALA A 335 2.10 -25.59 38.43
CA ALA A 335 2.05 -25.94 39.85
C ALA A 335 0.63 -26.43 40.27
N GLY A 336 -0.34 -26.31 39.37
CA GLY A 336 -1.72 -26.72 39.61
C GLY A 336 -2.50 -25.75 40.49
N LYS A 337 -2.01 -24.49 40.56
CA LYS A 337 -2.60 -23.41 41.36
C LYS A 337 -3.48 -22.43 40.54
N ASP A 338 -3.63 -22.68 39.22
CA ASP A 338 -4.46 -21.83 38.37
C ASP A 338 -5.95 -22.10 38.64
N ASN A 339 -6.59 -21.18 39.39
CA ASN A 339 -7.99 -21.27 39.79
C ASN A 339 -8.93 -20.35 38.95
N THR A 340 -8.61 -20.12 37.66
CA THR A 340 -9.40 -19.28 36.73
C THR A 340 -10.79 -19.88 36.54
N VAL A 341 -11.83 -19.05 36.67
CA VAL A 341 -13.22 -19.46 36.45
C VAL A 341 -13.64 -18.87 35.10
N ILE A 342 -14.08 -19.74 34.18
CA ILE A 342 -14.53 -19.33 32.84
C ILE A 342 -15.92 -18.68 32.89
N ASP A 343 -16.03 -17.46 32.34
CA ASP A 343 -17.30 -16.75 32.18
C ASP A 343 -17.67 -16.98 30.69
N HIS A 344 -18.67 -17.83 30.43
CA HIS A 344 -19.08 -18.20 29.07
C HIS A 344 -19.66 -17.04 28.25
N THR A 345 -20.09 -15.94 28.91
CA THR A 345 -20.68 -14.77 28.26
C THR A 345 -19.61 -13.81 27.68
N LEU A 346 -18.37 -13.87 28.21
CA LEU A 346 -17.27 -13.00 27.79
C LEU A 346 -16.78 -13.27 26.37
N PRO A 347 -16.67 -12.23 25.52
CA PRO A 347 -16.14 -12.44 24.18
C PRO A 347 -14.61 -12.60 24.19
N THR A 348 -14.04 -13.13 23.08
CA THR A 348 -12.59 -13.32 22.92
C THR A 348 -11.85 -11.99 23.08
N PRO A 349 -10.60 -11.92 23.63
CA PRO A 349 -9.93 -10.61 23.77
C PRO A 349 -9.81 -9.82 22.46
N GLU A 350 -9.67 -10.52 21.31
CA GLU A 350 -9.56 -9.94 19.94
C GLU A 350 -10.79 -9.11 19.53
N ALA A 351 -11.92 -9.27 20.25
CA ALA A 351 -13.17 -8.56 20.01
C ALA A 351 -13.12 -7.09 20.52
N ALA A 352 -12.14 -6.77 21.40
CA ALA A 352 -11.93 -5.45 22.03
C ALA A 352 -12.15 -4.24 21.10
N GLU A 353 -11.62 -4.29 19.86
CA GLU A 353 -11.77 -3.24 18.84
C GLU A 353 -13.23 -2.90 18.47
N PHE A 354 -14.14 -3.90 18.63
CA PHE A 354 -15.57 -3.76 18.33
C PHE A 354 -16.39 -3.36 19.57
N LEU A 355 -15.73 -3.31 20.76
CA LEU A 355 -16.37 -3.00 22.04
C LEU A 355 -15.68 -1.86 22.75
N MET B 2 52.40 24.67 3.88
CA MET B 2 51.87 24.67 5.24
C MET B 2 50.34 24.55 5.25
N ALA B 3 49.88 23.44 5.84
CA ALA B 3 48.48 23.10 5.99
C ALA B 3 47.88 23.81 7.21
N SER B 4 46.58 24.14 7.15
CA SER B 4 45.84 24.72 8.27
C SER B 4 45.65 23.60 9.34
N GLU B 5 45.10 23.93 10.51
CA GLU B 5 44.86 22.94 11.58
C GLU B 5 43.87 21.83 11.11
N SER B 6 42.80 22.22 10.38
CA SER B 6 41.81 21.27 9.85
C SER B 6 42.40 20.37 8.74
N GLU B 7 43.30 20.93 7.90
CA GLU B 7 43.97 20.19 6.81
C GLU B 7 45.04 19.20 7.33
N THR B 8 45.49 19.41 8.57
CA THR B 8 46.49 18.57 9.26
C THR B 8 45.89 17.24 9.78
N LEU B 9 44.60 17.24 10.17
CA LEU B 9 43.91 16.07 10.71
C LEU B 9 43.38 15.19 9.58
N ASN B 10 43.64 13.88 9.69
CA ASN B 10 43.25 12.90 8.67
C ASN B 10 43.63 13.39 7.22
N PRO B 11 44.94 13.74 6.98
CA PRO B 11 45.32 14.30 5.66
C PRO B 11 45.05 13.41 4.44
N SER B 12 45.02 12.09 4.62
CA SER B 12 44.67 11.14 3.53
C SER B 12 43.16 10.89 3.45
N ALA B 13 42.36 11.54 4.33
CA ALA B 13 40.90 11.45 4.39
C ALA B 13 40.40 9.97 4.38
N ARG B 14 41.05 9.14 5.23
CA ARG B 14 40.79 7.72 5.45
C ARG B 14 39.62 7.55 6.39
N ILE B 15 38.89 6.47 6.26
CA ILE B 15 37.77 6.19 7.12
C ILE B 15 38.30 5.87 8.54
N MET B 16 37.68 6.49 9.54
CA MET B 16 38.06 6.34 10.93
C MET B 16 37.04 5.56 11.75
N THR B 17 37.54 4.88 12.78
CA THR B 17 36.74 4.07 13.66
C THR B 17 36.82 4.59 15.09
N PHE B 18 35.67 4.64 15.76
CA PHE B 18 35.54 5.17 17.12
C PHE B 18 34.92 4.17 18.07
N TYR B 19 35.43 4.14 19.30
CA TYR B 19 34.98 3.23 20.36
C TYR B 19 34.53 4.02 21.59
N PRO B 20 33.36 4.74 21.54
CA PRO B 20 32.92 5.52 22.71
C PRO B 20 32.59 4.65 23.93
N THR B 21 32.80 5.22 25.13
CA THR B 21 32.45 4.60 26.41
C THR B 21 30.93 4.88 26.57
N MET B 22 30.28 4.26 27.56
CA MET B 22 28.86 4.48 27.83
C MET B 22 28.53 5.96 28.14
N GLU B 23 29.43 6.64 28.89
CA GLU B 23 29.29 8.06 29.22
C GLU B 23 29.36 8.95 27.95
N GLU B 24 30.35 8.70 27.06
CA GLU B 24 30.55 9.43 25.80
C GLU B 24 29.38 9.19 24.79
N PHE B 25 28.77 8.00 24.83
CA PHE B 25 27.69 7.55 23.97
C PHE B 25 26.32 8.16 24.33
N ARG B 26 26.17 8.72 25.53
CA ARG B 26 24.90 9.32 25.96
C ARG B 26 24.52 10.62 25.20
N ASN B 27 25.50 11.46 24.77
CA ASN B 27 25.21 12.68 24.00
C ASN B 27 25.61 12.50 22.53
N PHE B 28 24.60 12.23 21.68
CA PHE B 28 24.78 11.95 20.27
C PHE B 28 25.47 13.08 19.50
N SER B 29 24.85 14.27 19.51
CA SER B 29 25.34 15.47 18.81
C SER B 29 26.75 15.86 19.22
N ARG B 30 27.07 15.76 20.54
CA ARG B 30 28.38 16.07 21.11
C ARG B 30 29.44 15.07 20.61
N TYR B 31 29.06 13.79 20.47
CA TYR B 31 29.98 12.77 19.97
C TYR B 31 30.29 12.95 18.48
N ILE B 32 29.32 13.44 17.70
CA ILE B 32 29.51 13.72 16.28
C ILE B 32 30.49 14.92 16.15
N ALA B 33 30.35 15.91 17.05
CA ALA B 33 31.23 17.09 17.11
C ALA B 33 32.66 16.63 17.44
N TYR B 34 32.80 15.68 18.39
CA TYR B 34 34.07 15.10 18.77
C TYR B 34 34.78 14.38 17.59
N ILE B 35 34.06 13.52 16.85
CA ILE B 35 34.68 12.76 15.76
C ILE B 35 35.15 13.72 14.64
N GLU B 36 34.42 14.85 14.41
CA GLU B 36 34.76 15.87 13.44
C GLU B 36 36.02 16.63 13.87
N SER B 37 36.19 16.85 15.20
CA SER B 37 37.39 17.48 15.77
C SER B 37 38.65 16.59 15.49
N GLN B 38 38.42 15.29 15.22
CA GLN B 38 39.44 14.29 14.91
C GLN B 38 39.70 14.15 13.39
N GLY B 39 38.91 14.85 12.58
CA GLY B 39 39.00 14.84 11.12
C GLY B 39 38.23 13.70 10.46
N ALA B 40 37.29 13.05 11.20
CA ALA B 40 36.52 11.90 10.67
C ALA B 40 35.71 12.22 9.40
N HIS B 41 35.05 13.41 9.38
CA HIS B 41 34.23 13.91 8.27
C HIS B 41 34.97 14.06 6.92
N ARG B 42 36.32 14.18 6.92
CA ARG B 42 37.14 14.28 5.72
C ARG B 42 36.97 13.06 4.80
N ALA B 43 36.76 11.88 5.38
CA ALA B 43 36.56 10.65 4.62
C ALA B 43 35.17 10.58 4.01
N GLY B 44 34.19 11.21 4.67
CA GLY B 44 32.78 11.21 4.28
C GLY B 44 32.00 10.06 4.88
N LEU B 45 32.72 9.14 5.54
CA LEU B 45 32.20 7.94 6.19
C LEU B 45 33.06 7.61 7.42
N ALA B 46 32.42 7.28 8.55
CA ALA B 46 33.09 6.87 9.81
C ALA B 46 32.36 5.72 10.43
N LYS B 47 33.11 4.82 11.11
CA LYS B 47 32.54 3.70 11.86
C LYS B 47 32.53 4.01 13.35
N VAL B 48 31.40 3.68 14.00
CA VAL B 48 31.24 3.84 15.44
C VAL B 48 30.84 2.49 16.04
N VAL B 49 31.72 1.94 16.91
CA VAL B 49 31.51 0.69 17.64
C VAL B 49 30.93 1.07 19.01
N PRO B 50 29.64 0.76 19.27
CA PRO B 50 29.05 1.13 20.58
C PRO B 50 29.60 0.35 21.78
N PRO B 51 29.44 0.84 23.04
CA PRO B 51 29.86 0.03 24.22
C PRO B 51 29.15 -1.33 24.25
N LYS B 52 29.84 -2.36 24.76
CA LYS B 52 29.36 -3.74 24.88
C LYS B 52 28.06 -3.83 25.69
N GLU B 53 27.92 -2.97 26.72
CA GLU B 53 26.75 -2.93 27.61
C GLU B 53 25.45 -2.42 26.94
N TRP B 54 25.56 -1.62 25.87
CA TRP B 54 24.43 -1.05 25.14
C TRP B 54 23.81 -2.06 24.17
N LYS B 55 22.47 -2.08 24.14
CA LYS B 55 21.67 -2.95 23.30
C LYS B 55 20.42 -2.18 22.81
N PRO B 56 20.11 -2.10 21.49
CA PRO B 56 18.89 -1.37 21.08
C PRO B 56 17.57 -2.16 21.28
N ARG B 57 17.66 -3.49 21.46
CA ARG B 57 16.54 -4.44 21.57
C ARG B 57 17.05 -5.73 22.22
N ALA B 58 16.21 -6.36 23.07
CA ALA B 58 16.57 -7.59 23.78
C ALA B 58 16.84 -8.79 22.82
N SER B 59 15.96 -8.99 21.81
CA SER B 59 16.11 -10.06 20.81
C SER B 59 15.38 -9.74 19.51
N TYR B 60 15.73 -10.46 18.43
CA TYR B 60 15.13 -10.28 17.10
C TYR B 60 14.30 -11.50 16.67
N ASP B 61 13.90 -12.34 17.62
CA ASP B 61 13.13 -13.57 17.37
C ASP B 61 11.62 -13.34 17.13
N ASP B 62 11.17 -12.08 17.16
CA ASP B 62 9.78 -11.69 17.00
C ASP B 62 9.51 -10.81 15.75
N ILE B 63 10.36 -10.96 14.70
CA ILE B 63 10.25 -10.11 13.52
C ILE B 63 9.98 -10.89 12.19
N ASP B 64 9.64 -12.19 12.25
CA ASP B 64 9.34 -12.97 11.03
C ASP B 64 8.03 -12.58 10.32
N ASP B 65 7.07 -12.05 11.08
CA ASP B 65 5.78 -11.60 10.58
C ASP B 65 5.75 -10.14 10.16
N LEU B 66 6.91 -9.47 10.24
CA LEU B 66 7.03 -8.08 9.82
C LEU B 66 6.90 -8.04 8.29
N VAL B 67 6.08 -7.14 7.80
CA VAL B 67 5.85 -7.00 6.38
C VAL B 67 6.78 -6.00 5.72
N ILE B 68 7.30 -6.39 4.56
CA ILE B 68 8.11 -5.54 3.72
C ILE B 68 7.08 -5.18 2.66
N PRO B 69 6.58 -3.95 2.68
CA PRO B 69 5.49 -3.58 1.76
C PRO B 69 5.84 -3.53 0.27
N ALA B 70 7.07 -3.10 -0.05
CA ALA B 70 7.51 -2.92 -1.43
C ALA B 70 8.94 -3.43 -1.68
N PRO B 71 9.20 -4.77 -1.65
CA PRO B 71 10.56 -5.25 -1.95
C PRO B 71 10.95 -4.99 -3.41
N ILE B 72 12.23 -4.75 -3.65
CA ILE B 72 12.73 -4.44 -4.98
C ILE B 72 13.63 -5.54 -5.54
N GLN B 73 13.44 -5.89 -6.81
CA GLN B 73 14.32 -6.79 -7.51
C GLN B 73 15.33 -5.87 -8.18
N GLN B 74 16.60 -6.09 -7.86
CA GLN B 74 17.68 -5.22 -8.32
C GLN B 74 18.35 -5.71 -9.59
N LEU B 75 17.84 -5.22 -10.76
CA LEU B 75 18.34 -5.57 -12.09
C LEU B 75 19.46 -4.63 -12.46
N VAL B 76 20.58 -5.18 -12.88
CA VAL B 76 21.73 -4.36 -13.19
C VAL B 76 22.16 -4.67 -14.59
N THR B 77 22.44 -3.59 -15.37
CA THR B 77 22.90 -3.61 -16.75
C THR B 77 24.21 -2.82 -16.89
N GLY B 78 25.11 -3.31 -17.72
CA GLY B 78 26.36 -2.61 -17.95
C GLY B 78 27.56 -3.51 -18.13
N GLN B 79 28.73 -2.87 -18.19
CA GLN B 79 29.99 -3.57 -18.36
C GLN B 79 31.16 -2.67 -18.06
N SER B 80 32.34 -3.29 -17.93
CA SER B 80 33.62 -2.64 -17.70
C SER B 80 33.61 -1.65 -16.51
N GLY B 81 33.03 -2.06 -15.38
CA GLY B 81 32.98 -1.26 -14.14
C GLY B 81 31.97 -0.12 -14.08
N LEU B 82 31.05 -0.04 -15.05
CA LEU B 82 30.01 0.98 -15.15
C LEU B 82 28.67 0.35 -15.36
N PHE B 83 27.74 0.58 -14.41
CA PHE B 83 26.44 -0.07 -14.43
C PHE B 83 25.28 0.84 -14.08
N THR B 84 24.07 0.44 -14.53
CA THR B 84 22.81 1.11 -14.20
C THR B 84 21.95 0.07 -13.54
N GLN B 85 21.43 0.42 -12.36
CA GLN B 85 20.56 -0.40 -11.56
C GLN B 85 19.08 0.00 -11.73
N TYR B 86 18.27 -0.97 -12.13
CA TYR B 86 16.84 -0.81 -12.30
C TYR B 86 16.17 -1.56 -11.15
N ASN B 87 15.59 -0.80 -10.21
CA ASN B 87 14.97 -1.36 -8.99
C ASN B 87 13.47 -1.58 -9.19
N ILE B 88 13.08 -2.85 -9.46
CA ILE B 88 11.72 -3.27 -9.75
C ILE B 88 10.93 -3.61 -8.51
N GLN B 89 9.81 -2.89 -8.30
CA GLN B 89 8.90 -3.16 -7.18
C GLN B 89 8.15 -4.48 -7.36
N LYS B 90 8.17 -5.32 -6.32
CA LYS B 90 7.50 -6.62 -6.26
C LYS B 90 6.39 -6.53 -5.23
N LYS B 91 5.51 -7.54 -5.17
CA LYS B 91 4.43 -7.56 -4.17
C LYS B 91 5.00 -7.72 -2.75
N ALA B 92 4.25 -7.21 -1.75
CA ALA B 92 4.60 -7.27 -0.34
C ALA B 92 4.90 -8.71 0.13
N MET B 93 5.91 -8.86 0.98
CA MET B 93 6.27 -10.14 1.56
C MET B 93 6.66 -9.99 3.04
N THR B 94 6.65 -11.10 3.80
CA THR B 94 7.07 -11.06 5.20
C THR B 94 8.60 -11.26 5.26
N VAL B 95 9.21 -10.95 6.42
CA VAL B 95 10.62 -11.15 6.67
C VAL B 95 10.93 -12.68 6.56
N ARG B 96 9.99 -13.53 7.05
CA ARG B 96 10.07 -14.98 6.96
C ARG B 96 10.23 -15.47 5.49
N GLU B 97 9.39 -14.96 4.58
CA GLU B 97 9.39 -15.28 3.14
C GLU B 97 10.68 -14.79 2.49
N PHE B 98 11.10 -13.56 2.87
CA PHE B 98 12.33 -12.93 2.38
C PHE B 98 13.58 -13.74 2.80
N ARG B 99 13.69 -14.12 4.12
CA ARG B 99 14.82 -14.91 4.67
C ARG B 99 14.97 -16.26 3.95
N LYS B 100 13.85 -16.89 3.56
CA LYS B 100 13.80 -18.17 2.86
C LYS B 100 14.44 -18.07 1.47
N ILE B 101 14.14 -16.98 0.74
CA ILE B 101 14.73 -16.70 -0.58
C ILE B 101 16.23 -16.40 -0.40
N ALA B 102 16.59 -15.56 0.59
CA ALA B 102 17.96 -15.16 0.88
C ALA B 102 18.90 -16.37 1.18
N ASN B 103 18.36 -17.38 1.86
CA ASN B 103 19.11 -18.56 2.24
C ASN B 103 18.97 -19.73 1.25
N SER B 104 18.19 -19.54 0.14
CA SER B 104 18.06 -20.56 -0.91
C SER B 104 19.36 -20.71 -1.73
N ASP B 105 19.57 -21.87 -2.38
CA ASP B 105 20.78 -22.16 -3.19
C ASP B 105 21.04 -21.14 -4.30
N LYS B 106 19.95 -20.58 -4.86
CA LYS B 106 20.00 -19.58 -5.92
C LYS B 106 20.52 -18.22 -5.44
N TYR B 107 20.13 -17.80 -4.22
CA TYR B 107 20.46 -16.46 -3.74
C TYR B 107 21.43 -16.37 -2.57
N CYS B 108 21.79 -17.51 -1.95
CA CYS B 108 22.69 -17.51 -0.79
C CYS B 108 24.10 -16.98 -1.10
N THR B 109 24.82 -16.51 -0.06
CA THR B 109 26.20 -16.03 -0.14
C THR B 109 27.12 -17.13 -0.66
N PRO B 110 27.97 -16.86 -1.67
CA PRO B 110 28.93 -17.90 -2.11
C PRO B 110 29.98 -18.20 -1.05
N ARG B 111 30.60 -19.40 -1.07
CA ARG B 111 31.66 -19.74 -0.11
C ARG B 111 32.91 -18.90 -0.44
N TYR B 112 33.51 -18.26 0.58
CA TYR B 112 34.67 -17.40 0.35
C TYR B 112 35.67 -17.42 1.50
N SER B 113 36.93 -17.03 1.22
CA SER B 113 38.03 -16.99 2.19
C SER B 113 38.08 -15.65 2.97
N GLU B 114 38.30 -14.53 2.25
CA GLU B 114 38.36 -13.18 2.82
C GLU B 114 37.36 -12.25 2.11
N PHE B 115 37.10 -11.06 2.71
CA PHE B 115 36.18 -10.04 2.18
C PHE B 115 36.51 -9.63 0.72
N GLU B 116 37.82 -9.62 0.35
CA GLU B 116 38.36 -9.29 -0.98
C GLU B 116 37.89 -10.27 -2.07
N GLU B 117 37.67 -11.53 -1.70
CA GLU B 117 37.16 -12.56 -2.63
C GLU B 117 35.67 -12.30 -2.91
N LEU B 118 34.91 -11.94 -1.87
CA LEU B 118 33.50 -11.62 -1.98
C LEU B 118 33.27 -10.32 -2.78
N GLU B 119 34.18 -9.37 -2.61
CA GLU B 119 34.17 -8.11 -3.35
C GLU B 119 34.41 -8.40 -4.85
N ARG B 120 35.39 -9.27 -5.17
CA ARG B 120 35.67 -9.69 -6.54
C ARG B 120 34.43 -10.39 -7.13
N LYS B 121 33.79 -11.27 -6.35
CA LYS B 121 32.58 -12.02 -6.73
C LYS B 121 31.38 -11.08 -6.97
N TYR B 122 31.25 -10.01 -6.17
CA TYR B 122 30.18 -9.06 -6.34
C TYR B 122 30.31 -8.33 -7.68
N TRP B 123 31.51 -7.74 -7.98
CA TRP B 123 31.77 -6.99 -9.21
C TRP B 123 31.80 -7.87 -10.47
N LYS B 124 32.01 -9.17 -10.31
CA LYS B 124 32.02 -10.11 -11.43
C LYS B 124 30.58 -10.58 -11.75
N ASN B 125 29.72 -10.70 -10.72
CA ASN B 125 28.39 -11.30 -10.85
C ASN B 125 27.22 -10.39 -10.59
N LEU B 126 27.46 -9.09 -10.37
CA LEU B 126 26.38 -8.14 -10.05
C LEU B 126 25.32 -8.05 -11.14
N THR B 127 25.60 -8.45 -12.39
CA THR B 127 24.56 -8.34 -13.41
C THR B 127 23.72 -9.61 -13.52
N PHE B 128 24.15 -10.72 -12.90
CA PHE B 128 23.46 -12.02 -12.98
C PHE B 128 22.62 -12.28 -11.77
N ASN B 129 21.59 -13.11 -11.94
CA ASN B 129 20.65 -13.53 -10.90
C ASN B 129 20.27 -12.37 -9.95
N PRO B 130 19.48 -11.38 -10.48
CA PRO B 130 19.10 -10.20 -9.67
C PRO B 130 18.48 -10.52 -8.30
N PRO B 131 19.03 -9.97 -7.21
CA PRO B 131 18.49 -10.28 -5.87
C PRO B 131 17.30 -9.39 -5.49
N ILE B 132 16.63 -9.73 -4.38
CA ILE B 132 15.52 -8.94 -3.85
C ILE B 132 16.03 -8.21 -2.61
N TYR B 133 15.81 -6.86 -2.57
CA TYR B 133 16.21 -6.01 -1.44
C TYR B 133 14.92 -5.55 -0.76
N GLY B 134 14.78 -5.89 0.53
CA GLY B 134 13.65 -5.45 1.35
C GLY B 134 13.98 -4.07 1.90
N ALA B 135 14.12 -3.11 0.98
CA ALA B 135 14.58 -1.75 1.21
C ALA B 135 13.52 -0.71 1.50
N ASP B 136 13.92 0.34 2.24
CA ASP B 136 13.07 1.49 2.54
C ASP B 136 11.76 1.15 3.25
N VAL B 137 11.82 0.20 4.20
CA VAL B 137 10.64 -0.18 4.99
C VAL B 137 10.54 0.87 6.11
N ASN B 138 9.37 1.48 6.32
CA ASN B 138 9.13 2.45 7.41
C ASN B 138 9.03 1.68 8.71
N GLY B 139 9.90 2.02 9.66
CA GLY B 139 9.88 1.35 10.95
C GLY B 139 11.19 1.38 11.67
N THR B 140 11.15 0.93 12.92
CA THR B 140 12.29 0.86 13.80
C THR B 140 12.34 -0.50 14.49
N LEU B 141 13.55 -0.94 14.88
CA LEU B 141 13.72 -2.17 15.64
C LEU B 141 14.21 -1.84 17.04
N TYR B 142 14.33 -0.53 17.34
CA TYR B 142 14.71 -0.04 18.66
C TYR B 142 13.54 -0.23 19.62
N GLU B 143 13.85 -0.55 20.89
CA GLU B 143 12.86 -0.65 21.96
C GLU B 143 12.59 0.83 22.32
N LYS B 144 11.32 1.17 22.60
CA LYS B 144 10.86 2.54 22.90
C LYS B 144 11.67 3.29 23.97
N HIS B 145 12.14 2.60 25.03
CA HIS B 145 12.89 3.19 26.16
C HIS B 145 14.39 3.49 25.93
N VAL B 146 14.98 3.04 24.81
CA VAL B 146 16.40 3.25 24.49
C VAL B 146 16.65 4.75 24.14
N ASP B 147 17.45 5.41 25.00
CA ASP B 147 17.74 6.84 24.90
C ASP B 147 19.03 7.17 24.16
N GLU B 148 19.98 6.23 24.10
CA GLU B 148 21.27 6.44 23.44
C GLU B 148 21.24 5.97 22.00
N TRP B 149 21.61 6.89 21.09
CA TRP B 149 21.71 6.66 19.63
C TRP B 149 20.47 6.00 19.05
N ASN B 150 19.30 6.45 19.51
CA ASN B 150 18.04 5.96 19.02
C ASN B 150 17.74 6.67 17.70
N ILE B 151 17.81 5.91 16.62
CA ILE B 151 17.63 6.39 15.26
C ILE B 151 16.27 7.05 15.11
N GLY B 152 15.30 6.56 15.85
CA GLY B 152 13.98 7.14 15.87
C GLY B 152 13.96 8.57 16.40
N ARG B 153 14.76 8.85 17.43
CA ARG B 153 14.84 10.17 18.02
C ARG B 153 16.25 10.69 18.39
N LEU B 154 17.05 11.08 17.41
CA LEU B 154 18.40 11.57 17.64
C LEU B 154 18.54 12.93 18.36
N ARG B 155 17.52 13.75 18.23
CA ARG B 155 17.39 15.09 18.82
C ARG B 155 18.43 16.07 18.27
N THR B 156 18.63 16.04 16.92
CA THR B 156 19.55 16.95 16.23
C THR B 156 18.77 18.17 15.76
N ILE B 157 19.44 19.18 15.14
CA ILE B 157 18.76 20.39 14.66
C ILE B 157 17.82 20.07 13.46
N LEU B 158 17.89 18.85 12.88
CA LEU B 158 16.99 18.44 11.79
C LEU B 158 15.53 18.39 12.27
N ASP B 159 15.34 18.27 13.60
CA ASP B 159 14.05 18.27 14.27
C ASP B 159 13.19 19.51 14.01
N LEU B 160 13.83 20.63 13.56
CA LEU B 160 13.16 21.91 13.23
C LEU B 160 12.19 21.76 12.06
N VAL B 161 12.48 20.85 11.12
CA VAL B 161 11.64 20.54 9.95
C VAL B 161 10.24 20.10 10.41
N GLU B 162 10.14 19.11 11.32
CA GLU B 162 8.86 18.65 11.84
C GLU B 162 8.27 19.62 12.89
N LYS B 163 9.10 20.17 13.80
CA LYS B 163 8.68 21.11 14.85
C LYS B 163 8.07 22.41 14.31
N GLU B 164 8.71 23.01 13.28
CA GLU B 164 8.25 24.27 12.70
C GLU B 164 7.18 24.11 11.61
N SER B 165 7.35 23.13 10.71
CA SER B 165 6.40 22.95 9.60
C SER B 165 5.38 21.79 9.76
N GLY B 166 5.69 20.82 10.61
CA GLY B 166 4.85 19.65 10.83
C GLY B 166 4.99 18.63 9.72
N ILE B 167 6.11 18.70 8.98
CA ILE B 167 6.40 17.84 7.85
C ILE B 167 7.25 16.64 8.24
N THR B 168 6.77 15.46 7.84
CA THR B 168 7.51 14.20 8.01
C THR B 168 7.96 13.72 6.63
N ILE B 169 9.24 13.42 6.53
CA ILE B 169 9.87 12.93 5.32
C ILE B 169 10.38 11.52 5.63
N GLU B 170 9.68 10.50 5.10
CA GLU B 170 9.95 9.09 5.35
C GLU B 170 11.38 8.71 5.05
N GLY B 171 12.06 8.17 6.07
CA GLY B 171 13.46 7.79 5.98
C GLY B 171 14.43 8.95 6.21
N VAL B 172 13.96 10.22 6.10
CA VAL B 172 14.79 11.41 6.32
C VAL B 172 14.68 11.87 7.80
N ASN B 173 13.47 12.12 8.32
CA ASN B 173 13.27 12.45 9.73
C ASN B 173 12.50 11.33 10.47
N THR B 174 12.34 10.18 9.82
CA THR B 174 11.71 8.95 10.34
C THR B 174 12.67 7.80 10.00
N PRO B 175 12.70 6.66 10.70
CA PRO B 175 13.66 5.62 10.33
C PRO B 175 13.19 4.66 9.22
N TYR B 176 14.17 4.14 8.45
CA TYR B 176 13.97 3.11 7.42
C TYR B 176 14.70 1.83 7.85
N LEU B 177 14.14 0.67 7.51
CA LEU B 177 14.70 -0.67 7.72
C LEU B 177 15.09 -1.22 6.34
N TYR B 178 16.23 -1.90 6.26
CA TYR B 178 16.72 -2.51 5.02
C TYR B 178 17.03 -3.97 5.30
N PHE B 179 16.25 -4.87 4.70
CA PHE B 179 16.48 -6.32 4.80
C PHE B 179 17.24 -6.72 3.57
N GLY B 180 18.51 -7.06 3.78
CA GLY B 180 19.41 -7.44 2.69
C GLY B 180 19.56 -8.93 2.50
N MET B 181 20.05 -9.28 1.32
CA MET B 181 20.45 -10.63 0.94
C MET B 181 21.75 -10.45 0.15
N TRP B 182 22.45 -11.54 -0.17
CA TRP B 182 23.69 -11.47 -0.92
C TRP B 182 23.50 -10.70 -2.24
N LYS B 183 24.47 -9.81 -2.57
CA LYS B 183 24.57 -9.07 -3.81
C LYS B 183 23.61 -7.85 -3.89
N THR B 184 22.78 -7.60 -2.85
CA THR B 184 21.90 -6.41 -2.82
C THR B 184 22.80 -5.21 -2.60
N SER B 185 22.48 -4.08 -3.20
CA SER B 185 23.34 -2.94 -3.07
C SER B 185 22.72 -1.57 -3.20
N PHE B 186 23.48 -0.58 -2.80
CA PHE B 186 23.08 0.80 -2.90
C PHE B 186 24.06 1.48 -3.86
N ALA B 187 23.53 2.26 -4.78
CA ALA B 187 24.30 2.98 -5.77
C ALA B 187 24.94 4.23 -5.17
N TRP B 188 25.90 4.81 -5.88
CA TRP B 188 26.58 6.01 -5.41
C TRP B 188 25.61 7.16 -5.22
N HIS B 189 25.66 7.80 -4.07
CA HIS B 189 24.78 8.90 -3.75
C HIS B 189 25.24 9.66 -2.53
N THR B 190 24.66 10.84 -2.34
CA THR B 190 24.89 11.68 -1.18
C THR B 190 23.51 11.68 -0.57
N GLU B 191 23.34 12.19 0.65
CA GLU B 191 21.99 12.14 1.24
C GLU B 191 21.07 13.23 0.67
N ASP B 192 19.76 13.14 0.92
CA ASP B 192 18.82 14.19 0.50
C ASP B 192 19.25 15.48 1.21
N MET B 193 19.35 16.58 0.43
CA MET B 193 19.78 17.91 0.90
C MET B 193 21.24 17.91 1.39
N ASP B 194 22.02 16.87 1.02
CA ASP B 194 23.40 16.62 1.43
C ASP B 194 23.52 16.55 2.95
N LEU B 195 22.55 15.90 3.59
CA LEU B 195 22.48 15.72 5.03
C LEU B 195 23.46 14.64 5.50
N TYR B 196 23.56 14.48 6.82
CA TYR B 196 24.32 13.39 7.42
C TYR B 196 23.36 12.18 7.44
N SER B 197 23.90 10.99 7.71
CA SER B 197 23.10 9.80 7.91
C SER B 197 23.77 8.91 8.91
N ILE B 198 22.95 8.09 9.58
CA ILE B 198 23.33 7.10 10.58
C ILE B 198 22.75 5.77 10.10
N ASN B 199 23.54 4.69 10.20
CA ASN B 199 23.18 3.35 9.76
C ASN B 199 23.69 2.40 10.81
N TYR B 200 22.80 1.62 11.39
CA TYR B 200 23.14 0.62 12.38
C TYR B 200 22.78 -0.72 11.80
N LEU B 201 23.70 -1.69 11.83
CA LEU B 201 23.42 -3.05 11.42
C LEU B 201 22.88 -3.85 12.61
N HIS B 202 21.55 -4.09 12.63
CA HIS B 202 20.89 -4.82 13.70
C HIS B 202 21.40 -6.27 13.87
N PHE B 203 21.44 -7.02 12.76
CA PHE B 203 21.86 -8.41 12.76
C PHE B 203 22.25 -8.88 11.37
N GLY B 204 22.83 -10.07 11.32
CA GLY B 204 23.14 -10.76 10.09
C GLY B 204 24.52 -10.57 9.53
N GLU B 205 24.64 -10.87 8.23
CA GLU B 205 25.86 -10.81 7.46
C GLU B 205 26.32 -9.35 7.25
N PRO B 206 27.65 -9.14 7.00
CA PRO B 206 28.15 -7.75 6.85
C PRO B 206 27.60 -6.98 5.66
N LYS B 207 27.92 -5.67 5.67
CA LYS B 207 27.58 -4.69 4.67
C LYS B 207 28.87 -3.96 4.34
N SER B 208 29.33 -4.08 3.08
CA SER B 208 30.56 -3.39 2.64
C SER B 208 30.22 -2.04 2.03
N TRP B 209 31.06 -1.02 2.33
CA TRP B 209 30.88 0.34 1.89
C TRP B 209 32.10 0.86 1.13
N TYR B 210 31.85 1.79 0.21
CA TYR B 210 32.85 2.58 -0.50
C TYR B 210 32.47 4.02 -0.24
N SER B 211 33.45 4.90 -0.13
CA SER B 211 33.22 6.33 0.09
C SER B 211 34.20 7.17 -0.67
N VAL B 212 33.76 8.36 -1.09
CA VAL B 212 34.61 9.33 -1.77
C VAL B 212 34.64 10.53 -0.81
N PRO B 213 35.85 11.02 -0.41
CA PRO B 213 35.88 12.19 0.47
C PRO B 213 35.08 13.37 -0.11
N PRO B 214 34.26 14.10 0.71
CA PRO B 214 33.52 15.27 0.18
C PRO B 214 34.37 16.29 -0.61
N GLU B 215 35.67 16.42 -0.28
CA GLU B 215 36.58 17.34 -0.99
C GLU B 215 36.96 16.85 -2.41
N HIS B 216 36.59 15.60 -2.77
CA HIS B 216 36.76 15.00 -4.10
C HIS B 216 35.42 14.64 -4.77
N GLY B 217 34.32 14.97 -4.12
CA GLY B 217 32.97 14.69 -4.60
C GLY B 217 32.64 15.18 -6.00
N LYS B 218 33.16 16.39 -6.39
CA LYS B 218 32.95 17.01 -7.70
C LYS B 218 33.64 16.25 -8.82
N ARG B 219 34.77 15.59 -8.48
CA ARG B 219 35.53 14.74 -9.40
C ARG B 219 34.69 13.51 -9.77
N LEU B 220 33.94 12.92 -8.78
CA LEU B 220 33.06 11.77 -9.04
C LEU B 220 31.90 12.22 -9.93
N GLU B 221 31.32 13.40 -9.65
CA GLU B 221 30.23 13.99 -10.40
C GLU B 221 30.59 14.22 -11.87
N ARG B 222 31.82 14.76 -12.13
CA ARG B 222 32.34 15.04 -13.48
C ARG B 222 32.54 13.74 -14.24
N LEU B 223 32.99 12.69 -13.55
CA LEU B 223 33.20 11.35 -14.12
C LEU B 223 31.85 10.75 -14.58
N ALA B 224 30.84 10.77 -13.69
CA ALA B 224 29.48 10.29 -13.92
C ALA B 224 28.82 10.99 -15.09
N LYS B 225 28.93 12.34 -15.16
CA LYS B 225 28.38 13.17 -16.23
C LYS B 225 29.00 12.85 -17.59
N GLY B 226 30.30 12.56 -17.62
CA GLY B 226 31.03 12.20 -18.83
C GLY B 226 30.56 10.88 -19.41
N PHE B 227 30.29 9.90 -18.53
CA PHE B 227 29.83 8.55 -18.86
C PHE B 227 28.37 8.48 -19.23
N PHE B 228 27.52 9.29 -18.59
CA PHE B 228 26.08 9.34 -18.83
C PHE B 228 25.67 10.75 -19.27
N PRO B 229 26.05 11.19 -20.50
CA PRO B 229 25.70 12.56 -20.94
C PRO B 229 24.20 12.81 -21.14
N GLY B 230 23.47 11.77 -21.52
CA GLY B 230 22.02 11.82 -21.71
C GLY B 230 21.29 12.03 -20.40
N SER B 231 21.75 11.34 -19.34
CA SER B 231 21.23 11.45 -17.96
C SER B 231 21.56 12.84 -17.38
N ALA B 232 22.77 13.35 -17.66
CA ALA B 232 23.26 14.66 -17.24
C ALA B 232 22.47 15.78 -17.91
N GLN B 233 22.02 15.54 -19.16
CA GLN B 233 21.21 16.49 -19.93
C GLN B 233 19.77 16.56 -19.39
N SER B 234 19.24 15.41 -18.92
CA SER B 234 17.87 15.25 -18.39
C SER B 234 17.66 15.69 -16.94
N CYS B 235 18.71 15.65 -16.12
CA CYS B 235 18.63 15.99 -14.71
C CYS B 235 19.89 16.66 -14.21
N GLU B 236 19.71 17.68 -13.33
CA GLU B 236 20.83 18.41 -12.72
C GLU B 236 21.59 17.58 -11.69
N ALA B 237 20.94 16.57 -11.09
CA ALA B 237 21.53 15.71 -10.08
C ALA B 237 21.06 14.25 -10.25
N PHE B 238 21.39 13.61 -11.38
CA PHE B 238 20.95 12.26 -11.72
C PHE B 238 21.50 11.17 -10.77
N LEU B 239 22.58 11.45 -10.02
CA LEU B 239 23.09 10.46 -9.06
C LEU B 239 22.10 10.26 -7.90
N ARG B 240 21.21 11.26 -7.65
CA ARG B 240 20.14 11.22 -6.64
C ARG B 240 19.05 10.16 -6.97
N HIS B 241 19.05 9.64 -8.20
CA HIS B 241 18.14 8.58 -8.65
C HIS B 241 18.54 7.24 -8.06
N LYS B 242 19.79 7.13 -7.54
CA LYS B 242 20.38 5.95 -6.90
C LYS B 242 20.41 4.75 -7.88
N MET B 243 20.83 5.00 -9.11
CA MET B 243 20.89 3.97 -10.17
C MET B 243 22.29 3.73 -10.72
N THR B 244 23.28 4.56 -10.34
CA THR B 244 24.60 4.49 -10.93
C THR B 244 25.61 3.74 -10.08
N LEU B 245 26.10 2.64 -10.65
CA LEU B 245 27.13 1.80 -10.03
C LEU B 245 28.45 2.02 -10.77
N ILE B 246 29.52 2.33 -10.02
CA ILE B 246 30.89 2.55 -10.55
C ILE B 246 31.85 1.75 -9.66
N SER B 247 32.59 0.78 -10.26
CA SER B 247 33.50 -0.10 -9.51
C SER B 247 34.74 0.61 -8.91
N PRO B 248 35.35 0.08 -7.81
CA PRO B 248 36.59 0.67 -7.29
C PRO B 248 37.75 0.72 -8.33
N LEU B 249 37.79 -0.24 -9.29
CA LEU B 249 38.80 -0.27 -10.34
C LEU B 249 38.63 0.90 -11.33
N MET B 250 37.37 1.24 -11.60
CA MET B 250 36.99 2.35 -12.47
C MET B 250 37.39 3.70 -11.81
N LEU B 251 37.18 3.82 -10.48
CA LEU B 251 37.57 5.02 -9.72
C LEU B 251 39.11 5.19 -9.68
N LYS B 252 39.82 4.07 -9.50
CA LYS B 252 41.28 4.03 -9.44
C LYS B 252 41.87 4.51 -10.79
N LYS B 253 41.31 3.98 -11.88
CA LYS B 253 41.68 4.29 -13.26
C LYS B 253 41.54 5.81 -13.58
N TYR B 254 40.50 6.43 -13.04
CA TYR B 254 40.20 7.84 -13.30
C TYR B 254 40.65 8.77 -12.20
N GLY B 255 41.49 8.26 -11.31
CA GLY B 255 42.09 9.05 -10.24
C GLY B 255 41.14 9.61 -9.22
N ILE B 256 40.01 8.93 -8.96
CA ILE B 256 39.06 9.38 -7.94
C ILE B 256 39.49 8.75 -6.60
N PRO B 257 39.92 9.54 -5.59
CA PRO B 257 40.27 8.95 -4.30
C PRO B 257 39.03 8.36 -3.60
N PHE B 258 39.19 7.20 -3.01
CA PHE B 258 38.10 6.54 -2.30
C PHE B 258 38.65 5.65 -1.19
N ASP B 259 37.80 5.28 -0.26
CA ASP B 259 38.18 4.33 0.76
C ASP B 259 37.10 3.23 0.85
N LYS B 260 37.39 2.13 1.53
CA LYS B 260 36.43 1.04 1.67
C LYS B 260 36.47 0.48 3.10
N VAL B 261 35.30 0.03 3.58
CA VAL B 261 35.13 -0.49 4.95
C VAL B 261 34.02 -1.54 5.01
N THR B 262 34.17 -2.55 5.90
CA THR B 262 33.13 -3.54 6.12
C THR B 262 32.45 -3.27 7.47
N GLN B 263 31.12 -3.10 7.46
CA GLN B 263 30.34 -2.91 8.68
C GLN B 263 29.82 -4.28 9.14
N GLU B 264 30.04 -4.65 10.41
CA GLU B 264 29.53 -5.91 10.93
C GLU B 264 28.34 -5.66 11.86
N ALA B 265 27.53 -6.69 12.12
CA ALA B 265 26.35 -6.60 12.98
C ALA B 265 26.74 -5.99 14.31
N GLY B 266 25.93 -5.02 14.77
CA GLY B 266 26.15 -4.29 16.01
C GLY B 266 27.01 -3.05 15.90
N GLU B 267 27.32 -2.61 14.69
CA GLU B 267 28.13 -1.41 14.44
C GLU B 267 27.35 -0.33 13.68
N PHE B 268 27.66 0.94 13.97
CA PHE B 268 27.08 2.08 13.27
C PHE B 268 28.09 2.58 12.19
N MET B 269 27.54 3.24 11.15
CA MET B 269 28.23 3.94 10.08
C MET B 269 27.60 5.31 10.01
N ILE B 270 28.44 6.34 9.98
CA ILE B 270 28.00 7.74 9.89
C ILE B 270 28.43 8.25 8.53
N THR B 271 27.51 8.85 7.77
CA THR B 271 27.89 9.52 6.53
C THR B 271 27.78 11.02 6.81
N PHE B 272 28.71 11.76 6.24
CA PHE B 272 28.84 13.19 6.42
C PHE B 272 28.28 13.96 5.23
N PRO B 273 27.91 15.27 5.41
CA PRO B 273 27.39 16.04 4.27
C PRO B 273 28.31 15.99 3.06
N TYR B 274 27.70 15.70 1.88
CA TYR B 274 28.36 15.62 0.58
C TYR B 274 29.37 14.46 0.47
N GLY B 275 29.18 13.44 1.32
CA GLY B 275 29.99 12.25 1.27
C GLY B 275 29.31 11.20 0.41
N TYR B 276 29.81 10.99 -0.81
CA TYR B 276 29.31 9.96 -1.73
C TYR B 276 29.65 8.58 -1.20
N HIS B 277 28.70 7.66 -1.25
CA HIS B 277 28.91 6.29 -0.78
C HIS B 277 28.07 5.33 -1.60
N ALA B 278 28.54 4.09 -1.69
CA ALA B 278 27.95 2.97 -2.40
C ALA B 278 28.34 1.72 -1.58
N GLY B 279 27.72 0.59 -1.87
CA GLY B 279 28.06 -0.62 -1.13
C GLY B 279 27.15 -1.77 -1.40
N PHE B 280 27.40 -2.90 -0.72
CA PHE B 280 26.67 -4.13 -0.94
C PHE B 280 26.58 -5.00 0.32
N ASN B 281 25.55 -5.83 0.38
CA ASN B 281 25.32 -6.76 1.49
C ASN B 281 25.92 -8.10 1.21
N HIS B 282 26.58 -8.69 2.24
CA HIS B 282 27.23 -10.03 2.14
C HIS B 282 26.21 -11.14 2.16
N GLY B 283 25.06 -10.90 2.76
CA GLY B 283 24.00 -11.92 2.86
C GLY B 283 22.84 -11.39 3.65
N PHE B 284 22.03 -12.30 4.19
CA PHE B 284 20.87 -11.94 4.98
C PHE B 284 21.24 -11.09 6.21
N ASN B 285 20.67 -9.88 6.25
CA ASN B 285 20.91 -8.91 7.31
C ASN B 285 19.77 -7.89 7.43
N CYS B 286 19.91 -6.96 8.38
CA CYS B 286 18.93 -5.92 8.62
C CYS B 286 19.59 -4.69 9.18
N ALA B 287 19.42 -3.56 8.48
CA ALA B 287 19.99 -2.30 8.92
C ALA B 287 18.87 -1.34 9.18
N GLU B 288 19.09 -0.34 10.08
CA GLU B 288 18.16 0.75 10.36
C GLU B 288 18.88 2.05 9.99
N SER B 289 18.16 3.01 9.40
CA SER B 289 18.79 4.25 8.94
C SER B 289 17.87 5.47 8.98
N THR B 290 18.48 6.67 9.11
CA THR B 290 17.85 7.98 9.08
C THR B 290 18.88 9.07 8.79
N ASN B 291 18.40 10.26 8.49
CA ASN B 291 19.24 11.42 8.27
C ASN B 291 19.25 12.28 9.54
N PHE B 292 20.27 13.10 9.71
CA PHE B 292 20.40 14.06 10.82
C PHE B 292 21.22 15.26 10.36
N ALA B 293 21.34 16.28 11.22
CA ALA B 293 22.06 17.51 10.90
C ALA B 293 22.87 18.03 12.09
N THR B 294 23.88 18.87 11.79
CA THR B 294 24.67 19.65 12.77
C THR B 294 24.64 21.06 12.21
N ARG B 295 25.21 22.06 12.91
CA ARG B 295 25.24 23.45 12.42
C ARG B 295 25.99 23.58 11.08
N ARG B 296 27.04 22.75 10.89
CA ARG B 296 27.86 22.69 9.68
C ARG B 296 27.05 22.32 8.40
N TRP B 297 25.99 21.49 8.55
CA TRP B 297 25.14 21.09 7.44
C TRP B 297 24.38 22.23 6.75
N ILE B 298 24.00 23.31 7.49
CA ILE B 298 23.16 24.39 6.96
C ILE B 298 23.70 24.95 5.63
N GLU B 299 25.05 25.14 5.54
CA GLU B 299 25.67 25.64 4.32
C GLU B 299 25.55 24.64 3.17
N TYR B 300 25.69 23.34 3.47
CA TYR B 300 25.52 22.25 2.50
C TYR B 300 24.09 22.21 1.99
N GLY B 301 23.13 22.43 2.90
CA GLY B 301 21.71 22.50 2.64
C GLY B 301 21.34 23.62 1.69
N LYS B 302 21.94 24.80 1.88
CA LYS B 302 21.75 25.97 1.04
C LYS B 302 22.33 25.73 -0.36
N GLN B 303 23.46 25.01 -0.43
CA GLN B 303 24.18 24.80 -1.68
C GLN B 303 23.86 23.50 -2.44
N ALA B 304 23.04 22.59 -1.86
CA ALA B 304 22.67 21.31 -2.47
C ALA B 304 21.98 21.46 -3.84
N VAL B 305 22.49 20.73 -4.85
CA VAL B 305 21.89 20.68 -6.20
C VAL B 305 20.96 19.45 -6.18
N LEU B 306 19.67 19.70 -6.35
CA LEU B 306 18.64 18.66 -6.29
C LEU B 306 18.21 18.11 -7.67
N CYS B 307 17.57 16.92 -7.64
CA CYS B 307 17.00 16.27 -8.82
C CYS B 307 15.98 17.23 -9.44
N SER B 308 16.19 17.56 -10.71
CA SER B 308 15.39 18.49 -11.49
C SER B 308 14.34 17.81 -12.39
N CYS B 309 14.32 16.45 -12.46
CA CYS B 309 13.40 15.72 -13.33
C CYS B 309 12.23 15.02 -12.62
N ARG B 310 12.25 14.90 -11.28
CA ARG B 310 11.18 14.23 -10.54
C ARG B 310 10.43 15.19 -9.62
N LYS B 311 9.09 15.00 -9.52
CA LYS B 311 8.21 15.82 -8.68
C LYS B 311 8.21 15.39 -7.21
N ASP B 312 8.32 14.06 -6.97
CA ASP B 312 8.31 13.42 -5.66
C ASP B 312 9.62 13.56 -4.82
N MET B 313 10.65 14.28 -5.36
CA MET B 313 11.94 14.42 -4.71
C MET B 313 11.89 15.27 -3.43
N VAL B 314 12.83 14.99 -2.49
CA VAL B 314 12.94 15.61 -1.17
C VAL B 314 13.58 17.01 -1.25
N LYS B 315 12.83 18.02 -0.76
CA LYS B 315 13.29 19.41 -0.71
C LYS B 315 12.90 20.00 0.63
N ILE B 316 13.89 20.43 1.41
CA ILE B 316 13.68 21.05 2.71
C ILE B 316 13.89 22.56 2.56
N SER B 317 12.97 23.37 3.16
CA SER B 317 13.11 24.83 3.17
C SER B 317 14.23 25.16 4.15
N MET B 318 15.20 25.92 3.66
CA MET B 318 16.38 26.27 4.43
C MET B 318 16.19 27.49 5.30
N ASP B 319 15.11 28.25 5.05
CA ASP B 319 14.70 29.49 5.72
C ASP B 319 14.78 29.43 7.26
N VAL B 320 14.17 28.43 7.88
CA VAL B 320 14.13 28.25 9.34
C VAL B 320 15.56 28.11 9.94
N PHE B 321 16.45 27.33 9.28
CA PHE B 321 17.83 27.10 9.70
C PHE B 321 18.69 28.37 9.57
N VAL B 322 18.53 29.11 8.45
CA VAL B 322 19.28 30.33 8.15
C VAL B 322 18.89 31.45 9.12
N ARG B 323 17.59 31.59 9.46
CA ARG B 323 17.11 32.61 10.39
C ARG B 323 17.53 32.31 11.84
N LYS B 324 17.52 31.03 12.25
CA LYS B 324 17.89 30.59 13.60
C LYS B 324 19.40 30.55 13.89
N PHE B 325 20.20 30.03 12.95
CA PHE B 325 21.64 29.82 13.17
C PHE B 325 22.57 30.78 12.41
N GLN B 326 22.05 31.49 11.38
CA GLN B 326 22.81 32.48 10.60
C GLN B 326 21.95 33.77 10.44
N PRO B 327 21.35 34.38 11.51
CA PRO B 327 20.50 35.57 11.30
C PRO B 327 21.19 36.75 10.59
N GLU B 328 22.50 36.91 10.82
CA GLU B 328 23.36 37.95 10.21
C GLU B 328 23.52 37.76 8.68
N ARG B 329 23.21 36.55 8.16
CA ARG B 329 23.32 36.20 6.74
C ARG B 329 21.97 36.08 6.04
N TYR B 330 20.86 36.12 6.81
CA TYR B 330 19.49 35.93 6.30
C TYR B 330 19.11 36.85 5.12
N LYS B 331 19.29 38.19 5.26
CA LYS B 331 18.96 39.15 4.21
C LYS B 331 19.82 38.94 2.96
N LEU B 332 21.17 38.84 3.11
CA LEU B 332 22.11 38.59 2.01
C LEU B 332 21.73 37.29 1.25
N TRP B 333 21.37 36.21 2.00
CA TRP B 333 20.99 34.91 1.43
C TRP B 333 19.67 34.98 0.65
N LYS B 334 18.65 35.66 1.21
CA LYS B 334 17.33 35.82 0.58
C LYS B 334 17.45 36.64 -0.73
N ALA B 335 18.42 37.58 -0.76
CA ALA B 335 18.73 38.43 -1.91
C ALA B 335 19.58 37.72 -2.98
N GLY B 336 20.05 36.51 -2.67
CA GLY B 336 20.87 35.70 -3.58
C GLY B 336 22.32 36.16 -3.65
N LYS B 337 22.76 36.92 -2.63
CA LYS B 337 24.12 37.47 -2.51
C LYS B 337 25.06 36.65 -1.61
N ASP B 338 24.59 35.49 -1.08
CA ASP B 338 25.40 34.66 -0.19
C ASP B 338 26.39 33.77 -0.97
N ASN B 339 27.60 34.30 -1.15
CA ASN B 339 28.70 33.68 -1.91
C ASN B 339 29.68 32.82 -1.06
N THR B 340 29.19 32.21 0.05
CA THR B 340 29.99 31.38 0.98
C THR B 340 30.59 30.19 0.24
N VAL B 341 31.90 29.95 0.42
CA VAL B 341 32.60 28.80 -0.17
C VAL B 341 32.83 27.81 0.96
N ILE B 342 32.31 26.57 0.80
CA ILE B 342 32.44 25.50 1.80
C ILE B 342 33.86 24.93 1.82
N ASP B 343 34.47 24.88 3.02
CA ASP B 343 35.76 24.22 3.27
C ASP B 343 35.38 22.86 3.88
N HIS B 344 35.53 21.77 3.10
CA HIS B 344 35.14 20.43 3.55
C HIS B 344 35.95 19.88 4.70
N THR B 345 37.13 20.46 4.99
CA THR B 345 38.02 20.02 6.07
C THR B 345 37.61 20.59 7.45
N LEU B 346 36.85 21.70 7.46
CA LEU B 346 36.44 22.37 8.70
C LEU B 346 35.44 21.56 9.52
N PRO B 347 35.68 21.40 10.84
CA PRO B 347 34.70 20.67 11.66
C PRO B 347 33.51 21.56 12.01
N THR B 348 32.42 20.95 12.47
CA THR B 348 31.20 21.65 12.89
C THR B 348 31.51 22.69 14.01
N PRO B 349 30.84 23.85 14.11
CA PRO B 349 31.16 24.79 15.21
C PRO B 349 31.10 24.20 16.62
N GLU B 350 30.20 23.21 16.84
CA GLU B 350 29.98 22.49 18.11
C GLU B 350 31.23 21.71 18.60
N ALA B 351 32.19 21.49 17.69
CA ALA B 351 33.45 20.80 17.97
C ALA B 351 34.47 21.70 18.75
N ALA B 352 34.22 23.04 18.80
CA ALA B 352 35.06 24.06 19.45
C ALA B 352 35.63 23.67 20.81
N GLU B 353 34.79 23.09 21.69
CA GLU B 353 35.18 22.63 23.04
C GLU B 353 36.32 21.58 23.05
N PHE B 354 36.46 20.80 21.95
CA PHE B 354 37.48 19.76 21.80
C PHE B 354 38.74 20.30 21.08
N LEU B 355 38.68 21.57 20.59
CA LEU B 355 39.76 22.21 19.82
C LEU B 355 40.18 23.53 20.44
N GLU C 7 -24.77 24.62 4.13
CA GLU C 7 -25.59 25.75 3.68
C GLU C 7 -26.91 25.93 4.48
N THR C 8 -27.15 25.00 5.43
CA THR C 8 -28.31 24.94 6.35
C THR C 8 -27.76 25.05 7.79
N LEU C 9 -26.43 24.99 7.92
CA LEU C 9 -25.71 25.08 9.18
C LEU C 9 -25.40 26.57 9.45
N ASN C 10 -25.81 27.08 10.67
CA ASN C 10 -25.74 28.47 11.13
C ASN C 10 -26.53 29.42 10.20
N PRO C 11 -27.85 29.15 9.94
CA PRO C 11 -28.61 30.00 9.01
C PRO C 11 -28.72 31.48 9.41
N SER C 12 -28.62 31.79 10.72
CA SER C 12 -28.64 33.15 11.26
C SER C 12 -27.26 33.82 11.22
N ALA C 13 -26.21 33.06 10.82
CA ALA C 13 -24.79 33.49 10.74
C ALA C 13 -24.31 34.21 12.03
N ARG C 14 -24.67 33.62 13.20
CA ARG C 14 -24.31 34.11 14.54
C ARG C 14 -22.91 33.66 14.89
N ILE C 15 -22.20 34.42 15.77
CA ILE C 15 -20.85 34.07 16.22
C ILE C 15 -20.95 32.79 17.08
N MET C 16 -20.14 31.77 16.69
CA MET C 16 -20.11 30.48 17.38
C MET C 16 -18.88 30.35 18.29
N THR C 17 -19.05 29.63 19.43
CA THR C 17 -17.99 29.42 20.43
C THR C 17 -17.70 27.93 20.50
N PHE C 18 -16.40 27.57 20.54
CA PHE C 18 -15.95 26.19 20.57
C PHE C 18 -15.07 25.92 21.76
N TYR C 19 -15.24 24.74 22.36
CA TYR C 19 -14.48 24.28 23.53
C TYR C 19 -13.75 22.96 23.18
N PRO C 20 -12.69 22.98 22.31
CA PRO C 20 -12.00 21.71 21.96
C PRO C 20 -11.33 21.06 23.18
N THR C 21 -11.23 19.72 23.12
CA THR C 21 -10.53 18.91 24.13
C THR C 21 -9.05 19.02 23.75
N MET C 22 -8.12 18.56 24.60
CA MET C 22 -6.68 18.61 24.30
C MET C 22 -6.31 17.85 23.02
N GLU C 23 -6.96 16.70 22.77
CA GLU C 23 -6.77 15.88 21.57
C GLU C 23 -7.22 16.63 20.28
N GLU C 24 -8.41 17.25 20.32
CA GLU C 24 -8.98 18.03 19.21
C GLU C 24 -8.14 19.30 18.91
N PHE C 25 -7.64 19.93 19.98
CA PHE C 25 -6.90 21.16 19.94
C PHE C 25 -5.49 21.02 19.30
N ARG C 26 -4.87 19.81 19.28
CA ARG C 26 -3.54 19.54 18.73
C ARG C 26 -3.37 19.80 17.20
N ASN C 27 -4.43 19.62 16.39
CA ASN C 27 -4.32 19.87 14.95
C ASN C 27 -5.11 21.14 14.60
N PHE C 28 -4.42 22.30 14.44
CA PHE C 28 -4.99 23.62 14.14
C PHE C 28 -5.80 23.64 12.83
N SER C 29 -5.19 23.25 11.69
CA SER C 29 -5.87 23.22 10.38
C SER C 29 -7.11 22.35 10.36
N ARG C 30 -7.04 21.16 10.99
CA ARG C 30 -8.14 20.20 11.08
C ARG C 30 -9.29 20.77 11.93
N TYR C 31 -8.95 21.48 13.01
CA TYR C 31 -9.97 22.09 13.87
C TYR C 31 -10.66 23.28 13.18
N ILE C 32 -9.94 24.02 12.32
CA ILE C 32 -10.53 25.10 11.53
C ILE C 32 -11.52 24.49 10.52
N ALA C 33 -11.16 23.35 9.91
CA ALA C 33 -12.00 22.60 8.98
C ALA C 33 -13.27 22.14 9.70
N TYR C 34 -13.12 21.65 10.93
CA TYR C 34 -14.28 21.25 11.72
C TYR C 34 -15.23 22.40 12.08
N ILE C 35 -14.70 23.55 12.48
CA ILE C 35 -15.57 24.67 12.84
C ILE C 35 -16.36 25.13 11.62
N GLU C 36 -15.73 25.08 10.45
CA GLU C 36 -16.39 25.44 9.20
C GLU C 36 -17.52 24.44 8.88
N SER C 37 -17.29 23.16 9.14
CA SER C 37 -18.30 22.11 8.91
C SER C 37 -19.53 22.37 9.80
N GLN C 38 -19.34 23.14 10.88
CA GLN C 38 -20.39 23.56 11.81
C GLN C 38 -21.06 24.89 11.41
N GLY C 39 -20.55 25.53 10.35
CA GLY C 39 -21.04 26.82 9.83
C GLY C 39 -20.47 28.04 10.55
N ALA C 40 -19.37 27.89 11.30
CA ALA C 40 -18.76 29.00 12.04
C ALA C 40 -18.38 30.20 11.19
N HIS C 41 -17.81 29.92 10.02
CA HIS C 41 -17.35 30.87 9.03
C HIS C 41 -18.45 31.85 8.53
N ARG C 42 -19.74 31.45 8.58
CA ARG C 42 -20.87 32.29 8.14
C ARG C 42 -20.96 33.61 8.88
N ALA C 43 -20.57 33.63 10.17
CA ALA C 43 -20.55 34.84 11.00
C ALA C 43 -19.37 35.76 10.65
N GLY C 44 -18.27 35.16 10.18
CA GLY C 44 -17.03 35.85 9.83
C GLY C 44 -16.07 35.94 11.00
N LEU C 45 -16.54 35.53 12.19
CA LEU C 45 -15.83 35.58 13.46
C LEU C 45 -16.31 34.42 14.33
N ALA C 46 -15.37 33.73 14.98
CA ALA C 46 -15.65 32.60 15.89
C ALA C 46 -14.72 32.66 17.08
N LYS C 47 -15.21 32.20 18.25
CA LYS C 47 -14.43 32.14 19.46
C LYS C 47 -14.02 30.70 19.75
N VAL C 48 -12.74 30.52 20.12
CA VAL C 48 -12.21 29.21 20.51
C VAL C 48 -11.61 29.30 21.93
N VAL C 49 -12.19 28.55 22.85
CA VAL C 49 -11.73 28.48 24.24
C VAL C 49 -10.83 27.24 24.35
N PRO C 50 -9.50 27.42 24.54
CA PRO C 50 -8.60 26.26 24.61
C PRO C 50 -8.78 25.41 25.88
N PRO C 51 -8.34 24.12 25.91
CA PRO C 51 -8.42 23.35 27.17
C PRO C 51 -7.71 24.07 28.33
N LYS C 52 -8.21 23.91 29.56
CA LYS C 52 -7.68 24.52 30.79
C LYS C 52 -6.18 24.18 31.03
N GLU C 53 -5.77 22.96 30.63
CA GLU C 53 -4.39 22.46 30.76
C GLU C 53 -3.38 23.17 29.84
N TRP C 54 -3.83 23.73 28.69
CA TRP C 54 -2.95 24.43 27.74
C TRP C 54 -2.63 25.87 28.17
N LYS C 55 -1.35 26.24 28.04
CA LYS C 55 -0.78 27.53 28.38
C LYS C 55 0.32 27.87 27.33
N PRO C 56 0.30 29.03 26.67
CA PRO C 56 1.38 29.33 25.70
C PRO C 56 2.71 29.83 26.34
N ARG C 57 2.66 30.24 27.63
CA ARG C 57 3.77 30.79 28.40
C ARG C 57 3.46 30.61 29.89
N ALA C 58 4.48 30.27 30.69
CA ALA C 58 4.32 30.05 32.13
C ALA C 58 3.91 31.31 32.90
N SER C 59 4.53 32.47 32.58
CA SER C 59 4.23 33.76 33.22
C SER C 59 4.60 34.95 32.32
N TYR C 60 4.03 36.11 32.60
CA TYR C 60 4.25 37.35 31.84
C TYR C 60 5.01 38.39 32.68
N ASP C 61 5.67 37.95 33.78
CA ASP C 61 6.43 38.78 34.74
C ASP C 61 7.83 39.23 34.25
N ASP C 62 8.21 38.84 33.03
CA ASP C 62 9.53 39.11 32.45
C ASP C 62 9.48 39.94 31.16
N ILE C 63 8.40 40.72 30.95
CA ILE C 63 8.29 41.47 29.69
C ILE C 63 8.27 43.00 29.87
N ASP C 64 8.58 43.55 31.06
CA ASP C 64 8.53 45.02 31.29
C ASP C 64 9.45 45.83 30.40
N ASP C 65 10.61 45.25 30.01
CA ASP C 65 11.60 45.90 29.15
C ASP C 65 11.38 45.64 27.65
N LEU C 66 10.27 44.99 27.29
CA LEU C 66 9.92 44.76 25.88
C LEU C 66 9.54 46.14 25.31
N VAL C 67 10.13 46.46 24.17
CA VAL C 67 9.92 47.71 23.50
C VAL C 67 8.79 47.70 22.46
N ILE C 68 7.96 48.72 22.54
CA ILE C 68 6.89 48.97 21.61
C ILE C 68 7.54 50.05 20.75
N PRO C 69 7.95 49.71 19.54
CA PRO C 69 8.69 50.68 18.70
C PRO C 69 7.94 51.91 18.21
N ALA C 70 6.66 51.77 17.88
CA ALA C 70 5.86 52.86 17.34
C ALA C 70 4.45 52.91 17.95
N PRO C 71 4.27 53.28 19.25
CA PRO C 71 2.89 53.39 19.79
C PRO C 71 2.10 54.52 19.10
N ILE C 72 0.80 54.32 18.94
CA ILE C 72 -0.06 55.28 18.28
C ILE C 72 -1.05 55.96 19.22
N GLN C 73 -1.15 57.29 19.12
CA GLN C 73 -2.18 58.03 19.83
C GLN C 73 -3.39 58.04 18.86
N GLN C 74 -4.52 57.53 19.35
CA GLN C 74 -5.69 57.41 18.50
C GLN C 74 -6.63 58.57 18.62
N LEU C 75 -6.58 59.45 17.65
CA LEU C 75 -7.46 60.60 17.55
C LEU C 75 -8.66 60.29 16.69
N VAL C 76 -9.84 60.49 17.22
CA VAL C 76 -11.08 60.15 16.53
C VAL C 76 -11.91 61.43 16.33
N THR C 77 -12.45 61.59 15.11
CA THR C 77 -13.28 62.69 14.69
C THR C 77 -14.60 62.13 14.16
N GLY C 78 -15.70 62.78 14.49
CA GLY C 78 -17.02 62.39 14.01
C GLY C 78 -18.12 62.54 15.05
N GLN C 79 -19.30 62.00 14.73
CA GLN C 79 -20.47 62.04 15.60
C GLN C 79 -21.54 61.06 15.09
N SER C 80 -22.54 60.80 15.96
CA SER C 80 -23.71 60.00 15.75
C SER C 80 -23.40 58.66 15.04
N GLY C 81 -22.44 57.93 15.60
CA GLY C 81 -22.06 56.61 15.14
C GLY C 81 -21.15 56.50 13.93
N LEU C 82 -20.59 57.60 13.44
CA LEU C 82 -19.73 57.59 12.26
C LEU C 82 -18.48 58.37 12.57
N PHE C 83 -17.33 57.70 12.47
CA PHE C 83 -16.06 58.32 12.85
C PHE C 83 -14.90 57.98 11.93
N THR C 84 -13.87 58.84 11.94
CA THR C 84 -12.59 58.61 11.26
C THR C 84 -11.52 58.64 12.36
N GLN C 85 -10.69 57.63 12.41
CA GLN C 85 -9.61 57.52 13.38
C GLN C 85 -8.27 57.89 12.72
N TYR C 86 -7.54 58.84 13.31
CA TYR C 86 -6.22 59.32 12.90
C TYR C 86 -5.19 58.86 13.91
N ASN C 87 -4.34 57.93 13.49
CA ASN C 87 -3.35 57.24 14.32
C ASN C 87 -2.00 57.94 14.29
N ILE C 88 -1.68 58.73 15.35
CA ILE C 88 -0.44 59.50 15.48
C ILE C 88 0.69 58.69 16.12
N GLN C 89 1.80 58.54 15.40
CA GLN C 89 2.97 57.80 15.90
C GLN C 89 3.71 58.62 16.97
N LYS C 90 3.98 57.96 18.11
CA LYS C 90 4.68 58.52 19.26
C LYS C 90 6.05 57.82 19.35
N LYS C 91 6.99 58.33 20.15
CA LYS C 91 8.30 57.68 20.30
C LYS C 91 8.17 56.31 21.00
N ALA C 92 9.18 55.47 20.82
CA ALA C 92 9.19 54.14 21.38
C ALA C 92 9.13 54.13 22.89
N MET C 93 8.37 53.18 23.42
CA MET C 93 8.21 53.03 24.85
C MET C 93 8.22 51.56 25.26
N THR C 94 8.46 51.32 26.52
CA THR C 94 8.48 49.98 27.08
C THR C 94 7.10 49.57 27.58
N VAL C 95 6.91 48.27 27.78
CA VAL C 95 5.66 47.73 28.29
C VAL C 95 5.40 48.31 29.70
N ARG C 96 6.47 48.46 30.51
CA ARG C 96 6.44 49.09 31.84
C ARG C 96 5.82 50.52 31.78
N GLU C 97 6.31 51.35 30.83
CA GLU C 97 5.90 52.74 30.64
C GLU C 97 4.46 52.78 30.15
N PHE C 98 4.13 51.89 29.22
CA PHE C 98 2.80 51.78 28.66
C PHE C 98 1.76 51.39 29.73
N ARG C 99 2.07 50.34 30.56
CA ARG C 99 1.19 49.87 31.65
C ARG C 99 0.88 50.97 32.67
N LYS C 100 1.88 51.83 32.98
CA LYS C 100 1.73 52.96 33.89
C LYS C 100 0.70 53.96 33.37
N ILE C 101 0.73 54.29 32.06
CA ILE C 101 -0.21 55.20 31.41
C ILE C 101 -1.60 54.58 31.39
N ALA C 102 -1.71 53.31 30.93
CA ALA C 102 -2.97 52.58 30.85
C ALA C 102 -3.73 52.54 32.19
N ASN C 103 -3.00 52.36 33.33
CA ASN C 103 -3.55 52.27 34.67
C ASN C 103 -3.68 53.60 35.39
N SER C 104 -3.22 54.72 34.77
CA SER C 104 -3.31 56.06 35.37
C SER C 104 -4.79 56.53 35.40
N ASP C 105 -5.14 57.44 36.33
CA ASP C 105 -6.50 58.01 36.47
C ASP C 105 -7.05 58.63 35.20
N LYS C 106 -6.18 59.19 34.36
CA LYS C 106 -6.50 59.81 33.07
C LYS C 106 -6.96 58.79 32.01
N TYR C 107 -6.31 57.60 31.97
CA TYR C 107 -6.57 56.63 30.91
C TYR C 107 -7.22 55.32 31.34
N CYS C 108 -7.32 55.04 32.64
CA CYS C 108 -7.92 53.79 33.15
C CYS C 108 -9.41 53.61 32.78
N THR C 109 -9.86 52.35 32.81
CA THR C 109 -11.23 51.93 32.52
C THR C 109 -12.23 52.58 33.48
N PRO C 110 -13.33 53.18 32.98
CA PRO C 110 -14.32 53.76 33.92
C PRO C 110 -15.09 52.67 34.66
N ARG C 111 -15.68 53.01 35.82
CA ARG C 111 -16.44 52.07 36.64
C ARG C 111 -17.76 51.75 35.94
N TYR C 112 -18.08 50.45 35.81
CA TYR C 112 -19.29 50.00 35.13
C TYR C 112 -19.87 48.73 35.73
N SER C 113 -21.20 48.51 35.51
CA SER C 113 -21.95 47.35 36.01
C SER C 113 -21.90 46.16 35.02
N GLU C 114 -22.40 46.36 33.79
CA GLU C 114 -22.44 45.34 32.74
C GLU C 114 -21.70 45.81 31.47
N PHE C 115 -21.33 44.89 30.54
N PHE C 115 -21.33 44.90 30.55
CA PHE C 115 -20.60 45.20 29.30
CA PHE C 115 -20.62 45.26 29.31
C PHE C 115 -21.30 46.25 28.43
C PHE C 115 -21.31 46.39 28.57
N GLU C 116 -22.65 46.29 28.46
CA GLU C 116 -23.51 47.25 27.75
C GLU C 116 -23.26 48.70 28.19
N GLU C 117 -22.92 48.89 29.48
CA GLU C 117 -22.59 50.17 30.09
C GLU C 117 -21.23 50.66 29.55
N LEU C 118 -20.23 49.77 29.48
CA LEU C 118 -18.90 50.10 28.97
C LEU C 118 -18.92 50.36 27.46
N GLU C 119 -19.74 49.62 26.72
CA GLU C 119 -19.96 49.79 25.29
C GLU C 119 -20.59 51.16 25.02
N ARG C 120 -21.59 51.57 25.82
CA ARG C 120 -22.22 52.88 25.69
C ARG C 120 -21.21 53.99 25.96
N LYS C 121 -20.35 53.80 26.97
CA LYS C 121 -19.29 54.74 27.36
C LYS C 121 -18.21 54.85 26.27
N TYR C 122 -17.90 53.77 25.56
CA TYR C 122 -16.94 53.80 24.47
C TYR C 122 -17.49 54.68 23.32
N TRP C 123 -18.72 54.39 22.85
CA TRP C 123 -19.34 55.12 21.73
C TRP C 123 -19.68 56.58 22.07
N LYS C 124 -19.80 56.91 23.37
CA LYS C 124 -20.09 58.27 23.82
C LYS C 124 -18.80 59.10 23.95
N ASN C 125 -17.69 58.46 24.32
CA ASN C 125 -16.44 59.17 24.63
C ASN C 125 -15.23 58.87 23.74
N LEU C 126 -15.39 58.09 22.65
CA LEU C 126 -14.24 57.73 21.81
C LEU C 126 -13.53 58.95 21.16
N THR C 127 -14.21 60.13 21.00
CA THR C 127 -13.56 61.32 20.42
C THR C 127 -12.80 62.16 21.46
N PHE C 128 -12.96 61.88 22.77
CA PHE C 128 -12.31 62.64 23.85
C PHE C 128 -11.14 61.87 24.45
N ASN C 129 -10.20 62.59 25.08
CA ASN C 129 -9.01 62.04 25.74
C ASN C 129 -8.38 60.87 24.91
N PRO C 130 -7.79 61.17 23.73
CA PRO C 130 -7.24 60.10 22.87
C PRO C 130 -6.25 59.14 23.56
N PRO C 131 -6.52 57.81 23.50
CA PRO C 131 -5.61 56.85 24.17
C PRO C 131 -4.41 56.47 23.30
N ILE C 132 -3.45 55.73 23.90
CA ILE C 132 -2.28 55.22 23.20
C ILE C 132 -2.44 53.73 23.01
N TYR C 133 -2.28 53.26 21.74
CA TYR C 133 -2.34 51.84 21.40
C TYR C 133 -0.91 51.36 21.06
N GLY C 134 -0.41 50.38 21.82
CA GLY C 134 0.89 49.77 21.58
C GLY C 134 0.71 48.66 20.58
N ALA C 135 0.21 49.03 19.40
CA ALA C 135 -0.15 48.10 18.34
C ALA C 135 0.95 47.82 17.36
N ASP C 136 0.80 46.69 16.60
CA ASP C 136 1.67 46.21 15.50
C ASP C 136 3.15 46.04 15.88
N VAL C 137 3.39 45.41 17.03
CA VAL C 137 4.74 45.15 17.56
C VAL C 137 5.17 43.80 17.02
N ASN C 138 6.32 43.75 16.33
CA ASN C 138 6.82 42.49 15.81
C ASN C 138 7.31 41.65 16.98
N GLY C 139 6.73 40.48 17.15
CA GLY C 139 7.11 39.61 18.24
C GLY C 139 6.06 38.62 18.67
N THR C 140 6.46 37.72 19.53
CA THR C 140 5.63 36.65 20.07
C THR C 140 5.81 36.52 21.58
N LEU C 141 4.75 36.08 22.28
CA LEU C 141 4.83 35.80 23.71
C LEU C 141 4.75 34.26 23.97
N TYR C 142 4.80 33.44 22.88
CA TYR C 142 4.79 31.96 22.97
C TYR C 142 6.18 31.41 23.32
N GLU C 143 6.25 30.49 24.32
CA GLU C 143 7.47 29.78 24.75
C GLU C 143 7.87 28.86 23.59
N LYS C 144 9.19 28.70 23.36
CA LYS C 144 9.78 27.90 22.27
C LYS C 144 9.15 26.51 22.03
N HIS C 145 8.85 25.77 23.13
CA HIS C 145 8.33 24.40 23.11
C HIS C 145 6.83 24.22 22.78
N VAL C 146 6.02 25.31 22.77
CA VAL C 146 4.58 25.24 22.51
C VAL C 146 4.29 24.94 21.03
N ASP C 147 3.75 23.74 20.77
CA ASP C 147 3.46 23.26 19.42
C ASP C 147 2.02 23.42 18.99
N GLU C 148 1.10 23.57 19.97
CA GLU C 148 -0.34 23.71 19.70
C GLU C 148 -0.72 25.16 19.54
N TRP C 149 -1.31 25.51 18.39
CA TRP C 149 -1.86 26.82 18.03
C TRP C 149 -0.81 27.95 18.16
N ASN C 150 0.45 27.64 17.78
CA ASN C 150 1.54 28.60 17.87
C ASN C 150 1.39 29.64 16.77
N ILE C 151 1.08 30.87 17.15
CA ILE C 151 0.84 31.96 16.23
C ILE C 151 2.07 32.20 15.37
N GLY C 152 3.24 31.99 15.94
CA GLY C 152 4.49 32.12 15.22
C GLY C 152 4.64 31.13 14.07
N ARG C 153 4.18 29.90 14.29
CA ARG C 153 4.26 28.82 13.32
C ARG C 153 3.01 27.95 13.21
N LEU C 154 1.96 28.46 12.57
CA LEU C 154 0.68 27.74 12.43
C LEU C 154 0.66 26.46 11.57
N ARG C 155 1.57 26.39 10.60
CA ARG C 155 1.73 25.26 9.66
C ARG C 155 0.56 25.18 8.66
N THR C 156 0.05 26.32 8.22
CA THR C 156 -1.06 26.34 7.24
C THR C 156 -0.47 26.51 5.82
N ILE C 157 -1.31 26.50 4.77
CA ILE C 157 -0.83 26.66 3.39
C ILE C 157 -0.29 28.08 3.11
N LEU C 158 -0.52 29.06 4.03
CA LEU C 158 0.02 30.40 3.86
C LEU C 158 1.56 30.39 3.89
N ASP C 159 2.16 29.32 4.48
CA ASP C 159 3.60 29.09 4.57
C ASP C 159 4.32 29.07 3.21
N LEU C 160 3.56 28.78 2.11
CA LEU C 160 4.05 28.72 0.73
C LEU C 160 4.60 30.06 0.28
N VAL C 161 4.07 31.17 0.81
CA VAL C 161 4.49 32.54 0.50
C VAL C 161 5.96 32.69 0.81
N GLU C 162 6.43 32.35 2.04
CA GLU C 162 7.85 32.47 2.38
C GLU C 162 8.70 31.33 1.81
N LYS C 163 8.19 30.08 1.88
CA LYS C 163 8.86 28.86 1.39
C LYS C 163 9.19 28.91 -0.11
N GLU C 164 8.21 29.31 -0.95
CA GLU C 164 8.39 29.35 -2.40
C GLU C 164 8.92 30.66 -2.96
N SER C 165 8.49 31.80 -2.41
CA SER C 165 8.88 33.12 -2.92
C SER C 165 9.95 33.84 -2.09
N GLY C 166 10.10 33.48 -0.81
CA GLY C 166 11.07 34.09 0.08
C GLY C 166 10.62 35.43 0.61
N ILE C 167 9.30 35.68 0.57
CA ILE C 167 8.71 36.94 1.02
C ILE C 167 8.22 36.85 2.48
N THR C 168 8.62 37.83 3.32
CA THR C 168 8.12 37.93 4.69
C THR C 168 7.30 39.20 4.79
N ILE C 169 6.08 39.07 5.31
CA ILE C 169 5.14 40.17 5.44
C ILE C 169 4.82 40.29 6.94
N GLU C 170 5.38 41.35 7.58
CA GLU C 170 5.23 41.61 9.01
C GLU C 170 3.78 41.64 9.45
N GLY C 171 3.42 40.79 10.41
CA GLY C 171 2.06 40.66 10.91
C GLY C 171 1.18 39.75 10.09
N VAL C 172 1.56 39.46 8.82
CA VAL C 172 0.80 38.59 7.92
C VAL C 172 1.31 37.13 8.00
N ASN C 173 2.62 36.91 7.80
CA ASN C 173 3.20 35.57 7.97
C ASN C 173 4.21 35.56 9.16
N THR C 174 4.22 36.66 9.95
CA THR C 174 5.02 36.80 11.19
C THR C 174 4.03 37.30 12.28
N PRO C 175 4.24 37.11 13.59
CA PRO C 175 3.22 37.59 14.55
C PRO C 175 3.38 39.05 14.96
N TYR C 176 2.24 39.67 15.32
CA TYR C 176 2.17 41.03 15.87
C TYR C 176 1.61 40.96 17.30
N LEU C 177 2.08 41.85 18.17
CA LEU C 177 1.63 42.04 19.55
C LEU C 177 0.90 43.36 19.61
N TYR C 178 -0.21 43.41 20.36
CA TYR C 178 -1.02 44.61 20.56
C TYR C 178 -1.20 44.81 22.05
N PHE C 179 -0.62 45.90 22.58
CA PHE C 179 -0.78 46.28 23.98
C PHE C 179 -1.85 47.33 23.99
N GLY C 180 -3.01 46.96 24.50
CA GLY C 180 -4.16 47.86 24.59
C GLY C 180 -4.29 48.53 25.94
N MET C 181 -5.09 49.60 25.94
CA MET C 181 -5.54 50.36 27.11
C MET C 181 -7.03 50.68 26.85
N TRP C 182 -7.75 51.19 27.84
CA TRP C 182 -9.15 51.53 27.68
C TRP C 182 -9.36 52.46 26.47
N LYS C 183 -10.39 52.16 25.64
CA LYS C 183 -10.87 52.97 24.52
C LYS C 183 -9.98 52.85 23.27
N THR C 184 -8.90 52.05 23.30
CA THR C 184 -8.10 51.80 22.09
C THR C 184 -8.93 50.91 21.17
N SER C 185 -8.84 51.14 19.87
CA SER C 185 -9.64 50.36 18.96
C SER C 185 -9.11 50.09 17.58
N PHE C 186 -9.76 49.14 16.94
CA PHE C 186 -9.48 48.77 15.57
C PHE C 186 -10.71 49.03 14.73
N ALA C 187 -10.51 49.73 13.62
CA ALA C 187 -11.56 50.09 12.68
C ALA C 187 -11.98 48.91 11.83
N TRP C 188 -13.12 49.04 11.16
CA TRP C 188 -13.66 48.00 10.31
C TRP C 188 -12.73 47.63 9.16
N HIS C 189 -12.50 46.35 8.98
CA HIS C 189 -11.62 45.84 7.95
C HIS C 189 -11.74 44.34 7.72
N THR C 190 -11.14 43.88 6.64
CA THR C 190 -11.04 42.47 6.31
C THR C 190 -9.54 42.31 6.33
N GLU C 191 -9.03 41.08 6.31
CA GLU C 191 -7.59 40.92 6.39
C GLU C 191 -6.91 41.23 5.06
N ASP C 192 -5.58 41.39 5.05
CA ASP C 192 -4.84 41.60 3.81
C ASP C 192 -5.06 40.37 2.93
N MET C 193 -5.42 40.59 1.64
CA MET C 193 -5.74 39.55 0.66
C MET C 193 -6.99 38.76 1.02
N ASP C 194 -7.82 39.29 1.97
CA ASP C 194 -9.02 38.66 2.54
C ASP C 194 -8.68 37.30 3.16
N LEU C 195 -7.55 37.24 3.88
CA LEU C 195 -7.06 36.06 4.54
C LEU C 195 -7.84 35.81 5.85
N TYR C 196 -7.55 34.69 6.50
CA TYR C 196 -8.07 34.38 7.82
C TYR C 196 -7.12 35.07 8.81
N SER C 197 -7.51 35.18 10.06
CA SER C 197 -6.65 35.66 11.12
C SER C 197 -6.99 34.94 12.42
N ILE C 198 -5.99 34.88 13.30
CA ILE C 198 -6.04 34.29 14.63
C ILE C 198 -5.59 35.40 15.61
N ASN C 199 -6.29 35.54 16.72
CA ASN C 199 -6.03 36.52 17.75
C ASN C 199 -6.18 35.83 19.08
N TYR C 200 -5.10 35.83 19.85
CA TYR C 200 -5.06 35.27 21.18
C TYR C 200 -4.82 36.39 22.19
N LEU C 201 -5.73 36.54 23.15
CA LEU C 201 -5.63 37.49 24.23
C LEU C 201 -4.78 36.85 25.36
N HIS C 202 -3.48 37.21 25.45
CA HIS C 202 -2.51 36.70 26.43
C HIS C 202 -2.88 36.98 27.89
N PHE C 203 -3.23 38.25 28.18
CA PHE C 203 -3.57 38.71 29.53
C PHE C 203 -4.32 40.01 29.51
N GLY C 204 -4.85 40.39 30.66
CA GLY C 204 -5.48 41.66 30.86
C GLY C 204 -6.97 41.71 30.67
N GLU C 205 -7.45 42.95 30.49
CA GLU C 205 -8.84 43.29 30.33
C GLU C 205 -9.40 42.80 28.99
N PRO C 206 -10.74 42.60 28.89
CA PRO C 206 -11.30 42.07 27.64
C PRO C 206 -11.16 42.98 26.40
N LYS C 207 -11.46 42.38 25.25
CA LYS C 207 -11.46 43.02 23.93
C LYS C 207 -12.80 42.70 23.32
N SER C 208 -13.61 43.73 23.06
CA SER C 208 -14.92 43.54 22.43
C SER C 208 -14.82 43.65 20.91
N TRP C 209 -15.55 42.79 20.20
CA TRP C 209 -15.54 42.67 18.74
C TRP C 209 -16.95 42.82 18.16
N TYR C 210 -17.01 43.32 16.94
CA TYR C 210 -18.21 43.39 16.11
C TYR C 210 -17.82 42.71 14.81
N SER C 211 -18.76 42.04 14.17
CA SER C 211 -18.52 41.37 12.90
C SER C 211 -19.70 41.48 11.95
N VAL C 212 -19.42 41.48 10.65
CA VAL C 212 -20.45 41.48 9.63
C VAL C 212 -20.25 40.17 8.87
N PRO C 213 -21.31 39.31 8.73
CA PRO C 213 -21.12 38.06 7.97
C PRO C 213 -20.55 38.32 6.56
N PRO C 214 -19.54 37.54 6.09
CA PRO C 214 -19.02 37.76 4.73
C PRO C 214 -20.08 37.86 3.62
N GLU C 215 -21.24 37.17 3.76
CA GLU C 215 -22.34 37.22 2.78
C GLU C 215 -23.08 38.56 2.76
N HIS C 216 -22.81 39.46 3.74
CA HIS C 216 -23.38 40.82 3.83
C HIS C 216 -22.30 41.88 3.76
N GLY C 217 -21.05 41.45 3.58
CA GLY C 217 -19.87 42.31 3.49
C GLY C 217 -20.00 43.42 2.47
N LYS C 218 -20.62 43.12 1.30
CA LYS C 218 -20.84 44.12 0.24
C LYS C 218 -21.76 45.25 0.69
N ARG C 219 -22.71 44.97 1.60
CA ARG C 219 -23.66 45.95 2.16
C ARG C 219 -22.93 46.99 3.05
N LEU C 220 -21.92 46.57 3.84
CA LEU C 220 -21.15 47.47 4.69
C LEU C 220 -20.31 48.44 3.82
N GLU C 221 -19.67 47.91 2.74
CA GLU C 221 -18.86 48.72 1.81
C GLU C 221 -19.73 49.74 1.10
N ARG C 222 -20.97 49.36 0.70
CA ARG C 222 -21.87 50.30 0.02
C ARG C 222 -22.27 51.44 0.98
N LEU C 223 -22.47 51.11 2.26
CA LEU C 223 -22.79 52.08 3.31
C LEU C 223 -21.62 53.06 3.52
N ALA C 224 -20.38 52.51 3.68
CA ALA C 224 -19.13 53.23 3.85
C ALA C 224 -18.86 54.17 2.67
N LYS C 225 -19.03 53.68 1.42
CA LYS C 225 -18.86 54.45 0.19
C LYS C 225 -19.82 55.64 0.08
N GLY C 226 -21.07 55.45 0.52
CA GLY C 226 -22.08 56.49 0.54
C GLY C 226 -21.75 57.64 1.50
N PHE C 227 -21.20 57.28 2.69
CA PHE C 227 -20.79 58.22 3.75
C PHE C 227 -19.50 58.94 3.44
N PHE C 228 -18.54 58.26 2.78
CA PHE C 228 -17.23 58.82 2.44
C PHE C 228 -17.02 58.75 0.90
N PRO C 229 -17.75 59.58 0.11
CA PRO C 229 -17.60 59.51 -1.37
C PRO C 229 -16.24 59.93 -1.91
N GLY C 230 -15.59 60.88 -1.21
CA GLY C 230 -14.26 61.38 -1.54
C GLY C 230 -13.21 60.30 -1.37
N SER C 231 -13.30 59.54 -0.26
CA SER C 231 -12.42 58.42 0.07
C SER C 231 -12.61 57.28 -0.96
N ALA C 232 -13.88 57.01 -1.35
CA ALA C 232 -14.29 56.00 -2.34
C ALA C 232 -13.75 56.35 -3.73
N GLN C 233 -13.68 57.65 -4.05
CA GLN C 233 -13.16 58.17 -5.32
C GLN C 233 -11.63 58.04 -5.39
N SER C 234 -10.94 58.20 -4.24
CA SER C 234 -9.48 58.15 -4.11
C SER C 234 -8.85 56.76 -4.02
N CYS C 235 -9.64 55.77 -3.53
CA CYS C 235 -9.14 54.41 -3.35
C CYS C 235 -10.23 53.38 -3.60
N GLU C 236 -9.85 52.25 -4.23
CA GLU C 236 -10.74 51.12 -4.54
C GLU C 236 -11.14 50.34 -3.28
N ALA C 237 -10.32 50.40 -2.23
CA ALA C 237 -10.58 49.68 -0.98
C ALA C 237 -10.13 50.52 0.24
N PHE C 238 -10.77 51.70 0.46
CA PHE C 238 -10.39 52.65 1.53
C PHE C 238 -10.61 52.09 2.95
N LEU C 239 -11.44 51.04 3.12
CA LEU C 239 -11.61 50.44 4.45
C LEU C 239 -10.32 49.73 4.89
N ARG C 240 -9.42 49.39 3.93
CA ARG C 240 -8.11 48.75 4.22
C ARG C 240 -7.15 49.72 4.93
N HIS C 241 -7.46 51.03 4.94
CA HIS C 241 -6.69 52.07 5.63
C HIS C 241 -6.87 51.97 7.14
N LYS C 242 -7.90 51.21 7.60
CA LYS C 242 -8.23 50.96 9.01
C LYS C 242 -8.49 52.25 9.78
N MET C 243 -9.30 53.15 9.18
CA MET C 243 -9.62 54.46 9.75
C MET C 243 -11.09 54.67 10.01
N THR C 244 -11.96 53.78 9.51
CA THR C 244 -13.41 53.98 9.57
C THR C 244 -14.06 53.26 10.73
N LEU C 245 -14.67 54.05 11.62
CA LEU C 245 -15.42 53.54 12.77
C LEU C 245 -16.91 53.76 12.52
N ILE C 246 -17.71 52.68 12.64
CA ILE C 246 -19.18 52.70 12.42
C ILE C 246 -19.80 51.95 13.59
N SER C 247 -20.64 52.63 14.37
CA SER C 247 -21.26 52.06 15.58
C SER C 247 -22.31 50.99 15.29
N PRO C 248 -22.55 50.04 16.23
CA PRO C 248 -23.63 49.06 16.05
C PRO C 248 -25.03 49.69 15.82
N LEU C 249 -25.30 50.87 16.41
CA LEU C 249 -26.57 51.58 16.23
C LEU C 249 -26.73 52.09 14.80
N MET C 250 -25.61 52.51 14.17
CA MET C 250 -25.54 52.98 12.80
C MET C 250 -25.79 51.81 11.82
N LEU C 251 -25.23 50.62 12.13
CA LEU C 251 -25.44 49.42 11.31
C LEU C 251 -26.90 48.96 11.39
N LYS C 252 -27.49 49.03 12.61
CA LYS C 252 -28.88 48.65 12.87
C LYS C 252 -29.84 49.54 12.08
N LYS C 253 -29.56 50.84 12.10
CA LYS C 253 -30.32 51.89 11.42
C LYS C 253 -30.36 51.67 9.89
N TYR C 254 -29.26 51.18 9.31
CA TYR C 254 -29.13 50.95 7.89
C TYR C 254 -29.28 49.51 7.47
N GLY C 255 -29.80 48.70 8.37
CA GLY C 255 -30.10 47.30 8.11
C GLY C 255 -28.94 46.40 7.79
N ILE C 256 -27.76 46.69 8.32
CA ILE C 256 -26.58 45.85 8.09
C ILE C 256 -26.57 44.75 9.17
N PRO C 257 -26.67 43.45 8.82
CA PRO C 257 -26.61 42.40 9.85
C PRO C 257 -25.19 42.32 10.46
N PHE C 258 -25.13 42.20 11.78
CA PHE C 258 -23.87 42.13 12.50
C PHE C 258 -24.06 41.34 13.78
N ASP C 259 -22.96 40.90 14.37
CA ASP C 259 -23.01 40.27 15.68
C ASP C 259 -21.92 40.90 16.58
N LYS C 260 -21.99 40.67 17.87
CA LYS C 260 -20.99 41.18 18.79
C LYS C 260 -20.59 40.11 19.82
N VAL C 261 -19.31 40.15 20.23
CA VAL C 261 -18.74 39.19 21.18
C VAL C 261 -17.62 39.84 22.00
N THR C 262 -17.47 39.43 23.26
CA THR C 262 -16.37 39.89 24.11
C THR C 262 -15.36 38.76 24.28
N GLN C 263 -14.11 39.03 23.96
CA GLN C 263 -13.03 38.08 24.11
C GLN C 263 -12.34 38.32 25.47
N GLU C 264 -12.18 37.28 26.30
CA GLU C 264 -11.50 37.41 27.60
C GLU C 264 -10.11 36.80 27.53
N ALA C 265 -9.25 37.12 28.52
CA ALA C 265 -7.86 36.65 28.55
C ALA C 265 -7.85 35.13 28.50
N GLY C 266 -6.98 34.57 27.65
CA GLY C 266 -6.83 33.14 27.45
C GLY C 266 -7.72 32.56 26.37
N GLU C 267 -8.40 33.40 25.57
CA GLU C 267 -9.29 32.94 24.49
C GLU C 267 -8.79 33.38 23.10
N PHE C 268 -9.11 32.57 22.07
CA PHE C 268 -8.80 32.82 20.67
C PHE C 268 -10.03 33.31 19.93
N MET C 269 -9.80 34.24 18.99
CA MET C 269 -10.79 34.71 18.04
C MET C 269 -10.25 34.37 16.67
N ILE C 270 -11.09 33.79 15.83
CA ILE C 270 -10.74 33.45 14.45
C ILE C 270 -11.56 34.33 13.52
N THR C 271 -10.92 35.04 12.59
CA THR C 271 -11.64 35.77 11.54
C THR C 271 -11.50 34.96 10.25
N PHE C 272 -12.57 34.97 9.48
CA PHE C 272 -12.69 34.21 8.26
C PHE C 272 -12.51 35.09 7.02
N PRO C 273 -12.15 34.52 5.83
CA PRO C 273 -12.01 35.35 4.63
C PRO C 273 -13.22 36.22 4.36
N TYR C 274 -12.97 37.52 4.13
CA TYR C 274 -13.97 38.55 3.83
C TYR C 274 -14.93 38.84 5.00
N GLY C 275 -14.49 38.53 6.21
CA GLY C 275 -15.24 38.81 7.42
C GLY C 275 -14.81 40.13 8.01
N TYR C 276 -15.64 41.17 7.83
CA TYR C 276 -15.39 42.52 8.36
C TYR C 276 -15.53 42.50 9.87
N HIS C 277 -14.59 43.15 10.58
CA HIS C 277 -14.61 43.21 12.03
C HIS C 277 -13.99 44.51 12.52
N ALA C 278 -14.42 44.93 13.69
CA ALA C 278 -14.00 46.13 14.42
C ALA C 278 -14.12 45.82 15.89
N GLY C 279 -13.58 46.68 16.74
CA GLY C 279 -13.67 46.46 18.17
C GLY C 279 -12.85 47.38 19.04
N PHE C 280 -12.89 47.16 20.34
CA PHE C 280 -12.20 48.00 21.29
C PHE C 280 -11.72 47.23 22.51
N ASN C 281 -10.71 47.79 23.19
CA ASN C 281 -10.15 47.19 24.40
C ASN C 281 -10.77 47.80 25.63
N HIS C 282 -11.10 46.95 26.62
CA HIS C 282 -11.72 47.37 27.91
C HIS C 282 -10.69 48.04 28.82
N GLY C 283 -9.43 47.70 28.67
CA GLY C 283 -8.36 48.26 29.49
C GLY C 283 -7.03 47.64 29.12
N PHE C 284 -6.04 47.73 30.03
CA PHE C 284 -4.71 47.16 29.80
C PHE C 284 -4.76 45.67 29.49
N ASN C 285 -4.33 45.31 28.29
CA ASN C 285 -4.27 43.93 27.81
C ASN C 285 -3.13 43.75 26.81
N CYS C 286 -3.00 42.54 26.28
CA CYS C 286 -2.02 42.14 25.29
C CYS C 286 -2.58 40.96 24.49
N ALA C 287 -2.66 41.15 23.17
CA ALA C 287 -3.11 40.19 22.18
C ALA C 287 -1.97 39.93 21.20
N GLU C 288 -1.91 38.69 20.71
CA GLU C 288 -0.96 38.28 19.68
C GLU C 288 -1.80 37.90 18.46
N SER C 289 -1.33 38.26 17.27
CA SER C 289 -2.08 38.03 16.05
C SER C 289 -1.23 37.75 14.80
N THR C 290 -1.80 37.00 13.84
CA THR C 290 -1.23 36.68 12.51
C THR C 290 -2.33 36.24 11.55
N ASN C 291 -1.99 36.14 10.27
CA ASN C 291 -2.90 35.66 9.25
C ASN C 291 -2.56 34.23 8.92
N PHE C 292 -3.51 33.49 8.32
CA PHE C 292 -3.33 32.09 7.85
C PHE C 292 -4.29 31.80 6.71
N ALA C 293 -4.14 30.64 6.07
CA ALA C 293 -5.00 30.27 4.95
C ALA C 293 -5.42 28.82 5.05
N THR C 294 -6.53 28.49 4.34
CA THR C 294 -7.02 27.13 4.10
C THR C 294 -7.16 27.05 2.58
N ARG C 295 -7.54 25.88 2.02
CA ARG C 295 -7.74 25.75 0.57
C ARG C 295 -8.83 26.70 0.02
N ARG C 296 -9.92 26.95 0.79
CA ARG C 296 -11.05 27.83 0.48
C ARG C 296 -10.64 29.31 0.27
N TRP C 297 -9.55 29.75 0.96
CA TRP C 297 -9.06 31.13 0.84
C TRP C 297 -8.55 31.48 -0.55
N ILE C 298 -7.99 30.52 -1.30
CA ILE C 298 -7.37 30.73 -2.62
C ILE C 298 -8.28 31.55 -3.56
N GLU C 299 -9.59 31.24 -3.61
CA GLU C 299 -10.55 31.97 -4.43
C GLU C 299 -10.73 33.42 -3.97
N TYR C 300 -10.74 33.65 -2.63
CA TYR C 300 -10.83 34.99 -2.02
C TYR C 300 -9.61 35.83 -2.35
N GLY C 301 -8.41 35.22 -2.36
CA GLY C 301 -7.14 35.88 -2.70
C GLY C 301 -7.10 36.36 -4.13
N LYS C 302 -7.57 35.51 -5.08
CA LYS C 302 -7.70 35.81 -6.51
C LYS C 302 -8.72 36.94 -6.75
N GLN C 303 -9.76 37.03 -5.91
CA GLN C 303 -10.83 38.02 -6.08
C GLN C 303 -10.76 39.28 -5.17
N ALA C 304 -9.79 39.33 -4.23
CA ALA C 304 -9.63 40.46 -3.29
C ALA C 304 -9.37 41.80 -4.00
N VAL C 305 -10.12 42.85 -3.61
CA VAL C 305 -9.96 44.22 -4.12
C VAL C 305 -9.02 44.92 -3.11
N LEU C 306 -7.85 45.31 -3.58
CA LEU C 306 -6.81 45.91 -2.75
C LEU C 306 -6.78 47.46 -2.77
N CYS C 307 -6.11 48.05 -1.76
CA CYS C 307 -5.90 49.49 -1.67
C CYS C 307 -5.14 49.93 -2.94
N SER C 308 -5.72 50.88 -3.68
CA SER C 308 -5.19 51.41 -4.93
C SER C 308 -4.42 52.74 -4.79
N CYS C 309 -4.37 53.33 -3.57
CA CYS C 309 -3.73 54.63 -3.35
C CYS C 309 -2.36 54.57 -2.64
N ARG C 310 -2.01 53.44 -2.01
CA ARG C 310 -0.73 53.29 -1.29
C ARG C 310 0.19 52.29 -1.96
N LYS C 311 1.51 52.58 -2.04
CA LYS C 311 2.50 51.73 -2.69
C LYS C 311 2.99 50.61 -1.76
N ASP C 312 3.08 50.90 -0.44
CA ASP C 312 3.55 49.98 0.59
C ASP C 312 2.55 48.86 1.01
N MET C 313 1.33 48.83 0.43
CA MET C 313 0.27 47.87 0.74
C MET C 313 0.65 46.40 0.41
N VAL C 314 0.04 45.47 1.14
CA VAL C 314 0.25 44.02 1.06
C VAL C 314 -0.43 43.39 -0.17
N LYS C 315 0.37 42.75 -1.03
CA LYS C 315 -0.09 42.04 -2.22
C LYS C 315 0.69 40.73 -2.34
N ILE C 316 -0.03 39.60 -2.31
CA ILE C 316 0.53 38.26 -2.42
C ILE C 316 0.26 37.74 -3.83
N SER C 317 1.29 37.15 -4.50
CA SER C 317 1.11 36.53 -5.82
C SER C 317 0.33 35.25 -5.62
N MET C 318 -0.79 35.12 -6.35
CA MET C 318 -1.69 33.98 -6.22
C MET C 318 -1.26 32.77 -7.02
N ASP C 319 -0.37 33.00 -8.00
CA ASP C 319 0.19 32.05 -8.94
C ASP C 319 0.58 30.69 -8.33
N VAL C 320 1.42 30.71 -7.26
CA VAL C 320 1.87 29.51 -6.54
C VAL C 320 0.69 28.65 -5.99
N PHE C 321 -0.33 29.31 -5.38
CA PHE C 321 -1.52 28.67 -4.80
C PHE C 321 -2.40 28.05 -5.88
N VAL C 322 -2.58 28.77 -7.02
CA VAL C 322 -3.38 28.34 -8.17
C VAL C 322 -2.71 27.15 -8.85
N ARG C 323 -1.37 27.16 -9.05
CA ARG C 323 -0.67 26.03 -9.66
C ARG C 323 -0.72 24.76 -8.79
N LYS C 324 -0.59 24.92 -7.45
CA LYS C 324 -0.56 23.81 -6.51
C LYS C 324 -1.92 23.20 -6.17
N PHE C 325 -2.95 24.03 -5.93
CA PHE C 325 -4.26 23.55 -5.46
C PHE C 325 -5.40 23.61 -6.48
N GLN C 326 -5.23 24.40 -7.57
CA GLN C 326 -6.21 24.51 -8.67
C GLN C 326 -5.47 24.35 -10.04
N PRO C 327 -4.61 23.31 -10.27
CA PRO C 327 -3.89 23.23 -11.56
C PRO C 327 -4.77 23.20 -12.79
N GLU C 328 -5.97 22.60 -12.68
CA GLU C 328 -6.98 22.48 -13.74
C GLU C 328 -7.60 23.84 -14.13
N ARG C 329 -7.41 24.87 -13.27
CA ARG C 329 -7.94 26.21 -13.48
C ARG C 329 -6.84 27.24 -13.82
N TYR C 330 -5.54 26.84 -13.71
CA TYR C 330 -4.39 27.72 -13.93
C TYR C 330 -4.40 28.48 -15.26
N LYS C 331 -4.55 27.77 -16.41
CA LYS C 331 -4.54 28.42 -17.72
C LYS C 331 -5.77 29.32 -17.90
N LEU C 332 -6.95 28.83 -17.45
CA LEU C 332 -8.22 29.56 -17.49
C LEU C 332 -8.14 30.88 -16.71
N TRP C 333 -7.47 30.85 -15.53
CA TRP C 333 -7.27 31.98 -14.64
C TRP C 333 -6.25 32.99 -15.17
N LYS C 334 -5.12 32.51 -15.71
CA LYS C 334 -4.07 33.35 -16.27
C LYS C 334 -4.58 34.13 -17.51
N ALA C 335 -5.52 33.52 -18.27
CA ALA C 335 -6.17 34.08 -19.44
C ALA C 335 -7.31 35.08 -19.08
N GLY C 336 -7.65 35.15 -17.80
CA GLY C 336 -8.71 36.03 -17.29
C GLY C 336 -10.10 35.50 -17.56
N LYS C 337 -10.22 34.18 -17.81
CA LYS C 337 -11.48 33.50 -18.11
C LYS C 337 -12.10 32.76 -16.88
N ASP C 338 -11.46 32.86 -15.68
CA ASP C 338 -11.96 32.23 -14.45
C ASP C 338 -13.07 33.05 -13.80
N ASN C 339 -14.32 32.72 -14.16
CA ASN C 339 -15.52 33.41 -13.70
C ASN C 339 -16.22 32.73 -12.47
N THR C 340 -15.41 32.16 -11.55
CA THR C 340 -15.90 31.50 -10.33
C THR C 340 -16.62 32.52 -9.43
N VAL C 341 -17.82 32.16 -8.95
CA VAL C 341 -18.58 33.01 -8.04
C VAL C 341 -18.46 32.37 -6.66
N ILE C 342 -17.97 33.14 -5.67
CA ILE C 342 -17.77 32.68 -4.31
C ILE C 342 -19.11 32.52 -3.57
N ASP C 343 -19.33 31.31 -3.01
CA ASP C 343 -20.45 31.00 -2.13
C ASP C 343 -19.84 31.06 -0.72
N HIS C 344 -20.17 32.13 0.06
CA HIS C 344 -19.64 32.36 1.40
C HIS C 344 -20.07 31.32 2.44
N THR C 345 -21.14 30.56 2.14
CA THR C 345 -21.70 29.55 3.04
C THR C 345 -20.96 28.21 2.96
N LEU C 346 -20.23 27.96 1.86
CA LEU C 346 -19.53 26.70 1.65
C LEU C 346 -18.32 26.53 2.57
N PRO C 347 -18.20 25.38 3.27
CA PRO C 347 -17.01 25.18 4.12
C PRO C 347 -15.80 24.80 3.27
N THR C 348 -14.59 24.91 3.87
CA THR C 348 -13.32 24.60 3.22
C THR C 348 -13.33 23.13 2.73
N PRO C 349 -12.68 22.76 1.59
CA PRO C 349 -12.71 21.34 1.16
C PRO C 349 -12.24 20.34 2.23
N GLU C 350 -11.27 20.74 3.10
CA GLU C 350 -10.69 19.95 4.21
C GLU C 350 -11.74 19.52 5.24
N ALA C 351 -12.92 20.17 5.26
CA ALA C 351 -14.01 19.87 6.16
C ALA C 351 -14.79 18.58 5.76
N ALA C 352 -14.61 18.09 4.51
CA ALA C 352 -15.26 16.91 3.92
C ALA C 352 -15.41 15.70 4.87
N GLU C 353 -14.34 15.37 5.62
CA GLU C 353 -14.30 14.26 6.58
C GLU C 353 -15.34 14.36 7.70
N PHE C 354 -15.77 15.61 8.04
CA PHE C 354 -16.75 15.90 9.08
C PHE C 354 -18.18 16.05 8.51
N LEU C 355 -18.32 16.00 7.17
CA LEU C 355 -19.59 16.15 6.46
C LEU C 355 -19.87 14.94 5.55
N SER D 6 2.80 -40.63 -41.90
CA SER D 6 3.04 -39.36 -41.21
C SER D 6 4.53 -39.11 -40.95
N GLU D 7 5.29 -40.18 -40.60
CA GLU D 7 6.74 -40.10 -40.33
C GLU D 7 7.56 -39.88 -41.62
N THR D 8 6.95 -40.20 -42.79
CA THR D 8 7.56 -40.05 -44.11
C THR D 8 7.60 -38.60 -44.60
N LEU D 9 6.59 -37.78 -44.20
CA LEU D 9 6.49 -36.36 -44.60
C LEU D 9 7.34 -35.47 -43.70
N ASN D 10 8.13 -34.58 -44.31
CA ASN D 10 9.05 -33.67 -43.61
C ASN D 10 9.87 -34.44 -42.54
N PRO D 11 10.61 -35.53 -42.92
CA PRO D 11 11.33 -36.32 -41.90
C PRO D 11 12.38 -35.56 -41.09
N SER D 12 12.94 -34.48 -41.65
CA SER D 12 13.92 -33.61 -41.00
C SER D 12 13.24 -32.53 -40.14
N ALA D 13 11.89 -32.45 -40.17
CA ALA D 13 11.05 -31.49 -39.42
C ALA D 13 11.55 -30.02 -39.59
N ARG D 14 11.89 -29.66 -40.85
CA ARG D 14 12.36 -28.32 -41.25
C ARG D 14 11.18 -27.38 -41.40
N ILE D 15 11.41 -26.04 -41.21
CA ILE D 15 10.36 -25.02 -41.41
C ILE D 15 10.00 -24.96 -42.89
N MET D 16 8.70 -25.15 -43.19
CA MET D 16 8.22 -25.12 -44.58
C MET D 16 7.56 -23.78 -44.91
N THR D 17 7.69 -23.35 -46.18
CA THR D 17 7.11 -22.12 -46.71
C THR D 17 6.07 -22.45 -47.77
N PHE D 18 4.91 -21.76 -47.71
CA PHE D 18 3.80 -21.97 -48.61
C PHE D 18 3.41 -20.70 -49.33
N TYR D 19 3.06 -20.84 -50.63
CA TYR D 19 2.65 -19.74 -51.48
C TYR D 19 1.23 -20.05 -52.02
N PRO D 20 0.15 -19.96 -51.18
CA PRO D 20 -1.20 -20.25 -51.71
C PRO D 20 -1.65 -19.25 -52.76
N THR D 21 -2.51 -19.72 -53.69
CA THR D 21 -3.14 -18.91 -54.74
C THR D 21 -4.30 -18.21 -54.03
N MET D 22 -4.95 -17.23 -54.67
CA MET D 22 -6.08 -16.51 -54.08
C MET D 22 -7.24 -17.45 -53.69
N GLU D 23 -7.53 -18.47 -54.55
CA GLU D 23 -8.56 -19.48 -54.32
C GLU D 23 -8.25 -20.36 -53.09
N GLU D 24 -7.00 -20.83 -52.96
CA GLU D 24 -6.53 -21.64 -51.83
C GLU D 24 -6.52 -20.85 -50.51
N PHE D 25 -6.17 -19.58 -50.58
CA PHE D 25 -6.07 -18.68 -49.42
C PHE D 25 -7.42 -18.39 -48.75
N ARG D 26 -8.54 -18.38 -49.52
CA ARG D 26 -9.89 -18.05 -49.04
C ARG D 26 -10.43 -18.93 -47.88
N ASN D 27 -10.06 -20.23 -47.80
CA ASN D 27 -10.51 -21.07 -46.69
C ASN D 27 -9.35 -21.31 -45.72
N PHE D 28 -9.35 -20.58 -44.59
CA PHE D 28 -8.29 -20.60 -43.58
C PHE D 28 -8.04 -21.98 -43.00
N SER D 29 -9.07 -22.57 -42.36
CA SER D 29 -9.00 -23.88 -41.71
C SER D 29 -8.58 -24.99 -42.67
N ARG D 30 -9.10 -24.97 -43.94
CA ARG D 30 -8.78 -25.94 -44.97
C ARG D 30 -7.30 -25.83 -45.38
N TYR D 31 -6.76 -24.60 -45.45
CA TYR D 31 -5.36 -24.40 -45.80
C TYR D 31 -4.41 -24.86 -44.70
N ILE D 32 -4.82 -24.76 -43.43
CA ILE D 32 -4.04 -25.25 -42.29
C ILE D 32 -3.98 -26.79 -42.37
N ALA D 33 -5.14 -27.41 -42.71
CA ALA D 33 -5.29 -28.86 -42.86
C ALA D 33 -4.37 -29.33 -43.99
N TYR D 34 -4.34 -28.57 -45.12
CA TYR D 34 -3.45 -28.83 -46.25
C TYR D 34 -1.96 -28.79 -45.89
N ILE D 35 -1.52 -27.74 -45.16
CA ILE D 35 -0.11 -27.61 -44.83
C ILE D 35 0.35 -28.72 -43.85
N GLU D 36 -0.57 -29.23 -43.00
CA GLU D 36 -0.31 -30.35 -42.09
C GLU D 36 -0.22 -31.66 -42.89
N SER D 37 -0.99 -31.79 -43.99
CA SER D 37 -0.95 -32.97 -44.87
C SER D 37 0.42 -33.04 -45.58
N GLN D 38 1.13 -31.90 -45.63
CA GLN D 38 2.47 -31.75 -46.21
C GLN D 38 3.59 -31.96 -45.17
N GLY D 39 3.20 -32.09 -43.89
CA GLY D 39 4.11 -32.31 -42.77
C GLY D 39 4.66 -31.01 -42.18
N ALA D 40 4.01 -29.86 -42.47
CA ALA D 40 4.47 -28.56 -41.96
C ALA D 40 4.56 -28.48 -40.42
N HIS D 41 3.57 -29.09 -39.74
CA HIS D 41 3.42 -29.12 -38.27
C HIS D 41 4.57 -29.80 -37.52
N ARG D 42 5.38 -30.62 -38.22
CA ARG D 42 6.53 -31.32 -37.63
C ARG D 42 7.61 -30.36 -37.16
N ALA D 43 7.77 -29.21 -37.85
CA ALA D 43 8.75 -28.19 -37.47
C ALA D 43 8.27 -27.37 -36.27
N GLY D 44 6.95 -27.25 -36.14
CA GLY D 44 6.29 -26.46 -35.09
C GLY D 44 6.06 -25.02 -35.50
N LEU D 45 6.60 -24.64 -36.68
CA LEU D 45 6.57 -23.30 -37.24
C LEU D 45 6.55 -23.42 -38.78
N ALA D 46 5.67 -22.66 -39.45
CA ALA D 46 5.55 -22.61 -40.92
C ALA D 46 5.34 -21.18 -41.37
N LYS D 47 5.86 -20.86 -42.57
CA LYS D 47 5.67 -19.55 -43.17
C LYS D 47 4.64 -19.64 -44.31
N VAL D 48 3.73 -18.68 -44.35
CA VAL D 48 2.73 -18.59 -45.39
C VAL D 48 2.85 -17.18 -46.05
N VAL D 49 3.17 -17.17 -47.36
CA VAL D 49 3.29 -15.96 -48.17
C VAL D 49 1.94 -15.80 -48.88
N PRO D 50 1.13 -14.76 -48.52
CA PRO D 50 -0.17 -14.59 -49.18
C PRO D 50 -0.06 -14.16 -50.66
N PRO D 51 -1.12 -14.38 -51.48
CA PRO D 51 -1.10 -13.84 -52.86
C PRO D 51 -0.75 -12.34 -52.90
N LYS D 52 -0.09 -11.91 -54.00
CA LYS D 52 0.30 -10.50 -54.23
C LYS D 52 -0.91 -9.57 -54.22
N GLU D 53 -2.04 -10.02 -54.79
CA GLU D 53 -3.32 -9.29 -54.86
C GLU D 53 -3.99 -9.06 -53.49
N TRP D 54 -3.64 -9.89 -52.48
CA TRP D 54 -4.22 -9.75 -51.14
C TRP D 54 -3.55 -8.66 -50.31
N LYS D 55 -4.37 -7.89 -49.57
CA LYS D 55 -3.97 -6.75 -48.73
C LYS D 55 -4.91 -6.65 -47.51
N PRO D 56 -4.41 -6.63 -46.25
CA PRO D 56 -5.34 -6.51 -45.09
C PRO D 56 -5.76 -5.07 -44.75
N ARG D 57 -5.11 -4.08 -45.38
CA ARG D 57 -5.30 -2.66 -45.15
C ARG D 57 -4.65 -1.91 -46.31
N ALA D 58 -5.30 -0.84 -46.79
CA ALA D 58 -4.83 -0.02 -47.92
C ALA D 58 -3.51 0.70 -47.63
N SER D 59 -3.34 1.25 -46.41
CA SER D 59 -2.11 1.95 -45.97
C SER D 59 -2.03 2.03 -44.46
N TYR D 60 -0.83 2.31 -43.94
CA TYR D 60 -0.60 2.40 -42.49
C TYR D 60 -0.26 3.83 -42.02
N ASP D 61 -0.57 4.84 -42.86
CA ASP D 61 -0.30 6.25 -42.60
C ASP D 61 -1.31 6.95 -41.64
N ASP D 62 -2.29 6.19 -41.13
CA ASP D 62 -3.35 6.70 -40.28
C ASP D 62 -3.39 6.07 -38.87
N ILE D 63 -2.27 5.48 -38.39
CA ILE D 63 -2.27 4.81 -37.08
C ILE D 63 -1.39 5.48 -36.00
N ASP D 64 -0.88 6.69 -36.26
CA ASP D 64 0.02 7.39 -35.33
C ASP D 64 -0.59 7.68 -33.95
N ASP D 65 -1.92 7.85 -33.88
CA ASP D 65 -2.63 8.14 -32.64
C ASP D 65 -3.10 6.87 -31.89
N LEU D 66 -2.76 5.67 -32.41
CA LEU D 66 -3.08 4.41 -31.75
C LEU D 66 -2.22 4.33 -30.45
N VAL D 67 -2.86 3.98 -29.37
CA VAL D 67 -2.22 3.92 -28.07
C VAL D 67 -1.74 2.56 -27.62
N ILE D 68 -0.51 2.50 -27.12
CA ILE D 68 0.06 1.29 -26.59
C ILE D 68 -0.12 1.59 -25.10
N PRO D 69 -1.06 0.92 -24.45
CA PRO D 69 -1.34 1.22 -23.04
C PRO D 69 -0.26 0.88 -22.00
N ALA D 70 0.48 -0.21 -22.22
CA ALA D 70 1.51 -0.66 -21.29
C ALA D 70 2.81 -1.12 -21.99
N PRO D 71 3.61 -0.22 -22.60
CA PRO D 71 4.88 -0.66 -23.23
C PRO D 71 5.87 -1.20 -22.18
N ILE D 72 6.67 -2.19 -22.57
CA ILE D 72 7.62 -2.83 -21.66
C ILE D 72 9.07 -2.53 -22.01
N GLN D 73 9.87 -2.21 -21.02
CA GLN D 73 11.31 -2.06 -21.18
C GLN D 73 11.85 -3.45 -20.88
N GLN D 74 12.58 -4.02 -21.84
CA GLN D 74 13.07 -5.39 -21.70
C GLN D 74 14.50 -5.44 -21.19
N LEU D 75 14.67 -5.68 -19.88
CA LEU D 75 16.00 -5.82 -19.29
C LEU D 75 16.37 -7.28 -19.29
N VAL D 76 17.51 -7.64 -19.89
CA VAL D 76 17.99 -9.04 -19.98
C VAL D 76 19.22 -9.19 -19.10
N THR D 77 19.24 -10.26 -18.29
CA THR D 77 20.35 -10.66 -17.42
C THR D 77 20.87 -12.04 -17.86
N GLY D 78 22.17 -12.21 -17.83
CA GLY D 78 22.78 -13.48 -18.20
C GLY D 78 24.04 -13.36 -19.02
N GLN D 79 24.52 -14.50 -19.51
CA GLN D 79 25.72 -14.57 -20.34
C GLN D 79 25.81 -15.93 -21.04
N SER D 80 26.69 -16.01 -22.05
CA SER D 80 27.08 -17.20 -22.80
C SER D 80 25.88 -18.06 -23.22
N GLY D 81 24.95 -17.39 -23.88
CA GLY D 81 23.76 -18.00 -24.45
C GLY D 81 22.60 -18.34 -23.55
N LEU D 82 22.64 -17.91 -22.30
CA LEU D 82 21.58 -18.22 -21.33
C LEU D 82 21.16 -16.96 -20.62
N PHE D 83 19.87 -16.60 -20.75
CA PHE D 83 19.41 -15.34 -20.19
C PHE D 83 18.03 -15.41 -19.58
N THR D 84 17.73 -14.43 -18.72
CA THR D 84 16.40 -14.20 -18.14
C THR D 84 15.99 -12.78 -18.52
N GLN D 85 14.80 -12.64 -19.09
CA GLN D 85 14.22 -11.38 -19.48
C GLN D 85 13.25 -10.83 -18.39
N TYR D 86 13.46 -9.58 -17.97
CA TYR D 86 12.61 -8.88 -17.00
C TYR D 86 11.91 -7.73 -17.72
N ASN D 87 10.58 -7.86 -17.89
CA ASN D 87 9.75 -6.92 -18.64
C ASN D 87 9.13 -5.86 -17.74
N ILE D 88 9.72 -4.64 -17.75
CA ILE D 88 9.30 -3.49 -16.93
C ILE D 88 8.24 -2.62 -17.61
N GLN D 89 7.08 -2.46 -16.98
CA GLN D 89 6.00 -1.64 -17.52
C GLN D 89 6.31 -0.13 -17.42
N LYS D 90 6.13 0.57 -18.56
CA LYS D 90 6.34 2.01 -18.71
C LYS D 90 4.98 2.68 -18.95
N LYS D 91 4.91 4.03 -18.91
CA LYS D 91 3.66 4.75 -19.16
C LYS D 91 3.17 4.57 -20.61
N ALA D 92 1.84 4.70 -20.82
CA ALA D 92 1.22 4.59 -22.14
C ALA D 92 1.81 5.58 -23.13
N MET D 93 1.98 5.15 -24.37
CA MET D 93 2.48 6.03 -25.43
C MET D 93 1.76 5.76 -26.76
N THR D 94 1.83 6.72 -27.68
CA THR D 94 1.22 6.55 -29.01
C THR D 94 2.24 5.86 -29.94
N VAL D 95 1.75 5.36 -31.09
CA VAL D 95 2.60 4.74 -32.11
C VAL D 95 3.61 5.80 -32.62
N ARG D 96 3.16 7.06 -32.75
CA ARG D 96 3.97 8.21 -33.14
C ARG D 96 5.22 8.39 -32.22
N GLU D 97 5.02 8.45 -30.89
CA GLU D 97 6.10 8.57 -29.89
C GLU D 97 6.97 7.29 -29.87
N PHE D 98 6.36 6.11 -30.05
CA PHE D 98 7.10 4.84 -30.07
C PHE D 98 8.06 4.79 -31.28
N ARG D 99 7.56 5.14 -32.49
CA ARG D 99 8.31 5.17 -33.75
C ARG D 99 9.51 6.15 -33.67
N LYS D 100 9.32 7.31 -33.00
CA LYS D 100 10.37 8.30 -32.77
C LYS D 100 11.52 7.70 -31.93
N ILE D 101 11.19 6.96 -30.86
CA ILE D 101 12.17 6.27 -30.00
C ILE D 101 12.83 5.10 -30.76
N ALA D 102 12.02 4.28 -31.49
CA ALA D 102 12.52 3.16 -32.29
C ALA D 102 13.60 3.60 -33.29
N ASN D 103 13.39 4.75 -33.98
CA ASN D 103 14.27 5.30 -35.01
C ASN D 103 15.35 6.25 -34.50
N SER D 104 15.39 6.50 -33.17
CA SER D 104 16.41 7.38 -32.57
C SER D 104 17.80 6.70 -32.62
N ASP D 105 18.88 7.50 -32.57
CA ASP D 105 20.27 7.03 -32.60
C ASP D 105 20.59 6.02 -31.48
N LYS D 106 19.94 6.18 -30.31
CA LYS D 106 20.10 5.31 -29.16
C LYS D 106 19.52 3.89 -29.39
N TYR D 107 18.36 3.80 -30.07
CA TYR D 107 17.67 2.53 -30.21
C TYR D 107 17.59 1.93 -31.61
N CYS D 108 17.95 2.68 -32.65
CA CYS D 108 17.89 2.20 -34.04
C CYS D 108 18.78 0.98 -34.32
N THR D 109 18.43 0.24 -35.40
CA THR D 109 19.12 -0.95 -35.91
C THR D 109 20.57 -0.62 -36.27
N PRO D 110 21.56 -1.44 -35.81
CA PRO D 110 22.95 -1.18 -36.23
C PRO D 110 23.15 -1.52 -37.71
N ARG D 111 24.19 -0.94 -38.35
CA ARG D 111 24.50 -1.20 -39.77
C ARG D 111 25.02 -2.64 -39.92
N TYR D 112 24.47 -3.39 -40.88
CA TYR D 112 24.87 -4.79 -41.09
C TYR D 112 24.76 -5.21 -42.56
N SER D 113 25.52 -6.25 -42.95
CA SER D 113 25.56 -6.81 -44.31
C SER D 113 24.51 -7.91 -44.52
N GLU D 114 24.57 -9.01 -43.72
CA GLU D 114 23.64 -10.15 -43.79
C GLU D 114 22.96 -10.38 -42.43
N PHE D 115 21.85 -11.17 -42.40
N PHE D 115 21.85 -11.16 -42.41
CA PHE D 115 21.11 -11.50 -41.17
CA PHE D 115 21.08 -11.47 -41.20
C PHE D 115 22.02 -12.05 -40.09
C PHE D 115 21.89 -12.19 -40.10
N GLU D 116 22.98 -12.90 -40.49
CA GLU D 116 23.93 -13.58 -39.58
C GLU D 116 24.72 -12.56 -38.73
N GLU D 117 25.02 -11.38 -39.32
CA GLU D 117 25.72 -10.26 -38.66
C GLU D 117 24.80 -9.64 -37.62
N LEU D 118 23.52 -9.41 -37.98
CA LEU D 118 22.51 -8.87 -37.08
C LEU D 118 22.19 -9.81 -35.92
N GLU D 119 22.11 -11.11 -36.22
CA GLU D 119 21.87 -12.17 -35.26
C GLU D 119 23.02 -12.22 -34.23
N ARG D 120 24.27 -12.14 -34.70
CA ARG D 120 25.45 -12.13 -33.81
C ARG D 120 25.40 -10.89 -32.91
N LYS D 121 24.99 -9.73 -33.46
CA LYS D 121 24.86 -8.46 -32.75
C LYS D 121 23.76 -8.49 -31.70
N TYR D 122 22.67 -9.24 -31.98
CA TYR D 122 21.59 -9.40 -31.01
C TYR D 122 22.07 -10.19 -29.77
N TRP D 123 22.66 -11.39 -30.01
CA TRP D 123 23.15 -12.27 -28.94
C TRP D 123 24.36 -11.68 -28.18
N LYS D 124 25.06 -10.69 -28.76
CA LYS D 124 26.19 -10.03 -28.11
C LYS D 124 25.73 -8.84 -27.26
N ASN D 125 24.64 -8.16 -27.68
CA ASN D 125 24.21 -6.94 -27.03
C ASN D 125 22.83 -6.92 -26.36
N LEU D 126 22.11 -8.02 -26.31
CA LEU D 126 20.76 -7.97 -25.72
C LEU D 126 20.67 -7.51 -24.22
N THR D 127 21.73 -7.63 -23.42
CA THR D 127 21.73 -7.22 -22.00
C THR D 127 22.03 -5.74 -21.85
N PHE D 128 22.53 -5.08 -22.93
CA PHE D 128 22.86 -3.65 -22.90
C PHE D 128 21.78 -2.80 -23.51
N ASN D 129 21.69 -1.52 -23.10
CA ASN D 129 20.71 -0.54 -23.61
C ASN D 129 19.30 -1.17 -23.84
N PRO D 130 18.60 -1.55 -22.72
CA PRO D 130 17.29 -2.22 -22.87
C PRO D 130 16.27 -1.51 -23.74
N PRO D 131 15.70 -2.22 -24.76
CA PRO D 131 14.72 -1.56 -25.65
C PRO D 131 13.29 -1.56 -25.07
N ILE D 132 12.38 -0.84 -25.74
CA ILE D 132 10.96 -0.78 -25.36
C ILE D 132 10.17 -1.57 -26.39
N TYR D 133 9.34 -2.52 -25.91
CA TYR D 133 8.47 -3.34 -26.76
C TYR D 133 7.02 -2.90 -26.54
N GLY D 134 6.37 -2.42 -27.60
CA GLY D 134 4.97 -2.02 -27.58
C GLY D 134 4.13 -3.26 -27.81
N ALA D 135 4.36 -4.26 -26.98
CA ALA D 135 3.79 -5.60 -27.01
C ALA D 135 2.38 -5.72 -26.33
N ASP D 136 1.60 -6.77 -26.72
CA ASP D 136 0.29 -7.18 -26.16
C ASP D 136 -0.78 -6.08 -26.16
N VAL D 137 -0.85 -5.34 -27.27
CA VAL D 137 -1.82 -4.26 -27.44
C VAL D 137 -3.09 -4.90 -27.99
N ASN D 138 -4.22 -4.72 -27.30
CA ASN D 138 -5.51 -5.21 -27.80
C ASN D 138 -5.88 -4.36 -29.01
N GLY D 139 -5.90 -5.01 -30.16
CA GLY D 139 -6.27 -4.31 -31.38
C GLY D 139 -5.97 -5.06 -32.65
N THR D 140 -6.46 -4.50 -33.75
CA THR D 140 -6.28 -5.05 -35.08
C THR D 140 -5.92 -3.94 -36.05
N LEU D 141 -5.19 -4.29 -37.13
CA LEU D 141 -4.90 -3.36 -38.23
C LEU D 141 -5.61 -3.77 -39.50
N TYR D 142 -6.45 -4.79 -39.42
CA TYR D 142 -7.18 -5.20 -40.62
C TYR D 142 -8.37 -4.30 -40.87
N GLU D 143 -8.63 -3.98 -42.15
N GLU D 143 -8.63 -4.00 -42.15
CA GLU D 143 -9.81 -3.21 -42.52
CA GLU D 143 -9.80 -3.24 -42.57
C GLU D 143 -11.00 -4.18 -42.31
C GLU D 143 -11.00 -4.20 -42.30
N LYS D 144 -12.12 -3.66 -41.80
CA LYS D 144 -13.34 -4.43 -41.45
C LYS D 144 -13.86 -5.45 -42.51
N HIS D 145 -13.74 -5.12 -43.82
N HIS D 145 -13.73 -5.15 -43.82
CA HIS D 145 -14.23 -5.92 -44.94
CA HIS D 145 -14.28 -5.99 -44.89
C HIS D 145 -13.39 -7.17 -45.27
C HIS D 145 -13.33 -7.10 -45.39
N VAL D 146 -12.13 -7.22 -44.82
CA VAL D 146 -11.17 -8.30 -45.15
C VAL D 146 -11.65 -9.64 -44.56
N ASP D 147 -12.01 -10.57 -45.46
CA ASP D 147 -12.55 -11.89 -45.10
C ASP D 147 -11.52 -13.01 -45.08
N GLU D 148 -10.41 -12.84 -45.79
CA GLU D 148 -9.35 -13.85 -45.88
C GLU D 148 -8.29 -13.61 -44.83
N TRP D 149 -8.04 -14.63 -44.01
CA TRP D 149 -7.01 -14.68 -42.95
C TRP D 149 -7.09 -13.50 -42.01
N ASN D 150 -8.35 -13.09 -41.66
CA ASN D 150 -8.59 -11.99 -40.74
C ASN D 150 -8.37 -12.51 -39.35
N ILE D 151 -7.30 -12.06 -38.71
CA ILE D 151 -6.88 -12.50 -37.39
C ILE D 151 -7.93 -12.25 -36.34
N GLY D 152 -8.67 -11.16 -36.51
CA GLY D 152 -9.76 -10.79 -35.64
C GLY D 152 -10.89 -11.81 -35.64
N ARG D 153 -11.14 -12.44 -36.79
CA ARG D 153 -12.20 -13.45 -36.91
C ARG D 153 -11.84 -14.68 -37.75
N LEU D 154 -10.98 -15.55 -37.26
CA LEU D 154 -10.58 -16.75 -37.99
C LEU D 154 -11.68 -17.82 -38.18
N ARG D 155 -12.56 -17.93 -37.21
CA ARG D 155 -13.63 -18.91 -37.19
C ARG D 155 -13.22 -20.39 -37.12
N THR D 156 -12.38 -20.72 -36.14
CA THR D 156 -11.94 -22.09 -35.87
C THR D 156 -12.73 -22.65 -34.66
N ILE D 157 -12.57 -23.94 -34.34
CA ILE D 157 -13.27 -24.54 -33.19
C ILE D 157 -12.92 -23.83 -31.88
N LEU D 158 -11.82 -23.01 -31.83
CA LEU D 158 -11.46 -22.21 -30.65
C LEU D 158 -12.65 -21.28 -30.30
N ASP D 159 -13.48 -20.97 -31.30
CA ASP D 159 -14.68 -20.15 -31.16
C ASP D 159 -15.68 -20.68 -30.17
N LEU D 160 -15.67 -22.00 -29.92
CA LEU D 160 -16.56 -22.61 -28.96
C LEU D 160 -16.44 -21.97 -27.61
N VAL D 161 -15.22 -21.52 -27.23
CA VAL D 161 -14.94 -20.89 -25.95
C VAL D 161 -15.87 -19.68 -25.77
N GLU D 162 -15.89 -18.71 -26.73
CA GLU D 162 -16.76 -17.54 -26.61
C GLU D 162 -18.22 -17.84 -26.93
N LYS D 163 -18.46 -18.62 -28.01
CA LYS D 163 -19.80 -19.00 -28.51
C LYS D 163 -20.65 -19.75 -27.48
N GLU D 164 -20.06 -20.75 -26.81
CA GLU D 164 -20.77 -21.58 -25.83
C GLU D 164 -20.74 -21.04 -24.40
N SER D 165 -19.57 -20.53 -23.95
CA SER D 165 -19.39 -20.08 -22.57
C SER D 165 -19.44 -18.56 -22.36
N GLY D 166 -19.22 -17.77 -23.42
CA GLY D 166 -19.21 -16.31 -23.33
C GLY D 166 -17.94 -15.77 -22.72
N ILE D 167 -16.84 -16.54 -22.81
CA ILE D 167 -15.54 -16.15 -22.27
C ILE D 167 -14.65 -15.50 -23.37
N THR D 168 -14.09 -14.32 -23.10
CA THR D 168 -13.14 -13.66 -24.00
C THR D 168 -11.78 -13.65 -23.29
N ILE D 169 -10.75 -14.13 -23.99
CA ILE D 169 -9.37 -14.21 -23.49
C ILE D 169 -8.51 -13.34 -24.39
N GLU D 170 -8.12 -12.17 -23.88
CA GLU D 170 -7.33 -11.17 -24.61
C GLU D 170 -6.06 -11.75 -25.22
N GLY D 171 -5.93 -11.58 -26.54
CA GLY D 171 -4.79 -12.10 -27.29
C GLY D 171 -4.92 -13.57 -27.67
N VAL D 172 -5.85 -14.34 -27.02
CA VAL D 172 -6.09 -15.78 -27.27
C VAL D 172 -7.24 -15.95 -28.27
N ASN D 173 -8.42 -15.38 -27.99
CA ASN D 173 -9.53 -15.41 -28.97
C ASN D 173 -9.85 -13.98 -29.49
N THR D 174 -8.98 -13.01 -29.17
CA THR D 174 -9.05 -11.61 -29.63
C THR D 174 -7.63 -11.28 -30.17
N PRO D 175 -7.42 -10.29 -31.08
CA PRO D 175 -6.05 -10.06 -31.57
C PRO D 175 -5.20 -9.15 -30.71
N TYR D 176 -3.88 -9.37 -30.76
CA TYR D 176 -2.86 -8.55 -30.09
C TYR D 176 -1.97 -7.92 -31.18
N LEU D 177 -1.56 -6.66 -30.98
CA LEU D 177 -0.62 -5.97 -31.84
C LEU D 177 0.70 -5.86 -31.07
N TYR D 178 1.84 -5.98 -31.76
CA TYR D 178 3.19 -5.89 -31.19
C TYR D 178 3.97 -4.91 -32.02
N PHE D 179 4.30 -3.77 -31.43
CA PHE D 179 5.12 -2.74 -32.06
C PHE D 179 6.53 -2.98 -31.56
N GLY D 180 7.39 -3.41 -32.47
CA GLY D 180 8.77 -3.69 -32.16
C GLY D 180 9.74 -2.60 -32.54
N MET D 181 10.92 -2.70 -31.95
CA MET D 181 12.07 -1.89 -32.26
C MET D 181 13.27 -2.86 -32.23
N TRP D 182 14.45 -2.42 -32.67
CA TRP D 182 15.64 -3.26 -32.68
C TRP D 182 15.89 -3.88 -31.29
N LYS D 183 16.20 -5.19 -31.25
CA LYS D 183 16.62 -5.96 -30.07
C LYS D 183 15.45 -6.34 -29.12
N THR D 184 14.21 -6.00 -29.49
CA THR D 184 13.05 -6.44 -28.71
C THR D 184 12.87 -7.91 -29.00
N SER D 185 12.49 -8.68 -27.99
CA SER D 185 12.38 -10.11 -28.16
C SER D 185 11.31 -10.87 -27.40
N PHE D 186 11.05 -12.06 -27.87
CA PHE D 186 10.11 -12.95 -27.24
C PHE D 186 10.85 -14.22 -26.85
N ALA D 187 10.70 -14.59 -25.60
CA ALA D 187 11.34 -15.76 -25.03
C ALA D 187 10.70 -17.07 -25.49
N TRP D 188 11.41 -18.16 -25.25
CA TRP D 188 10.95 -19.48 -25.63
C TRP D 188 9.66 -19.83 -24.94
N HIS D 189 8.70 -20.30 -25.72
CA HIS D 189 7.40 -20.69 -25.21
C HIS D 189 6.55 -21.48 -26.20
N THR D 190 5.46 -22.03 -25.69
CA THR D 190 4.45 -22.71 -26.48
C THR D 190 3.26 -21.81 -26.23
N GLU D 191 2.16 -21.99 -26.94
CA GLU D 191 1.02 -21.08 -26.73
C GLU D 191 0.24 -21.46 -25.48
N ASP D 192 -0.64 -20.58 -25.01
CA ASP D 192 -1.52 -20.89 -23.87
C ASP D 192 -2.36 -22.11 -24.28
N MET D 193 -2.41 -23.12 -23.39
CA MET D 193 -3.15 -24.39 -23.61
C MET D 193 -2.55 -25.22 -24.75
N ASP D 194 -1.29 -24.90 -25.16
CA ASP D 194 -0.57 -25.48 -26.30
C ASP D 194 -1.38 -25.35 -27.61
N LEU D 195 -2.02 -24.19 -27.79
CA LEU D 195 -2.83 -23.87 -28.97
C LEU D 195 -1.92 -23.53 -30.17
N TYR D 196 -2.55 -23.34 -31.33
CA TYR D 196 -1.87 -22.86 -32.53
C TYR D 196 -1.81 -21.34 -32.40
N SER D 197 -1.00 -20.68 -33.23
CA SER D 197 -1.00 -19.23 -33.31
C SER D 197 -0.73 -18.82 -34.74
N ILE D 198 -1.22 -17.61 -35.08
CA ILE D 198 -1.02 -16.95 -36.36
C ILE D 198 -0.37 -15.59 -36.05
N ASN D 199 0.64 -15.22 -36.84
N ASN D 199 0.63 -15.21 -36.86
CA ASN D 199 1.38 -13.96 -36.69
CA ASN D 199 1.40 -13.99 -36.69
C ASN D 199 1.56 -13.38 -38.07
C ASN D 199 1.64 -13.35 -38.04
N TYR D 200 1.11 -12.13 -38.25
CA TYR D 200 1.23 -11.42 -39.51
C TYR D 200 2.07 -10.18 -39.31
N LEU D 201 3.12 -10.03 -40.14
CA LEU D 201 3.97 -8.85 -40.06
C LEU D 201 3.40 -7.77 -41.00
N HIS D 202 2.65 -6.82 -40.41
CA HIS D 202 1.99 -5.75 -41.15
C HIS D 202 2.95 -4.87 -41.94
N PHE D 203 4.03 -4.38 -41.30
CA PHE D 203 5.01 -3.50 -41.93
C PHE D 203 6.28 -3.47 -41.14
N GLY D 204 7.30 -2.83 -41.72
CA GLY D 204 8.57 -2.55 -41.10
C GLY D 204 9.62 -3.60 -41.27
N GLU D 205 10.57 -3.56 -40.33
CA GLU D 205 11.75 -4.41 -40.32
C GLU D 205 11.41 -5.84 -39.98
N PRO D 206 12.26 -6.82 -40.41
CA PRO D 206 11.94 -8.23 -40.16
C PRO D 206 11.90 -8.65 -38.69
N LYS D 207 11.41 -9.88 -38.48
CA LYS D 207 11.28 -10.55 -37.21
C LYS D 207 11.89 -11.93 -37.40
N SER D 208 12.98 -12.21 -36.67
CA SER D 208 13.62 -13.52 -36.76
C SER D 208 13.06 -14.46 -35.70
N TRP D 209 12.86 -15.73 -36.10
CA TRP D 209 12.29 -16.79 -35.26
C TRP D 209 13.22 -17.98 -35.15
N TYR D 210 13.11 -18.68 -34.03
CA TYR D 210 13.76 -19.96 -33.77
C TYR D 210 12.63 -20.87 -33.35
N SER D 211 12.76 -22.15 -33.62
N SER D 211 12.74 -22.17 -33.68
CA SER D 211 11.72 -23.11 -33.27
CA SER D 211 11.67 -23.15 -33.47
C SER D 211 12.33 -24.43 -32.89
C SER D 211 12.19 -24.55 -33.13
N VAL D 212 11.63 -25.22 -32.10
CA VAL D 212 12.03 -26.57 -31.73
C VAL D 212 10.86 -27.47 -32.17
N PRO D 213 11.09 -28.54 -32.97
CA PRO D 213 9.96 -29.41 -33.38
C PRO D 213 9.19 -29.94 -32.15
N PRO D 214 7.82 -29.95 -32.16
CA PRO D 214 7.07 -30.52 -31.01
C PRO D 214 7.53 -31.90 -30.52
N GLU D 215 8.06 -32.75 -31.42
CA GLU D 215 8.56 -34.09 -31.05
C GLU D 215 9.88 -34.04 -30.27
N HIS D 216 10.53 -32.86 -30.18
CA HIS D 216 11.77 -32.63 -29.41
C HIS D 216 11.58 -31.60 -28.31
N GLY D 217 10.34 -31.13 -28.12
CA GLY D 217 10.01 -30.11 -27.13
C GLY D 217 10.41 -30.45 -25.70
N LYS D 218 10.27 -31.75 -25.33
CA LYS D 218 10.63 -32.27 -24.00
C LYS D 218 12.13 -32.15 -23.75
N ARG D 219 12.95 -32.25 -24.81
CA ARG D 219 14.41 -32.12 -24.72
C ARG D 219 14.77 -30.67 -24.32
N LEU D 220 14.07 -29.67 -24.89
CA LEU D 220 14.31 -28.27 -24.56
C LEU D 220 13.89 -28.04 -23.10
N GLU D 221 12.70 -28.58 -22.70
CA GLU D 221 12.17 -28.50 -21.32
C GLU D 221 13.15 -29.06 -20.31
N ARG D 222 13.76 -30.21 -20.62
CA ARG D 222 14.76 -30.88 -19.78
C ARG D 222 16.03 -30.00 -19.64
N LEU D 223 16.46 -29.35 -20.74
CA LEU D 223 17.63 -28.49 -20.73
C LEU D 223 17.38 -27.26 -19.84
N ALA D 224 16.22 -26.59 -20.03
CA ALA D 224 15.74 -25.43 -19.27
C ALA D 224 15.66 -25.74 -17.77
N LYS D 225 15.08 -26.90 -17.39
CA LYS D 225 14.96 -27.37 -15.99
C LYS D 225 16.31 -27.60 -15.34
N GLY D 226 17.29 -28.12 -16.09
CA GLY D 226 18.63 -28.35 -15.60
C GLY D 226 19.38 -27.07 -15.29
N PHE D 227 19.19 -26.02 -16.12
CA PHE D 227 19.79 -24.70 -16.00
C PHE D 227 19.14 -23.86 -14.92
N PHE D 228 17.81 -23.97 -14.75
CA PHE D 228 17.02 -23.21 -13.77
C PHE D 228 16.29 -24.18 -12.82
N PRO D 229 17.03 -24.87 -11.90
CA PRO D 229 16.38 -25.83 -11.00
C PRO D 229 15.43 -25.21 -9.97
N GLY D 230 15.74 -23.99 -9.55
CA GLY D 230 14.96 -23.22 -8.60
C GLY D 230 13.61 -22.85 -9.17
N SER D 231 13.62 -22.42 -10.46
CA SER D 231 12.43 -22.07 -11.26
C SER D 231 11.56 -23.31 -11.48
N ALA D 232 12.20 -24.46 -11.78
CA ALA D 232 11.56 -25.76 -12.01
C ALA D 232 10.90 -26.28 -10.74
N GLN D 233 11.50 -25.98 -9.56
CA GLN D 233 10.97 -26.35 -8.25
C GLN D 233 9.74 -25.50 -7.87
N SER D 234 9.72 -24.23 -8.29
CA SER D 234 8.67 -23.24 -7.99
C SER D 234 7.42 -23.30 -8.90
N CYS D 235 7.60 -23.79 -10.13
CA CYS D 235 6.51 -23.86 -11.10
C CYS D 235 6.62 -25.08 -11.99
N GLU D 236 5.46 -25.71 -12.30
CA GLU D 236 5.38 -26.89 -13.17
C GLU D 236 5.66 -26.57 -14.64
N ALA D 237 5.42 -25.31 -15.05
CA ALA D 237 5.64 -24.84 -16.42
C ALA D 237 6.22 -23.40 -16.44
N PHE D 238 7.43 -23.21 -15.90
CA PHE D 238 8.08 -21.90 -15.79
C PHE D 238 8.41 -21.26 -17.16
N LEU D 239 8.46 -22.06 -18.27
CA LEU D 239 8.71 -21.47 -19.59
C LEU D 239 7.52 -20.60 -20.04
N ARG D 240 6.32 -20.83 -19.46
CA ARG D 240 5.10 -20.07 -19.74
C ARG D 240 5.18 -18.62 -19.16
N HIS D 241 6.19 -18.33 -18.33
CA HIS D 241 6.42 -16.99 -17.79
C HIS D 241 6.99 -16.08 -18.88
N LYS D 242 7.50 -16.68 -19.99
CA LYS D 242 8.07 -16.00 -21.16
C LYS D 242 9.26 -15.10 -20.75
N MET D 243 10.15 -15.66 -19.95
CA MET D 243 11.34 -14.97 -19.45
C MET D 243 12.65 -15.66 -19.82
N THR D 244 12.60 -16.88 -20.38
CA THR D 244 13.83 -17.65 -20.64
C THR D 244 14.33 -17.52 -22.07
N LEU D 245 15.54 -16.99 -22.20
CA LEU D 245 16.21 -16.85 -23.49
C LEU D 245 17.37 -17.85 -23.56
N ILE D 246 17.40 -18.66 -24.64
CA ILE D 246 18.45 -19.67 -24.87
C ILE D 246 18.89 -19.48 -26.33
N SER D 247 20.19 -19.17 -26.53
CA SER D 247 20.72 -18.91 -27.88
C SER D 247 20.79 -20.15 -28.77
N PRO D 248 20.74 -19.98 -30.11
CA PRO D 248 20.91 -21.14 -31.03
C PRO D 248 22.24 -21.88 -30.84
N LEU D 249 23.32 -21.19 -30.44
CA LEU D 249 24.63 -21.78 -30.18
C LEU D 249 24.57 -22.69 -28.94
N MET D 250 23.77 -22.32 -27.93
CA MET D 250 23.53 -23.09 -26.69
C MET D 250 22.75 -24.36 -27.01
N LEU D 251 21.74 -24.26 -27.90
CA LEU D 251 20.94 -25.44 -28.32
C LEU D 251 21.79 -26.41 -29.13
N LYS D 252 22.67 -25.88 -30.00
CA LYS D 252 23.58 -26.64 -30.87
C LYS D 252 24.56 -27.43 -30.01
N LYS D 253 25.12 -26.76 -29.00
CA LYS D 253 26.05 -27.31 -28.01
C LYS D 253 25.47 -28.50 -27.23
N TYR D 254 24.15 -28.46 -26.92
CA TYR D 254 23.46 -29.50 -26.17
C TYR D 254 22.67 -30.45 -27.04
N GLY D 255 22.87 -30.37 -28.35
CA GLY D 255 22.21 -31.25 -29.31
C GLY D 255 20.71 -31.14 -29.41
N ILE D 256 20.12 -29.96 -29.14
CA ILE D 256 18.67 -29.79 -29.24
C ILE D 256 18.37 -29.43 -30.70
N PRO D 257 17.56 -30.24 -31.44
CA PRO D 257 17.22 -29.87 -32.83
C PRO D 257 16.35 -28.61 -32.87
N PHE D 258 16.69 -27.70 -33.78
CA PHE D 258 15.95 -26.45 -33.94
C PHE D 258 16.10 -25.97 -35.37
N ASP D 259 15.23 -25.05 -35.77
CA ASP D 259 15.33 -24.41 -37.06
C ASP D 259 15.21 -22.89 -36.87
N LYS D 260 15.61 -22.11 -37.87
CA LYS D 260 15.46 -20.66 -37.81
C LYS D 260 14.93 -20.12 -39.12
N VAL D 261 14.16 -19.03 -39.05
CA VAL D 261 13.52 -18.37 -40.18
C VAL D 261 13.36 -16.87 -39.93
N THR D 262 13.47 -16.06 -40.98
CA THR D 262 13.22 -14.62 -40.89
C THR D 262 11.87 -14.32 -41.56
N GLN D 263 10.99 -13.66 -40.84
CA GLN D 263 9.70 -13.25 -41.35
C GLN D 263 9.81 -11.79 -41.84
N GLU D 264 9.40 -11.53 -43.09
CA GLU D 264 9.44 -10.17 -43.63
C GLU D 264 8.02 -9.61 -43.69
N ALA D 265 7.91 -8.27 -43.74
CA ALA D 265 6.64 -7.57 -43.84
C ALA D 265 5.79 -8.17 -44.97
N GLY D 266 4.53 -8.43 -44.64
CA GLY D 266 3.55 -9.00 -45.55
C GLY D 266 3.44 -10.51 -45.47
N GLU D 267 4.15 -11.16 -44.52
CA GLU D 267 4.15 -12.62 -44.40
C GLU D 267 3.53 -13.11 -43.09
N PHE D 268 2.87 -14.29 -43.14
CA PHE D 268 2.32 -14.97 -41.97
C PHE D 268 3.27 -16.05 -41.47
N MET D 269 3.28 -16.26 -40.13
CA MET D 269 3.97 -17.34 -39.43
C MET D 269 2.90 -18.07 -38.65
N ILE D 270 2.89 -19.40 -38.75
CA ILE D 270 1.94 -20.26 -38.07
C ILE D 270 2.72 -21.08 -37.07
N THR D 271 2.31 -21.07 -35.78
CA THR D 271 2.90 -21.96 -34.79
C THR D 271 1.87 -23.07 -34.54
N PHE D 272 2.39 -24.28 -34.33
CA PHE D 272 1.60 -25.48 -34.15
C PHE D 272 1.54 -25.90 -32.68
N PRO D 273 0.52 -26.69 -32.25
CA PRO D 273 0.47 -27.13 -30.84
C PRO D 273 1.77 -27.76 -30.36
N TYR D 274 2.23 -27.29 -29.19
CA TYR D 274 3.47 -27.73 -28.53
C TYR D 274 4.76 -27.41 -29.33
N GLY D 275 4.68 -26.40 -30.19
CA GLY D 275 5.82 -25.90 -30.94
C GLY D 275 6.46 -24.74 -30.21
N TYR D 276 7.61 -24.99 -29.56
CA TYR D 276 8.37 -23.94 -28.85
C TYR D 276 9.01 -22.99 -29.84
N HIS D 277 8.93 -21.67 -29.56
CA HIS D 277 9.51 -20.66 -30.44
C HIS D 277 9.97 -19.46 -29.64
N ALA D 278 10.96 -18.75 -30.18
CA ALA D 278 11.59 -17.55 -29.62
C ALA D 278 12.00 -16.71 -30.80
N GLY D 279 12.38 -15.46 -30.55
CA GLY D 279 12.85 -14.60 -31.62
C GLY D 279 13.05 -13.15 -31.24
N PHE D 280 13.42 -12.35 -32.23
CA PHE D 280 13.69 -10.93 -32.05
C PHE D 280 13.34 -10.08 -33.26
N ASN D 281 13.13 -8.79 -33.03
CA ASN D 281 12.81 -7.82 -34.07
C ASN D 281 14.04 -7.11 -34.55
N HIS D 282 14.15 -6.93 -35.89
CA HIS D 282 15.30 -6.26 -36.53
C HIS D 282 15.26 -4.75 -36.36
N GLY D 283 14.06 -4.21 -36.17
CA GLY D 283 13.86 -2.78 -36.01
C GLY D 283 12.38 -2.46 -35.90
N PHE D 284 12.02 -1.21 -36.17
CA PHE D 284 10.64 -0.77 -36.11
C PHE D 284 9.71 -1.58 -37.03
N ASN D 285 8.71 -2.24 -36.44
CA ASN D 285 7.71 -3.06 -37.13
C ASN D 285 6.40 -3.15 -36.33
N CYS D 286 5.41 -3.86 -36.90
CA CYS D 286 4.15 -4.16 -36.25
C CYS D 286 3.64 -5.49 -36.75
N ALA D 287 3.39 -6.38 -35.80
CA ALA D 287 2.85 -7.73 -36.01
C ALA D 287 1.53 -7.85 -35.30
N GLU D 288 0.60 -8.58 -35.91
CA GLU D 288 -0.71 -8.85 -35.32
C GLU D 288 -0.76 -10.35 -35.05
N SER D 289 -1.32 -10.73 -33.91
CA SER D 289 -1.34 -12.13 -33.52
C SER D 289 -2.57 -12.56 -32.73
N THR D 290 -2.94 -13.86 -32.83
CA THR D 290 -3.99 -14.56 -32.07
C THR D 290 -3.73 -16.05 -32.04
N ASN D 291 -4.48 -16.77 -31.21
CA ASN D 291 -4.42 -18.22 -31.14
C ASN D 291 -5.62 -18.79 -31.89
N PHE D 292 -5.50 -20.04 -32.32
CA PHE D 292 -6.61 -20.73 -32.99
C PHE D 292 -6.47 -22.23 -32.70
N ALA D 293 -7.45 -23.02 -33.15
CA ALA D 293 -7.47 -24.45 -32.91
C ALA D 293 -7.95 -25.24 -34.12
N THR D 294 -7.57 -26.52 -34.18
CA THR D 294 -8.09 -27.51 -35.13
C THR D 294 -8.57 -28.67 -34.24
N ARG D 295 -9.18 -29.71 -34.81
CA ARG D 295 -9.60 -30.88 -34.05
C ARG D 295 -8.41 -31.57 -33.33
N ARG D 296 -7.25 -31.52 -33.95
CA ARG D 296 -6.00 -32.09 -33.44
C ARG D 296 -5.59 -31.45 -32.11
N TRP D 297 -5.86 -30.17 -31.95
CA TRP D 297 -5.51 -29.46 -30.72
C TRP D 297 -6.19 -29.99 -29.45
N ILE D 298 -7.37 -30.57 -29.53
CA ILE D 298 -8.09 -30.95 -28.34
C ILE D 298 -7.32 -31.86 -27.39
N GLU D 299 -6.60 -32.82 -27.92
CA GLU D 299 -5.76 -33.70 -27.12
C GLU D 299 -4.62 -32.95 -26.42
N TYR D 300 -3.97 -31.97 -27.13
CA TYR D 300 -2.92 -31.11 -26.59
C TYR D 300 -3.47 -30.27 -25.45
N GLY D 301 -4.68 -29.69 -25.65
CA GLY D 301 -5.39 -28.85 -24.68
C GLY D 301 -5.70 -29.66 -23.42
N LYS D 302 -6.12 -30.92 -23.61
CA LYS D 302 -6.39 -31.88 -22.52
C LYS D 302 -5.12 -32.27 -21.72
N GLN D 303 -3.94 -32.33 -22.37
CA GLN D 303 -2.65 -32.76 -21.78
C GLN D 303 -1.67 -31.63 -21.42
N ALA D 304 -2.00 -30.35 -21.74
CA ALA D 304 -1.15 -29.19 -21.48
C ALA D 304 -0.82 -29.05 -19.98
N VAL D 305 0.47 -28.85 -19.68
CA VAL D 305 0.96 -28.61 -18.30
C VAL D 305 1.01 -27.08 -18.15
N LEU D 306 0.19 -26.55 -17.26
CA LEU D 306 0.07 -25.11 -17.04
C LEU D 306 0.93 -24.57 -15.90
N CYS D 307 1.13 -23.23 -15.91
CA CYS D 307 1.85 -22.51 -14.86
C CYS D 307 1.08 -22.76 -13.55
N SER D 308 1.80 -23.28 -12.55
CA SER D 308 1.28 -23.63 -11.25
C SER D 308 1.53 -22.56 -10.16
N CYS D 309 2.26 -21.47 -10.49
CA CYS D 309 2.61 -20.44 -9.50
C CYS D 309 1.85 -19.11 -9.62
N ARG D 310 1.16 -18.84 -10.74
CA ARG D 310 0.44 -17.57 -10.93
C ARG D 310 -1.08 -17.78 -11.04
N LYS D 311 -1.86 -16.85 -10.46
CA LYS D 311 -3.33 -16.89 -10.46
C LYS D 311 -3.91 -16.38 -11.78
N ASP D 312 -3.27 -15.34 -12.38
CA ASP D 312 -3.67 -14.64 -13.60
C ASP D 312 -3.44 -15.42 -14.92
N MET D 313 -2.86 -16.64 -14.86
CA MET D 313 -2.57 -17.47 -16.05
C MET D 313 -3.84 -17.94 -16.80
N VAL D 314 -3.69 -18.19 -18.12
CA VAL D 314 -4.77 -18.63 -19.02
C VAL D 314 -5.05 -20.13 -18.86
N LYS D 315 -6.31 -20.44 -18.54
CA LYS D 315 -6.81 -21.82 -18.40
C LYS D 315 -8.16 -21.90 -19.07
N ILE D 316 -8.27 -22.77 -20.08
CA ILE D 316 -9.51 -23.02 -20.81
C ILE D 316 -10.03 -24.36 -20.31
N SER D 317 -11.32 -24.45 -19.95
CA SER D 317 -11.96 -25.71 -19.58
C SER D 317 -12.09 -26.56 -20.87
N MET D 318 -11.58 -27.77 -20.83
CA MET D 318 -11.63 -28.68 -21.99
C MET D 318 -12.99 -29.37 -22.13
N ASP D 319 -13.81 -29.40 -21.05
CA ASP D 319 -15.13 -30.05 -20.94
C ASP D 319 -16.00 -29.90 -22.20
N VAL D 320 -16.16 -28.65 -22.70
CA VAL D 320 -16.95 -28.31 -23.89
C VAL D 320 -16.42 -29.03 -25.15
N PHE D 321 -15.09 -29.06 -25.35
CA PHE D 321 -14.42 -29.70 -26.49
C PHE D 321 -14.57 -31.21 -26.45
N VAL D 322 -14.46 -31.80 -25.24
CA VAL D 322 -14.60 -33.23 -24.97
C VAL D 322 -16.05 -33.68 -25.18
N ARG D 323 -17.07 -32.90 -24.74
CA ARG D 323 -18.48 -33.23 -24.95
C ARG D 323 -18.85 -33.18 -26.46
N LYS D 324 -18.34 -32.16 -27.19
CA LYS D 324 -18.64 -31.95 -28.61
C LYS D 324 -17.91 -32.90 -29.59
N PHE D 325 -16.60 -33.11 -29.43
CA PHE D 325 -15.79 -33.87 -30.37
C PHE D 325 -15.41 -35.25 -29.91
N GLN D 326 -15.58 -35.55 -28.61
CA GLN D 326 -15.20 -36.83 -28.04
C GLN D 326 -16.26 -37.32 -27.05
N PRO D 327 -17.60 -37.26 -27.35
CA PRO D 327 -18.59 -37.66 -26.33
C PRO D 327 -18.42 -39.08 -25.79
N GLU D 328 -17.94 -40.01 -26.64
CA GLU D 328 -17.66 -41.41 -26.28
C GLU D 328 -16.46 -41.55 -25.31
N ARG D 329 -15.66 -40.46 -25.15
CA ARG D 329 -14.47 -40.45 -24.27
C ARG D 329 -14.71 -39.61 -22.99
N TYR D 330 -15.87 -38.90 -22.91
CA TYR D 330 -16.19 -37.99 -21.82
C TYR D 330 -16.10 -38.59 -20.41
N LYS D 331 -16.75 -39.74 -20.15
CA LYS D 331 -16.73 -40.41 -18.84
C LYS D 331 -15.30 -40.87 -18.48
N LEU D 332 -14.59 -41.54 -19.42
CA LEU D 332 -13.20 -42.01 -19.28
C LEU D 332 -12.26 -40.85 -18.95
N TRP D 333 -12.45 -39.68 -19.60
CA TRP D 333 -11.66 -38.48 -19.40
C TRP D 333 -11.92 -37.80 -18.05
N LYS D 334 -13.20 -37.68 -17.65
CA LYS D 334 -13.62 -37.09 -16.37
C LYS D 334 -13.06 -37.89 -15.18
N ALA D 335 -12.96 -39.23 -15.36
CA ALA D 335 -12.45 -40.20 -14.39
C ALA D 335 -10.91 -40.23 -14.32
N GLY D 336 -10.26 -39.54 -15.25
CA GLY D 336 -8.81 -39.46 -15.35
C GLY D 336 -8.18 -40.70 -15.95
N LYS D 337 -8.99 -41.51 -16.65
CA LYS D 337 -8.58 -42.76 -17.29
C LYS D 337 -8.27 -42.62 -18.80
N ASP D 338 -8.34 -41.40 -19.38
CA ASP D 338 -8.05 -41.17 -20.80
C ASP D 338 -6.53 -41.10 -21.04
N ASN D 339 -5.93 -42.27 -21.36
CA ASN D 339 -4.49 -42.43 -21.50
C ASN D 339 -3.99 -42.36 -22.96
N THR D 340 -4.60 -41.48 -23.77
CA THR D 340 -4.22 -41.21 -25.16
C THR D 340 -2.76 -40.68 -25.21
N VAL D 341 -1.95 -41.24 -26.10
CA VAL D 341 -0.57 -40.81 -26.29
C VAL D 341 -0.54 -40.00 -27.59
N ILE D 342 -0.05 -38.74 -27.50
CA ILE D 342 0.03 -37.84 -28.65
C ILE D 342 1.19 -38.23 -29.59
N ASP D 343 0.88 -38.43 -30.88
CA ASP D 343 1.86 -38.66 -31.93
C ASP D 343 1.99 -37.28 -32.63
N HIS D 344 3.13 -36.59 -32.43
CA HIS D 344 3.35 -35.24 -32.98
C HIS D 344 3.45 -35.18 -34.52
N THR D 345 3.65 -36.34 -35.16
CA THR D 345 3.80 -36.44 -36.61
C THR D 345 2.44 -36.51 -37.33
N LEU D 346 1.37 -36.91 -36.60
CA LEU D 346 0.04 -37.06 -37.19
C LEU D 346 -0.61 -35.74 -37.61
N PRO D 347 -1.11 -35.62 -38.86
CA PRO D 347 -1.80 -34.36 -39.23
C PRO D 347 -3.22 -34.32 -38.65
N THR D 348 -3.84 -33.11 -38.57
CA THR D 348 -5.21 -32.94 -38.04
C THR D 348 -6.23 -33.83 -38.82
N PRO D 349 -7.35 -34.33 -38.23
CA PRO D 349 -8.27 -35.19 -39.02
C PRO D 349 -8.83 -34.54 -40.31
N GLU D 350 -9.02 -33.19 -40.30
CA GLU D 350 -9.49 -32.35 -41.42
C GLU D 350 -8.59 -32.42 -42.68
N ALA D 351 -7.32 -32.91 -42.52
CA ALA D 351 -6.31 -33.10 -43.57
C ALA D 351 -6.57 -34.33 -44.43
N ALA D 352 -7.50 -35.23 -43.99
CA ALA D 352 -7.87 -36.49 -44.67
C ALA D 352 -8.07 -36.37 -46.17
N GLU D 353 -8.80 -35.33 -46.63
CA GLU D 353 -9.09 -35.06 -48.05
C GLU D 353 -7.84 -34.89 -48.95
N PHE D 354 -6.72 -34.48 -48.35
CA PHE D 354 -5.44 -34.27 -49.05
C PHE D 354 -4.49 -35.48 -48.89
N LEU D 355 -4.93 -36.53 -48.15
CA LEU D 355 -4.14 -37.74 -47.90
C LEU D 355 -4.95 -38.97 -48.30
#